data_1GGU
#
_entry.id   1GGU
#
_cell.length_a   100.172
_cell.length_b   70.764
_cell.length_c   133.822
_cell.angle_alpha   90.00
_cell.angle_beta   106.11
_cell.angle_gamma   90.00
#
_symmetry.space_group_name_H-M   'P 1 21 1'
#
loop_
_entity.id
_entity.type
_entity.pdbx_description
1 polymer 'PROTEIN (COAGULATION FACTOR XIII)'
2 non-polymer 'CALCIUM ION'
3 water water
#
_entity_poly.entity_id   1
_entity_poly.type   'polypeptide(L)'
_entity_poly.pdbx_seq_one_letter_code
;SETSRTAFGGRRAVPPNNSNAAEDDLPTVELQGVVPRGVNLQEFLNVTSVHLFKERWDTNKVDHHTDKYENNKLIVRRGQ
SFYVQIDFSRPYDPRRDLFRVEYVIGRYPQENKGTYIPVPIVSELQSGKWGAKIVMREDRSVRLSIQSSPKCIVGKFRMY
VAVWTPYGVLRTSRNPETDTYILFNPWCEDDAVYLDNEKEREEYVLNDIGVIFYGEVNDIKTRSWSYGQFEDGILDTCLY
VMDRAQMDLSGRGNPIKVSRVGSAMVNAKDDEGVLVGSWDNIYAYGVPPSAWTGSVDILLEYRSSENPVRYGQCWVFAGV
FNTFLRCLGIPARIVTNYFSAHDNDANLQMDIFLEEDGNVNSKLTKDSVWNYHCWNEAWMTRPDLPVGFGGWQAVDSTPQ
ENSDGMYRCGPASVQAIKHGHVCFQFDAPFVFAEVNSDLIYITAKKDGTHVVENVDATHIGKLIVTKQIGGDGMMDITDT
YKFQEGQEEERLALETALMYGAKKPLNTEGVMKSRSNVDMDFEVENAVLGKDFKLSITFRNNSHNRYTITAYLSANITFY
TGVPKAEFKKETFDVTLEPLSFKKEAVLIQAGEYMGQLLEQASLHFFVTARINETRDVLAKQKSTVLTIPEIIIKVRGTQ
VVGSDMTVTVEFTNPLKETLRNVWVHLDGPGVTRPMKKMFREIRPNSTVQWEEVCRPWVSGHRKLIASMSSDSLRHVYGE
LDVQIQRRPSM
;
_entity_poly.pdbx_strand_id   A,B
#
loop_
_chem_comp.id
_chem_comp.type
_chem_comp.name
_chem_comp.formula
CA non-polymer 'CALCIUM ION' 'Ca 2'
#
# COMPACT_ATOMS: atom_id res chain seq x y z
N PHE A 8 15.42 22.47 13.78
CA PHE A 8 16.39 22.07 12.70
C PHE A 8 15.71 21.16 11.69
N GLY A 9 16.07 21.19 10.40
CA GLY A 9 15.42 20.28 9.44
C GLY A 9 16.29 19.03 9.23
N GLY A 10 16.30 18.12 10.21
CA GLY A 10 17.15 16.95 10.15
C GLY A 10 16.81 15.65 9.45
N ARG A 11 15.61 15.52 8.89
CA ARG A 11 15.12 14.33 8.19
C ARG A 11 15.60 14.32 6.72
N ARG A 12 15.56 15.48 6.08
CA ARG A 12 16.02 15.61 4.69
C ARG A 12 16.45 17.04 4.57
N ALA A 13 17.44 17.31 3.75
CA ALA A 13 17.95 18.67 3.56
C ALA A 13 16.99 19.51 2.77
N VAL A 14 16.36 18.87 1.80
CA VAL A 14 15.41 19.56 0.94
C VAL A 14 14.09 18.79 1.16
N PRO A 15 13.01 19.52 1.52
CA PRO A 15 11.67 18.97 1.78
C PRO A 15 11.08 18.27 0.55
N PRO A 16 10.04 17.48 0.76
CA PRO A 16 9.45 16.79 -0.39
C PRO A 16 8.95 17.73 -1.52
N ASN A 17 9.17 17.39 -2.79
CA ASN A 17 8.67 18.23 -3.89
C ASN A 17 7.50 17.42 -4.40
N ASN A 18 6.33 17.62 -3.79
CA ASN A 18 5.17 16.81 -4.10
C ASN A 18 3.95 17.60 -4.43
N SER A 19 4.16 18.76 -4.99
CA SER A 19 3.05 19.58 -5.37
C SER A 19 3.42 20.34 -6.61
N ASN A 20 2.70 20.05 -7.69
CA ASN A 20 2.90 20.74 -8.96
C ASN A 20 2.38 22.19 -8.81
N ALA A 21 1.45 22.42 -7.87
CA ALA A 21 0.88 23.77 -7.68
C ALA A 21 1.80 24.75 -6.96
N ALA A 22 2.60 24.24 -6.04
CA ALA A 22 3.53 25.08 -5.30
C ALA A 22 4.65 25.58 -6.22
N GLU A 23 5.23 26.70 -5.87
CA GLU A 23 6.31 27.21 -6.69
C GLU A 23 7.29 28.07 -5.90
N ASP A 24 8.52 28.09 -6.39
CA ASP A 24 9.59 28.87 -5.78
C ASP A 24 9.77 30.16 -6.53
N ASP A 25 10.81 30.89 -6.20
CA ASP A 25 11.05 32.10 -6.92
C ASP A 25 12.46 31.99 -7.50
N LEU A 26 12.55 31.66 -8.79
CA LEU A 26 13.87 31.55 -9.39
C LEU A 26 14.42 32.94 -9.57
N PRO A 27 15.63 33.19 -9.08
CA PRO A 27 16.15 34.55 -9.27
C PRO A 27 16.39 34.89 -10.75
N THR A 28 16.27 36.17 -11.06
CA THR A 28 16.46 36.69 -12.42
C THR A 28 17.93 37.06 -12.59
N VAL A 29 18.70 36.88 -11.52
CA VAL A 29 20.12 37.20 -11.51
C VAL A 29 20.91 36.26 -10.55
N GLU A 30 21.73 35.36 -11.11
CA GLU A 30 22.56 34.41 -10.33
C GLU A 30 24.05 34.84 -10.25
N GLU A 43 24.16 44.29 -22.55
CA GLU A 43 24.84 43.83 -23.80
C GLU A 43 24.98 42.32 -23.92
N PHE A 44 24.47 41.59 -22.93
CA PHE A 44 24.61 40.14 -22.93
C PHE A 44 23.60 39.26 -23.63
N LEU A 45 22.47 39.87 -23.99
CA LEU A 45 21.35 39.23 -24.67
C LEU A 45 20.31 39.15 -23.60
N ASN A 46 19.20 39.80 -23.82
CA ASN A 46 18.17 39.74 -22.84
C ASN A 46 16.92 39.56 -23.68
N VAL A 47 15.96 38.75 -23.22
CA VAL A 47 14.77 38.47 -24.00
C VAL A 47 13.70 39.52 -23.93
N THR A 48 13.07 39.74 -25.07
CA THR A 48 12.06 40.76 -25.18
C THR A 48 10.65 40.19 -25.34
N SER A 49 10.57 38.96 -25.82
CA SER A 49 9.28 38.33 -26.00
C SER A 49 9.51 36.88 -26.32
N VAL A 50 8.51 36.06 -26.00
CA VAL A 50 8.56 34.60 -26.25
C VAL A 50 7.28 34.16 -27.01
N HIS A 51 7.44 33.28 -28.00
CA HIS A 51 6.30 32.88 -28.75
C HIS A 51 6.18 31.40 -28.80
N LEU A 52 5.10 30.94 -28.21
CA LEU A 52 4.75 29.54 -28.21
C LEU A 52 3.65 29.54 -29.27
N PHE A 53 3.76 28.68 -30.25
CA PHE A 53 2.75 28.64 -31.29
C PHE A 53 1.69 27.74 -30.71
N LYS A 54 0.96 28.27 -29.73
CA LYS A 54 -0.03 27.54 -28.91
C LYS A 54 -1.51 27.58 -29.23
N GLU A 55 -1.83 28.17 -30.37
CA GLU A 55 -3.22 28.25 -30.75
C GLU A 55 -3.61 26.84 -31.06
N ARG A 56 -4.86 26.51 -30.82
CA ARG A 56 -5.37 25.16 -31.02
C ARG A 56 -5.48 24.66 -32.46
N TRP A 57 -5.23 25.55 -33.42
CA TRP A 57 -5.25 25.22 -34.88
C TRP A 57 -3.80 25.01 -35.40
N ASP A 58 -2.86 25.51 -34.61
CA ASP A 58 -1.44 25.51 -34.91
C ASP A 58 -0.77 24.17 -34.85
N THR A 59 0.39 24.15 -35.46
CA THR A 59 1.25 23.00 -35.53
C THR A 59 1.40 22.31 -34.19
N ASN A 60 1.78 23.06 -33.16
CA ASN A 60 2.00 22.43 -31.85
C ASN A 60 0.86 21.55 -31.28
N LYS A 61 -0.25 22.15 -30.83
CA LYS A 61 -1.41 21.39 -30.27
C LYS A 61 -2.02 20.35 -31.26
N VAL A 62 -2.15 20.70 -32.53
CA VAL A 62 -2.66 19.76 -33.51
C VAL A 62 -1.74 18.53 -33.61
N ASP A 63 -0.44 18.73 -33.80
CA ASP A 63 0.53 17.61 -33.95
C ASP A 63 0.81 16.87 -32.63
N HIS A 64 0.57 17.54 -31.50
CA HIS A 64 0.78 16.90 -30.19
C HIS A 64 -0.58 16.35 -29.72
N HIS A 65 -1.62 16.59 -30.53
CA HIS A 65 -2.99 16.13 -30.30
C HIS A 65 -3.55 16.68 -28.99
N THR A 66 -3.32 17.96 -28.76
CA THR A 66 -3.76 18.62 -27.55
C THR A 66 -4.65 19.77 -27.92
N ASP A 67 -5.18 19.72 -29.12
CA ASP A 67 -6.05 20.78 -29.61
C ASP A 67 -7.47 20.78 -29.00
N LYS A 68 -7.89 19.64 -28.45
CA LYS A 68 -9.22 19.56 -27.84
C LYS A 68 -9.34 20.21 -26.49
N TYR A 69 -8.26 20.21 -25.73
CA TYR A 69 -8.35 20.72 -24.38
C TYR A 69 -8.80 22.17 -24.34
N GLU A 70 -9.85 22.45 -23.55
CA GLU A 70 -10.39 23.79 -23.35
C GLU A 70 -9.43 24.47 -22.43
N ASN A 71 -8.27 24.79 -22.96
CA ASN A 71 -7.18 25.38 -22.20
C ASN A 71 -6.39 26.28 -23.12
N ASN A 72 -5.96 27.43 -22.62
CA ASN A 72 -5.25 28.32 -23.51
C ASN A 72 -3.74 28.35 -23.35
N LYS A 73 -3.18 27.29 -22.79
CA LYS A 73 -1.77 27.23 -22.61
C LYS A 73 -1.24 26.17 -23.49
N LEU A 74 0.05 26.24 -23.79
CA LEU A 74 0.65 25.24 -24.63
C LEU A 74 0.50 23.94 -23.88
N ILE A 75 0.19 22.87 -24.58
CA ILE A 75 0.10 21.60 -23.93
C ILE A 75 0.72 20.71 -24.96
N VAL A 76 1.82 20.05 -24.62
CA VAL A 76 2.50 19.15 -25.53
C VAL A 76 2.51 17.77 -24.84
N ARG A 77 3.13 16.80 -25.53
CA ARG A 77 3.27 15.44 -25.07
C ARG A 77 4.75 15.15 -25.07
N ARG A 78 5.23 14.41 -24.07
CA ARG A 78 6.63 14.15 -23.97
C ARG A 78 7.16 13.27 -25.07
N GLY A 79 8.47 13.35 -25.30
CA GLY A 79 9.09 12.55 -26.32
C GLY A 79 8.93 13.11 -27.72
N GLN A 80 8.29 14.26 -27.82
CA GLN A 80 8.05 14.88 -29.11
C GLN A 80 8.43 16.36 -29.17
N SER A 81 8.94 16.78 -30.33
CA SER A 81 9.36 18.17 -30.51
C SER A 81 8.22 19.15 -30.70
N PHE A 82 8.42 20.35 -30.19
CA PHE A 82 7.45 21.42 -30.35
C PHE A 82 8.26 22.67 -30.66
N TYR A 83 7.63 23.66 -31.28
CA TYR A 83 8.32 24.91 -31.69
C TYR A 83 8.07 26.05 -30.77
N VAL A 84 9.09 26.88 -30.60
CA VAL A 84 8.98 28.09 -29.79
C VAL A 84 9.87 29.13 -30.47
N GLN A 85 9.59 30.39 -30.21
CA GLN A 85 10.40 31.44 -30.77
C GLN A 85 10.86 32.42 -29.69
N ILE A 86 12.17 32.64 -29.59
CA ILE A 86 12.69 33.56 -28.60
C ILE A 86 13.10 34.78 -29.39
N ASP A 87 12.73 35.95 -28.86
CA ASP A 87 13.07 37.26 -29.42
C ASP A 87 14.02 37.91 -28.42
N PHE A 88 15.13 38.41 -28.93
CA PHE A 88 16.11 39.01 -28.08
C PHE A 88 16.23 40.52 -28.24
N SER A 89 17.07 41.11 -27.38
CA SER A 89 17.32 42.54 -27.40
C SER A 89 18.03 42.84 -28.74
N ARG A 90 18.99 41.99 -29.11
CA ARG A 90 19.80 42.08 -30.35
C ARG A 90 19.92 40.65 -30.92
N PRO A 91 20.41 40.50 -32.16
CA PRO A 91 20.51 39.11 -32.61
C PRO A 91 21.52 38.21 -31.88
N TYR A 92 21.15 36.93 -31.86
CA TYR A 92 21.89 35.83 -31.29
C TYR A 92 23.10 35.64 -32.21
N ASP A 93 24.24 35.45 -31.60
CA ASP A 93 25.46 35.25 -32.31
C ASP A 93 26.13 34.07 -31.62
N PRO A 94 26.25 32.91 -32.30
CA PRO A 94 26.87 31.69 -31.78
C PRO A 94 28.27 31.92 -31.21
N ARG A 95 28.96 32.96 -31.70
CA ARG A 95 30.31 33.28 -31.23
C ARG A 95 30.36 33.73 -29.78
N ARG A 96 29.50 34.67 -29.36
CA ARG A 96 29.53 35.13 -27.96
C ARG A 96 28.24 35.10 -27.13
N ASP A 97 27.43 34.05 -27.29
CA ASP A 97 26.18 33.95 -26.55
C ASP A 97 25.86 32.56 -26.07
N LEU A 98 25.30 32.47 -24.89
CA LEU A 98 24.94 31.18 -24.34
C LEU A 98 23.62 31.35 -23.60
N PHE A 99 22.62 30.60 -24.03
CA PHE A 99 21.34 30.65 -23.40
C PHE A 99 20.69 29.30 -23.51
N ARG A 100 19.70 29.13 -22.67
CA ARG A 100 18.94 27.94 -22.70
C ARG A 100 17.62 28.19 -22.05
N VAL A 101 16.67 27.36 -22.48
CA VAL A 101 15.31 27.37 -22.00
C VAL A 101 15.34 26.43 -20.83
N GLU A 102 14.51 26.71 -19.83
CA GLU A 102 14.44 25.84 -18.70
C GLU A 102 12.97 25.69 -18.36
N TYR A 103 12.60 24.50 -17.91
CA TYR A 103 11.23 24.24 -17.46
C TYR A 103 11.38 23.74 -16.02
N VAL A 104 10.62 24.29 -15.07
CA VAL A 104 10.74 23.81 -13.70
C VAL A 104 9.36 23.51 -13.13
N ILE A 105 9.35 22.64 -12.14
CA ILE A 105 8.10 22.22 -11.55
C ILE A 105 8.28 22.06 -10.04
N GLY A 106 7.28 22.47 -9.29
CA GLY A 106 7.31 22.34 -7.86
C GLY A 106 8.05 23.44 -7.18
N ARG A 107 8.00 23.39 -5.87
CA ARG A 107 8.61 24.34 -4.95
C ARG A 107 10.10 24.09 -4.75
N TYR A 108 10.55 22.86 -4.95
CA TYR A 108 11.94 22.51 -4.77
C TYR A 108 12.51 21.84 -6.00
N PRO A 109 12.69 22.59 -7.11
CA PRO A 109 13.22 21.95 -8.28
C PRO A 109 14.67 21.56 -8.07
N GLN A 110 15.08 20.46 -8.69
CA GLN A 110 16.42 19.93 -8.61
C GLN A 110 16.66 19.21 -9.93
N GLU A 111 17.74 19.53 -10.64
CA GLU A 111 18.07 18.88 -11.93
C GLU A 111 18.05 17.33 -11.83
N ASN A 112 18.68 16.90 -10.74
CA ASN A 112 18.87 15.55 -10.26
C ASN A 112 17.60 14.69 -10.29
N LYS A 113 16.53 15.32 -9.81
CA LYS A 113 15.19 14.75 -9.64
C LYS A 113 14.25 15.01 -10.84
N GLY A 114 14.80 15.61 -11.89
CA GLY A 114 14.08 15.95 -13.11
C GLY A 114 13.04 17.05 -12.97
N THR A 115 13.10 17.82 -11.90
CA THR A 115 12.13 18.88 -11.68
C THR A 115 12.67 20.21 -12.09
N TYR A 116 13.97 20.28 -12.39
CA TYR A 116 14.55 21.51 -12.90
C TYR A 116 15.19 21.03 -14.22
N ILE A 117 14.69 21.53 -15.35
CA ILE A 117 15.19 21.07 -16.67
C ILE A 117 15.75 22.17 -17.58
N PRO A 118 17.07 22.17 -17.77
CA PRO A 118 17.79 23.12 -18.61
C PRO A 118 17.81 22.37 -19.92
N VAL A 119 17.28 23.01 -20.94
CA VAL A 119 17.22 22.36 -22.24
C VAL A 119 18.44 22.96 -22.96
N PRO A 120 19.44 22.12 -23.25
CA PRO A 120 20.67 22.55 -23.92
C PRO A 120 20.45 22.78 -25.42
N ILE A 121 21.27 23.62 -26.02
CA ILE A 121 21.16 23.91 -27.43
C ILE A 121 21.96 22.81 -28.12
N VAL A 122 21.31 22.08 -29.00
CA VAL A 122 21.96 20.99 -29.64
C VAL A 122 21.94 21.19 -31.13
N SER A 123 22.87 20.53 -31.83
CA SER A 123 22.90 20.65 -33.28
C SER A 123 21.73 19.90 -33.78
N GLU A 124 21.68 18.62 -33.42
CA GLU A 124 20.60 17.74 -33.82
C GLU A 124 19.92 17.32 -32.52
N LEU A 125 18.65 16.95 -32.60
CA LEU A 125 17.92 16.48 -31.44
C LEU A 125 18.23 14.96 -31.36
N GLN A 126 18.63 14.48 -30.16
CA GLN A 126 18.96 13.06 -29.88
C GLN A 126 17.70 12.33 -29.40
N SER A 127 17.47 11.12 -29.90
CA SER A 127 16.28 10.35 -29.50
C SER A 127 16.34 10.18 -27.99
N GLY A 128 15.27 10.58 -27.31
CA GLY A 128 15.21 10.40 -25.86
C GLY A 128 15.84 11.34 -24.86
N LYS A 129 16.21 12.54 -25.26
CA LYS A 129 16.83 13.46 -24.33
C LYS A 129 16.26 14.86 -24.55
N TRP A 130 16.30 15.71 -23.53
CA TRP A 130 15.81 17.06 -23.66
C TRP A 130 16.77 17.86 -24.55
N GLY A 131 16.26 18.63 -25.53
CA GLY A 131 17.16 19.40 -26.37
C GLY A 131 16.42 20.37 -27.22
N ALA A 132 17.00 21.53 -27.45
CA ALA A 132 16.38 22.53 -28.29
C ALA A 132 17.37 22.79 -29.41
N LYS A 133 16.90 22.68 -30.64
CA LYS A 133 17.76 22.91 -31.78
C LYS A 133 17.43 24.21 -32.46
N ILE A 134 18.43 25.00 -32.78
CA ILE A 134 18.19 26.26 -33.45
C ILE A 134 17.86 25.94 -34.89
N VAL A 135 16.60 26.18 -35.20
CA VAL A 135 16.04 25.86 -36.48
C VAL A 135 15.84 27.07 -37.40
N MET A 136 15.76 28.26 -36.82
CA MET A 136 15.59 29.46 -37.60
C MET A 136 16.12 30.62 -36.82
N ARG A 137 16.79 31.54 -37.54
CA ARG A 137 17.39 32.75 -36.98
C ARG A 137 17.03 33.87 -37.98
N GLU A 138 16.29 34.89 -37.53
CA GLU A 138 15.89 35.99 -38.40
C GLU A 138 15.92 37.26 -37.60
N ASP A 139 16.84 38.15 -37.92
CA ASP A 139 16.94 39.41 -37.20
C ASP A 139 17.19 39.06 -35.72
N ARG A 140 16.35 39.54 -34.80
CA ARG A 140 16.52 39.21 -33.38
C ARG A 140 15.73 38.02 -32.84
N SER A 141 15.26 37.16 -33.73
CA SER A 141 14.47 36.01 -33.33
C SER A 141 15.12 34.68 -33.59
N VAL A 142 14.99 33.78 -32.62
CA VAL A 142 15.50 32.45 -32.79
C VAL A 142 14.33 31.49 -32.65
N ARG A 143 14.17 30.61 -33.63
CA ARG A 143 13.12 29.64 -33.57
C ARG A 143 13.77 28.35 -33.20
N LEU A 144 13.18 27.68 -32.22
CA LEU A 144 13.69 26.40 -31.71
C LEU A 144 12.69 25.27 -31.85
N SER A 145 13.25 24.09 -32.01
CA SER A 145 12.51 22.85 -32.04
C SER A 145 13.05 22.13 -30.77
N ILE A 146 12.22 22.16 -29.73
CA ILE A 146 12.49 21.56 -28.43
C ILE A 146 11.91 20.17 -28.33
N GLN A 147 12.78 19.24 -27.98
CA GLN A 147 12.36 17.89 -27.78
C GLN A 147 12.47 17.64 -26.28
N SER A 148 11.42 17.01 -25.73
CA SER A 148 11.37 16.66 -24.32
C SER A 148 11.68 15.17 -24.22
N SER A 149 12.33 14.77 -23.13
CA SER A 149 12.65 13.38 -22.87
C SER A 149 11.35 12.60 -22.82
N PRO A 150 11.35 11.36 -23.34
CA PRO A 150 10.13 10.53 -23.33
C PRO A 150 9.80 9.90 -21.94
N LYS A 151 10.63 10.12 -20.92
CA LYS A 151 10.41 9.63 -19.56
C LYS A 151 10.18 10.87 -18.70
N CYS A 152 9.79 11.98 -19.29
CA CYS A 152 9.61 13.22 -18.58
C CYS A 152 8.42 13.25 -17.60
N ILE A 153 8.56 14.01 -16.51
CA ILE A 153 7.51 14.21 -15.48
C ILE A 153 6.31 14.91 -16.13
N VAL A 154 5.11 14.40 -15.85
CA VAL A 154 3.88 14.95 -16.43
C VAL A 154 3.37 15.98 -15.42
N GLY A 155 3.06 17.17 -15.89
CA GLY A 155 2.60 18.20 -15.01
C GLY A 155 2.59 19.50 -15.74
N LYS A 156 2.37 20.56 -15.01
CA LYS A 156 2.36 21.91 -15.56
C LYS A 156 3.69 22.57 -15.21
N PHE A 157 4.58 22.70 -16.20
CA PHE A 157 5.91 23.31 -16.03
C PHE A 157 5.95 24.82 -16.28
N ARG A 158 6.81 25.50 -15.54
CA ARG A 158 7.01 26.94 -15.64
C ARG A 158 8.19 27.09 -16.62
N MET A 159 8.15 28.07 -17.52
CA MET A 159 9.19 28.21 -18.53
C MET A 159 10.07 29.41 -18.31
N TYR A 160 11.37 29.26 -18.55
CA TYR A 160 12.33 30.35 -18.42
C TYR A 160 13.35 30.29 -19.53
N VAL A 161 14.06 31.40 -19.67
CA VAL A 161 15.15 31.48 -20.60
C VAL A 161 16.21 32.06 -19.74
N ALA A 162 17.34 31.42 -19.71
CA ALA A 162 18.46 31.90 -18.92
C ALA A 162 19.56 32.19 -19.89
N VAL A 163 20.35 33.19 -19.54
CA VAL A 163 21.43 33.65 -20.36
C VAL A 163 22.71 33.65 -19.54
N TRP A 164 23.64 32.79 -19.91
CA TRP A 164 24.89 32.67 -19.19
C TRP A 164 25.86 33.74 -19.57
N THR A 165 26.32 34.46 -18.57
CA THR A 165 27.28 35.53 -18.74
C THR A 165 28.39 35.27 -17.70
N PRO A 166 29.52 36.00 -17.80
CA PRO A 166 30.67 35.86 -16.89
C PRO A 166 30.65 36.42 -15.46
N TYR A 167 29.51 36.43 -14.79
CA TYR A 167 29.41 36.91 -13.40
C TYR A 167 28.35 36.03 -12.74
N GLY A 168 27.34 35.72 -13.57
CA GLY A 168 26.21 34.90 -13.19
C GLY A 168 25.32 34.63 -14.39
N VAL A 169 24.12 34.12 -14.12
CA VAL A 169 23.18 33.80 -15.17
C VAL A 169 22.03 34.80 -15.08
N LEU A 170 21.56 35.28 -16.23
CA LEU A 170 20.42 36.20 -16.37
C LEU A 170 19.22 35.33 -16.86
N ARG A 171 18.06 35.53 -16.25
CA ARG A 171 16.92 34.70 -16.58
C ARG A 171 15.62 35.51 -16.71
N THR A 172 14.68 35.00 -17.49
CA THR A 172 13.38 35.65 -17.65
C THR A 172 12.61 35.62 -16.32
N SER A 173 11.70 36.59 -16.13
CA SER A 173 10.90 36.66 -14.91
C SER A 173 9.68 35.73 -15.01
N ARG A 174 9.08 35.42 -13.87
CA ARG A 174 7.91 34.55 -13.86
C ARG A 174 6.93 35.02 -14.92
N ASN A 175 6.67 34.15 -15.87
CA ASN A 175 5.72 34.49 -16.90
C ASN A 175 4.70 33.37 -17.00
N PRO A 176 3.55 33.56 -16.37
CA PRO A 176 2.46 32.58 -16.37
C PRO A 176 1.91 32.27 -17.74
N GLU A 177 1.98 33.20 -18.67
CA GLU A 177 1.44 32.94 -19.99
C GLU A 177 2.17 31.85 -20.75
N THR A 178 3.40 31.58 -20.37
CA THR A 178 4.22 30.55 -21.01
C THR A 178 4.20 29.19 -20.29
N ASP A 179 3.34 29.00 -19.29
CA ASP A 179 3.29 27.70 -18.57
C ASP A 179 2.92 26.61 -19.54
N THR A 180 3.70 25.53 -19.53
CA THR A 180 3.52 24.42 -20.46
C THR A 180 3.21 23.08 -19.76
N TYR A 181 2.17 22.43 -20.25
CA TYR A 181 1.74 21.15 -19.76
C TYR A 181 2.43 20.15 -20.65
N ILE A 182 3.07 19.16 -20.07
CA ILE A 182 3.72 18.10 -20.84
C ILE A 182 2.98 16.83 -20.39
N LEU A 183 2.24 16.21 -21.29
CA LEU A 183 1.44 15.04 -20.95
C LEU A 183 2.06 13.74 -21.44
N PHE A 184 1.41 12.61 -21.18
CA PHE A 184 1.88 11.31 -21.63
C PHE A 184 1.66 11.30 -23.12
N ASN A 185 2.42 10.48 -23.83
CA ASN A 185 2.34 10.46 -25.27
C ASN A 185 2.20 9.09 -25.89
N PRO A 186 0.96 8.63 -26.04
CA PRO A 186 0.66 7.33 -26.65
C PRO A 186 1.28 7.21 -28.07
N TRP A 187 1.50 8.34 -28.75
CA TRP A 187 2.05 8.42 -30.11
C TRP A 187 3.54 8.34 -30.22
N CYS A 188 4.21 8.67 -29.14
CA CYS A 188 5.63 8.66 -29.10
C CYS A 188 6.00 7.22 -28.90
N GLU A 189 6.73 6.64 -29.82
CA GLU A 189 7.07 5.25 -29.69
C GLU A 189 8.09 4.93 -28.66
N ASP A 190 8.68 5.96 -28.07
CA ASP A 190 9.66 5.72 -27.02
C ASP A 190 9.02 5.98 -25.63
N ASP A 191 7.74 6.31 -25.58
CA ASP A 191 7.07 6.55 -24.30
C ASP A 191 6.56 5.17 -23.79
N ALA A 192 6.41 4.99 -22.48
CA ALA A 192 5.87 3.75 -21.91
C ALA A 192 4.44 3.54 -22.41
N VAL A 193 3.69 4.64 -22.44
CA VAL A 193 2.31 4.73 -22.86
C VAL A 193 2.08 4.49 -24.36
N TYR A 194 3.15 4.20 -25.08
CA TYR A 194 3.06 4.00 -26.53
C TYR A 194 2.03 3.00 -26.99
N LEU A 195 0.98 3.53 -27.61
CA LEU A 195 -0.08 2.69 -28.11
C LEU A 195 0.11 2.55 -29.63
N ASP A 196 0.42 1.35 -30.07
CA ASP A 196 0.69 1.06 -31.47
C ASP A 196 -0.44 1.11 -32.57
N ASN A 197 -1.38 2.02 -32.49
CA ASN A 197 -2.42 2.02 -33.49
C ASN A 197 -3.22 3.29 -33.40
N GLU A 198 -3.38 3.98 -34.52
CA GLU A 198 -4.13 5.24 -34.52
C GLU A 198 -5.62 5.14 -34.10
N LYS A 199 -6.27 4.02 -34.41
CA LYS A 199 -7.68 3.89 -34.03
C LYS A 199 -7.84 3.68 -32.52
N GLU A 200 -7.01 2.84 -31.95
CA GLU A 200 -7.07 2.59 -30.52
C GLU A 200 -6.74 3.86 -29.79
N ARG A 201 -5.81 4.65 -30.32
CA ARG A 201 -5.47 5.93 -29.71
C ARG A 201 -6.65 6.91 -29.69
N GLU A 202 -7.44 6.98 -30.76
CA GLU A 202 -8.58 7.91 -30.71
C GLU A 202 -9.62 7.50 -29.63
N GLU A 203 -9.89 6.20 -29.53
CA GLU A 203 -10.87 5.68 -28.60
C GLU A 203 -10.38 5.85 -27.20
N TYR A 204 -9.27 5.18 -26.90
CA TYR A 204 -8.61 5.13 -25.60
C TYR A 204 -7.98 6.39 -25.01
N VAL A 205 -7.68 7.37 -25.84
CA VAL A 205 -7.08 8.62 -25.34
C VAL A 205 -7.89 9.86 -25.75
N LEU A 206 -8.36 9.91 -26.99
CA LEU A 206 -9.02 11.11 -27.47
C LEU A 206 -10.54 11.20 -27.41
N ASN A 207 -11.19 10.06 -27.21
CA ASN A 207 -12.63 10.00 -27.12
C ASN A 207 -13.06 10.35 -25.69
N ASP A 208 -13.96 11.35 -25.55
CA ASP A 208 -14.42 11.77 -24.23
C ASP A 208 -15.90 11.47 -23.84
N ILE A 209 -16.45 10.44 -24.47
CA ILE A 209 -17.82 9.97 -24.22
C ILE A 209 -17.59 8.47 -24.08
N GLY A 210 -18.14 7.84 -23.04
CA GLY A 210 -17.90 6.43 -22.89
C GLY A 210 -19.19 5.70 -22.69
N VAL A 211 -19.11 4.38 -22.71
CA VAL A 211 -20.26 3.50 -22.47
C VAL A 211 -19.92 2.44 -21.41
N ILE A 212 -20.84 2.33 -20.46
CA ILE A 212 -20.77 1.40 -19.33
C ILE A 212 -21.77 0.23 -19.47
N PHE A 213 -21.31 -1.00 -19.26
CA PHE A 213 -22.18 -2.15 -19.36
C PHE A 213 -22.59 -2.64 -17.96
N TYR A 214 -23.90 -2.72 -17.75
CA TYR A 214 -24.45 -3.15 -16.48
C TYR A 214 -25.44 -4.29 -16.65
N GLY A 215 -26.42 -4.41 -15.74
CA GLY A 215 -27.40 -5.48 -15.84
C GLY A 215 -26.83 -6.87 -15.50
N GLU A 216 -27.02 -7.84 -16.38
CA GLU A 216 -26.49 -9.15 -16.08
C GLU A 216 -26.11 -9.90 -17.34
N VAL A 217 -25.31 -10.92 -17.20
CA VAL A 217 -24.82 -11.62 -18.35
C VAL A 217 -25.82 -12.00 -19.42
N ASN A 218 -27.06 -12.21 -19.04
CA ASN A 218 -28.02 -12.62 -20.06
C ASN A 218 -29.01 -11.53 -20.40
N ASP A 219 -28.70 -10.31 -20.05
CA ASP A 219 -29.55 -9.14 -20.32
C ASP A 219 -28.59 -7.96 -20.05
N ILE A 220 -27.75 -7.68 -21.04
CA ILE A 220 -26.76 -6.64 -20.94
C ILE A 220 -27.30 -5.26 -21.15
N LYS A 221 -27.17 -4.43 -20.14
CA LYS A 221 -27.64 -3.08 -20.26
C LYS A 221 -26.49 -2.15 -20.65
N THR A 222 -26.84 -1.00 -21.20
CA THR A 222 -25.87 -0.03 -21.64
C THR A 222 -26.36 1.36 -21.23
N ARG A 223 -25.41 2.22 -20.89
CA ARG A 223 -25.66 3.57 -20.43
C ARG A 223 -24.44 4.40 -20.89
N SER A 224 -24.58 5.71 -21.03
CA SER A 224 -23.47 6.58 -21.49
C SER A 224 -22.89 7.43 -20.37
N TRP A 225 -21.60 7.70 -20.50
CA TRP A 225 -20.85 8.47 -19.52
C TRP A 225 -19.95 9.55 -20.16
N SER A 226 -20.09 10.73 -19.63
CA SER A 226 -19.25 11.81 -20.07
C SER A 226 -17.96 11.71 -19.31
N TYR A 227 -16.87 11.35 -19.98
CA TYR A 227 -15.54 11.33 -19.34
C TYR A 227 -15.10 12.82 -19.27
N GLY A 228 -15.41 13.60 -20.31
CA GLY A 228 -15.10 15.03 -20.35
C GLY A 228 -13.72 15.54 -20.00
N GLN A 229 -12.70 14.74 -20.37
CA GLN A 229 -11.30 15.07 -20.05
C GLN A 229 -10.77 16.38 -20.66
N PHE A 230 -11.42 16.84 -21.73
CA PHE A 230 -11.01 18.05 -22.38
C PHE A 230 -11.87 19.19 -21.91
N GLU A 231 -12.74 18.94 -20.97
CA GLU A 231 -13.54 20.03 -20.52
C GLU A 231 -12.69 20.93 -19.67
N ASP A 232 -13.04 22.19 -19.71
CA ASP A 232 -12.32 23.21 -18.99
C ASP A 232 -12.21 22.94 -17.50
N GLY A 233 -10.98 22.82 -17.01
CA GLY A 233 -10.74 22.57 -15.58
C GLY A 233 -10.39 21.15 -15.17
N ILE A 234 -10.68 20.19 -16.04
CA ILE A 234 -10.42 18.81 -15.73
C ILE A 234 -8.94 18.51 -15.70
N LEU A 235 -8.14 18.95 -16.65
CA LEU A 235 -6.71 18.64 -16.57
C LEU A 235 -6.11 19.19 -15.30
N ASP A 236 -6.49 20.41 -14.90
CA ASP A 236 -5.97 21.00 -13.70
C ASP A 236 -6.40 20.26 -12.43
N THR A 237 -7.60 19.69 -12.46
CA THR A 237 -8.11 18.92 -11.34
C THR A 237 -7.34 17.62 -11.26
N CYS A 238 -6.90 17.12 -12.42
CA CYS A 238 -6.13 15.89 -12.45
C CYS A 238 -4.76 16.14 -11.81
N LEU A 239 -4.18 17.32 -12.01
CA LEU A 239 -2.91 17.62 -11.37
C LEU A 239 -3.17 17.77 -9.87
N TYR A 240 -4.30 18.39 -9.54
CA TYR A 240 -4.72 18.61 -8.17
C TYR A 240 -4.99 17.31 -7.41
N VAL A 241 -5.54 16.31 -8.09
CA VAL A 241 -5.78 15.05 -7.49
C VAL A 241 -4.42 14.54 -7.00
N MET A 242 -3.36 14.66 -7.81
CA MET A 242 -2.00 14.23 -7.48
C MET A 242 -1.35 15.05 -6.38
N ASP A 243 -1.52 16.36 -6.38
CA ASP A 243 -1.00 17.18 -5.31
C ASP A 243 -1.75 16.77 -4.02
N ARG A 244 -2.99 16.31 -4.15
CA ARG A 244 -3.78 15.85 -3.00
C ARG A 244 -3.20 14.57 -2.40
N ALA A 245 -2.65 13.70 -3.24
CA ALA A 245 -2.04 12.47 -2.77
C ALA A 245 -0.60 12.78 -2.38
N GLN A 246 -0.23 14.06 -2.44
CA GLN A 246 1.12 14.54 -2.17
C GLN A 246 2.06 13.68 -2.96
N MET A 247 1.73 13.47 -4.21
CA MET A 247 2.55 12.62 -5.05
C MET A 247 3.86 13.31 -5.41
N ASP A 248 4.96 12.59 -5.16
CA ASP A 248 6.31 13.04 -5.46
C ASP A 248 6.35 13.39 -6.96
N LEU A 249 6.65 14.64 -7.27
CA LEU A 249 6.69 15.11 -8.62
C LEU A 249 7.58 14.22 -9.42
N SER A 250 8.68 13.78 -8.81
CA SER A 250 9.66 12.92 -9.52
C SER A 250 9.14 11.56 -9.97
N GLY A 251 7.92 11.25 -9.57
CA GLY A 251 7.31 9.99 -9.96
C GLY A 251 6.13 10.21 -10.88
N ARG A 252 5.79 11.44 -11.24
CA ARG A 252 4.60 11.62 -12.04
C ARG A 252 4.79 11.23 -13.48
N GLY A 253 6.02 10.86 -13.85
CA GLY A 253 6.29 10.47 -15.23
C GLY A 253 6.31 8.98 -15.47
N ASN A 254 5.89 8.26 -14.44
CA ASN A 254 5.81 6.82 -14.44
C ASN A 254 4.32 6.49 -14.46
N PRO A 255 3.77 6.05 -15.62
CA PRO A 255 2.33 5.73 -15.71
C PRO A 255 1.87 4.65 -14.71
N ILE A 256 2.78 3.79 -14.31
CA ILE A 256 2.47 2.76 -13.34
C ILE A 256 2.21 3.39 -11.99
N LYS A 257 3.09 4.28 -11.57
CA LYS A 257 2.93 4.89 -10.30
C LYS A 257 1.80 5.88 -10.28
N VAL A 258 1.57 6.51 -11.42
CA VAL A 258 0.47 7.46 -11.59
C VAL A 258 -0.85 6.64 -11.50
N SER A 259 -0.89 5.45 -12.08
CA SER A 259 -2.09 4.60 -11.98
C SER A 259 -2.26 4.15 -10.54
N ARG A 260 -1.16 3.75 -9.95
CA ARG A 260 -1.12 3.25 -8.60
C ARG A 260 -1.56 4.26 -7.55
N VAL A 261 -0.96 5.43 -7.61
CA VAL A 261 -1.28 6.49 -6.68
C VAL A 261 -2.62 7.08 -7.00
N GLY A 262 -2.92 7.20 -8.30
CA GLY A 262 -4.18 7.79 -8.74
C GLY A 262 -5.44 7.03 -8.39
N SER A 263 -5.41 5.70 -8.56
CA SER A 263 -6.58 4.92 -8.26
C SER A 263 -6.80 4.98 -6.77
N ALA A 264 -5.72 5.08 -6.02
CA ALA A 264 -5.78 5.14 -4.57
C ALA A 264 -6.47 6.44 -4.07
N MET A 265 -6.70 7.42 -4.96
CA MET A 265 -7.35 8.69 -4.59
C MET A 265 -8.85 8.71 -4.97
N VAL A 266 -9.27 7.80 -5.85
CA VAL A 266 -10.65 7.77 -6.29
C VAL A 266 -11.60 7.54 -5.14
N ASN A 267 -11.38 6.49 -4.37
CA ASN A 267 -12.24 6.20 -3.24
C ASN A 267 -11.77 7.00 -2.03
N ALA A 268 -12.65 7.82 -1.48
CA ALA A 268 -12.28 8.65 -0.36
C ALA A 268 -12.09 7.90 0.94
N LYS A 269 -10.86 7.71 1.33
CA LYS A 269 -10.60 7.05 2.60
C LYS A 269 -10.77 8.23 3.56
N ASP A 270 -11.94 8.29 4.21
CA ASP A 270 -12.30 9.36 5.17
C ASP A 270 -12.72 10.70 4.50
N ASP A 271 -11.83 11.68 4.62
CA ASP A 271 -12.03 13.00 4.07
C ASP A 271 -10.82 13.35 3.20
N GLU A 272 -10.36 12.34 2.47
CA GLU A 272 -9.26 12.43 1.54
C GLU A 272 -9.70 11.50 0.45
N GLY A 273 -9.68 11.95 -0.80
CA GLY A 273 -10.12 11.06 -1.86
C GLY A 273 -11.26 11.73 -2.56
N VAL A 274 -11.46 11.37 -3.81
CA VAL A 274 -12.48 12.03 -4.60
C VAL A 274 -13.91 11.66 -4.32
N LEU A 275 -14.19 10.36 -4.29
CA LEU A 275 -15.54 9.87 -4.13
C LEU A 275 -15.84 9.03 -2.90
N VAL A 276 -16.89 9.37 -2.17
CA VAL A 276 -17.32 8.59 -1.00
C VAL A 276 -18.15 7.40 -1.54
N GLY A 277 -17.80 6.17 -1.18
CA GLY A 277 -18.50 4.97 -1.65
C GLY A 277 -19.67 4.62 -0.75
N SER A 278 -20.78 4.13 -1.32
CA SER A 278 -21.97 3.76 -0.56
C SER A 278 -22.96 3.03 -1.42
N TRP A 279 -23.37 1.85 -0.99
CA TRP A 279 -24.36 1.03 -1.69
C TRP A 279 -25.57 0.86 -0.76
N ASP A 280 -25.94 1.91 -0.03
CA ASP A 280 -27.03 1.82 0.93
C ASP A 280 -28.43 2.17 0.46
N ASN A 281 -28.66 2.18 -0.85
CA ASN A 281 -29.96 2.50 -1.44
C ASN A 281 -30.66 3.82 -1.09
N ILE A 282 -30.23 4.53 -0.04
CA ILE A 282 -30.88 5.81 0.24
C ILE A 282 -29.99 6.99 -0.17
N TYR A 283 -28.75 7.05 0.32
CA TYR A 283 -27.84 8.12 -0.09
C TYR A 283 -28.23 9.47 0.42
N ALA A 284 -28.69 9.49 1.66
CA ALA A 284 -29.16 10.69 2.35
C ALA A 284 -28.50 12.06 2.16
N TYR A 285 -27.23 12.17 2.58
CA TYR A 285 -26.51 13.44 2.50
C TYR A 285 -25.71 13.60 1.21
N GLY A 286 -26.27 13.20 0.07
CA GLY A 286 -25.54 13.34 -1.17
C GLY A 286 -26.32 12.93 -2.39
N VAL A 287 -25.61 12.66 -3.49
CA VAL A 287 -26.19 12.25 -4.78
C VAL A 287 -26.09 10.74 -4.95
N PRO A 288 -27.17 10.12 -5.39
CA PRO A 288 -27.05 8.69 -5.57
C PRO A 288 -26.06 8.42 -6.70
N PRO A 289 -25.33 7.31 -6.61
CA PRO A 289 -24.37 6.95 -7.64
C PRO A 289 -25.04 6.83 -9.02
N SER A 290 -26.31 6.45 -9.00
CA SER A 290 -27.09 6.28 -10.23
C SER A 290 -27.37 7.57 -10.91
N ALA A 291 -27.25 8.66 -10.15
CA ALA A 291 -27.52 9.99 -10.66
C ALA A 291 -26.44 10.54 -11.60
N TRP A 292 -25.17 10.20 -11.38
CA TRP A 292 -24.06 10.73 -12.19
C TRP A 292 -24.15 10.46 -13.69
N THR A 293 -23.81 11.47 -14.49
CA THR A 293 -23.85 11.33 -15.95
C THR A 293 -22.45 11.32 -16.50
N GLY A 294 -21.53 11.85 -15.69
CA GLY A 294 -20.13 11.89 -16.07
C GLY A 294 -19.20 12.27 -14.92
N SER A 295 -17.88 12.24 -15.19
CA SER A 295 -16.79 12.57 -14.25
C SER A 295 -16.60 14.05 -14.08
N VAL A 296 -17.14 14.82 -14.99
CA VAL A 296 -16.97 16.25 -14.97
C VAL A 296 -17.43 17.02 -13.70
N ASP A 297 -18.70 17.05 -13.41
CA ASP A 297 -19.11 17.77 -12.19
C ASP A 297 -18.46 17.21 -10.93
N ILE A 298 -18.28 15.89 -10.92
CA ILE A 298 -17.67 15.19 -9.79
C ILE A 298 -16.29 15.77 -9.50
N LEU A 299 -15.42 15.73 -10.49
CA LEU A 299 -14.06 16.25 -10.34
C LEU A 299 -14.06 17.71 -9.96
N LEU A 300 -14.88 18.49 -10.64
CA LEU A 300 -14.96 19.90 -10.37
C LEU A 300 -15.51 20.17 -9.00
N GLU A 301 -16.43 19.32 -8.54
CA GLU A 301 -16.99 19.43 -7.18
C GLU A 301 -15.82 19.17 -6.23
N TYR A 302 -15.02 18.14 -6.56
CA TYR A 302 -13.88 17.74 -5.71
C TYR A 302 -12.91 18.88 -5.53
N ARG A 303 -12.49 19.46 -6.65
CA ARG A 303 -11.52 20.57 -6.67
C ARG A 303 -12.14 21.78 -6.01
N SER A 304 -13.36 22.09 -6.43
CA SER A 304 -14.11 23.20 -5.89
C SER A 304 -14.17 23.11 -4.33
N SER A 305 -14.69 21.99 -3.81
CA SER A 305 -14.84 21.76 -2.36
C SER A 305 -13.62 21.32 -1.61
N GLU A 306 -12.71 20.63 -2.28
CA GLU A 306 -11.54 20.15 -1.59
C GLU A 306 -11.98 19.14 -0.54
N ASN A 307 -12.97 18.32 -0.89
CA ASN A 307 -13.49 17.30 0.00
C ASN A 307 -14.17 16.22 -0.85
N PRO A 308 -14.25 14.98 -0.32
CA PRO A 308 -14.88 13.90 -1.06
C PRO A 308 -16.30 14.24 -1.55
N VAL A 309 -16.64 13.71 -2.71
CA VAL A 309 -17.90 13.94 -3.36
C VAL A 309 -18.81 12.73 -3.16
N ARG A 310 -19.94 12.94 -2.48
CA ARG A 310 -20.88 11.86 -2.20
C ARG A 310 -21.91 11.64 -3.32
N TYR A 311 -22.11 10.42 -3.84
CA TYR A 311 -21.47 9.15 -3.48
C TYR A 311 -21.18 8.45 -4.79
N GLY A 312 -20.42 7.38 -4.76
CA GLY A 312 -20.13 6.69 -6.00
C GLY A 312 -20.16 5.20 -5.78
N GLN A 313 -19.97 4.45 -6.85
CA GLN A 313 -19.94 2.99 -6.75
C GLN A 313 -18.97 2.55 -7.82
N CYS A 314 -18.87 1.26 -8.10
CA CYS A 314 -17.87 0.80 -9.04
C CYS A 314 -17.74 1.49 -10.40
N TRP A 315 -18.84 1.65 -11.11
CA TRP A 315 -18.80 2.30 -12.43
C TRP A 315 -18.51 3.81 -12.25
N VAL A 316 -18.93 4.36 -11.11
CA VAL A 316 -18.69 5.76 -10.84
C VAL A 316 -17.18 5.99 -10.61
N PHE A 317 -16.53 5.15 -9.82
CA PHE A 317 -15.10 5.26 -9.60
C PHE A 317 -14.40 5.03 -10.92
N ALA A 318 -14.83 4.01 -11.69
CA ALA A 318 -14.22 3.72 -12.99
C ALA A 318 -14.43 4.83 -14.04
N GLY A 319 -15.55 5.55 -13.94
CA GLY A 319 -15.81 6.64 -14.85
C GLY A 319 -14.82 7.74 -14.56
N VAL A 320 -14.65 8.08 -13.27
CA VAL A 320 -13.72 9.13 -12.84
C VAL A 320 -12.24 8.85 -13.12
N PHE A 321 -11.84 7.61 -12.90
CA PHE A 321 -10.44 7.20 -13.08
C PHE A 321 -10.05 7.15 -14.54
N ASN A 322 -11.01 6.84 -15.40
CA ASN A 322 -10.76 6.77 -16.81
C ASN A 322 -10.53 8.20 -17.29
N THR A 323 -11.27 9.15 -16.72
CA THR A 323 -11.10 10.57 -17.03
C THR A 323 -9.67 10.99 -16.66
N PHE A 324 -9.26 10.61 -15.46
CA PHE A 324 -7.92 10.90 -14.95
C PHE A 324 -6.86 10.42 -15.94
N LEU A 325 -6.86 9.11 -16.22
CA LEU A 325 -5.86 8.50 -17.11
C LEU A 325 -5.80 9.08 -18.52
N ARG A 326 -6.95 9.20 -19.17
CA ARG A 326 -7.01 9.75 -20.52
C ARG A 326 -6.59 11.19 -20.56
N CYS A 327 -7.06 11.94 -19.56
CA CYS A 327 -6.77 13.35 -19.45
C CYS A 327 -5.28 13.56 -19.37
N LEU A 328 -4.54 12.65 -18.73
CA LEU A 328 -3.10 12.78 -18.60
C LEU A 328 -2.40 12.19 -19.79
N GLY A 329 -3.09 11.35 -20.56
CA GLY A 329 -2.47 10.79 -21.74
C GLY A 329 -2.14 9.32 -21.69
N ILE A 330 -2.64 8.60 -20.70
CA ILE A 330 -2.36 7.17 -20.60
C ILE A 330 -3.60 6.57 -21.18
N PRO A 331 -3.47 5.73 -22.21
CA PRO A 331 -4.70 5.16 -22.77
C PRO A 331 -5.41 4.25 -21.74
N ALA A 332 -6.73 4.43 -21.58
CA ALA A 332 -7.53 3.68 -20.62
C ALA A 332 -8.93 3.33 -21.08
N ARG A 333 -9.48 2.27 -20.54
CA ARG A 333 -10.84 1.88 -20.88
C ARG A 333 -11.48 1.22 -19.66
N ILE A 334 -12.80 1.23 -19.62
CA ILE A 334 -13.51 0.63 -18.53
C ILE A 334 -13.94 -0.71 -18.99
N VAL A 335 -13.83 -1.65 -18.07
CA VAL A 335 -14.11 -3.05 -18.25
C VAL A 335 -15.23 -3.48 -17.30
N THR A 336 -16.09 -4.39 -17.73
CA THR A 336 -17.17 -4.86 -16.90
C THR A 336 -17.11 -6.37 -16.90
N ASN A 337 -16.90 -6.94 -15.74
CA ASN A 337 -16.84 -8.37 -15.64
C ASN A 337 -18.23 -8.86 -15.13
N TYR A 338 -18.68 -9.97 -15.70
CA TYR A 338 -19.95 -10.56 -15.32
C TYR A 338 -19.80 -11.71 -14.35
N PHE A 339 -20.42 -11.56 -13.17
CA PHE A 339 -20.40 -12.47 -12.02
C PHE A 339 -19.05 -12.34 -11.44
N SER A 340 -18.90 -11.24 -10.70
CA SER A 340 -17.62 -10.87 -10.16
C SER A 340 -17.34 -11.21 -8.72
N ALA A 341 -16.29 -11.99 -8.46
CA ALA A 341 -15.92 -12.37 -7.09
C ALA A 341 -15.04 -11.32 -6.43
N HIS A 342 -15.66 -10.25 -5.95
CA HIS A 342 -14.96 -9.16 -5.29
C HIS A 342 -14.79 -9.60 -3.85
N ASP A 343 -13.97 -8.89 -3.08
CA ASP A 343 -13.68 -9.27 -1.69
C ASP A 343 -13.28 -10.76 -1.61
N ASN A 344 -12.65 -11.27 -2.66
CA ASN A 344 -12.28 -12.66 -2.75
C ASN A 344 -11.17 -13.08 -1.88
N ASP A 345 -10.37 -12.12 -1.40
CA ASP A 345 -9.23 -12.38 -0.49
C ASP A 345 -8.20 -13.33 -1.15
N ALA A 346 -8.21 -13.39 -2.47
CA ALA A 346 -7.35 -14.26 -3.28
C ALA A 346 -7.74 -15.74 -3.26
N ASN A 347 -8.90 -16.04 -2.68
CA ASN A 347 -9.40 -17.41 -2.61
C ASN A 347 -10.13 -17.68 -3.89
N LEU A 348 -10.07 -18.91 -4.38
CA LEU A 348 -10.75 -19.21 -5.60
C LEU A 348 -12.04 -20.02 -5.39
N GLN A 349 -12.65 -19.90 -4.23
CA GLN A 349 -13.89 -20.64 -3.94
C GLN A 349 -14.87 -19.76 -3.27
N MET A 350 -16.04 -19.68 -3.86
CA MET A 350 -17.14 -18.94 -3.29
C MET A 350 -18.08 -20.07 -2.83
N ASP A 351 -18.55 -20.02 -1.57
CA ASP A 351 -19.38 -21.10 -1.02
C ASP A 351 -20.84 -20.81 -0.95
N ILE A 352 -21.63 -21.87 -1.21
CA ILE A 352 -23.09 -21.83 -1.08
C ILE A 352 -23.35 -23.03 -0.19
N PHE A 353 -23.98 -22.81 0.95
CA PHE A 353 -24.24 -23.93 1.87
C PHE A 353 -25.62 -24.51 1.69
N LEU A 354 -25.72 -25.82 1.52
CA LEU A 354 -27.00 -26.50 1.35
C LEU A 354 -27.31 -27.30 2.59
N GLU A 355 -28.58 -27.51 2.89
CA GLU A 355 -28.98 -28.30 4.06
C GLU A 355 -29.05 -29.74 3.56
N GLU A 356 -29.25 -30.70 4.45
CA GLU A 356 -29.32 -32.10 4.02
C GLU A 356 -30.56 -32.21 3.14
N ASP A 357 -31.51 -31.33 3.41
CA ASP A 357 -32.79 -31.23 2.70
C ASP A 357 -32.57 -30.86 1.21
N GLY A 358 -31.49 -30.14 0.92
CA GLY A 358 -31.18 -29.71 -0.44
C GLY A 358 -31.43 -28.23 -0.63
N ASN A 359 -31.90 -27.63 0.46
CA ASN A 359 -32.26 -26.21 0.61
C ASN A 359 -31.07 -25.29 0.93
N VAL A 360 -30.96 -24.13 0.27
CA VAL A 360 -29.84 -23.23 0.59
C VAL A 360 -29.91 -22.74 2.03
N ASN A 361 -28.80 -22.81 2.73
CA ASN A 361 -28.75 -22.31 4.08
C ASN A 361 -28.45 -20.83 3.99
N SER A 362 -29.43 -19.98 4.23
CA SER A 362 -29.19 -18.55 4.13
C SER A 362 -28.45 -17.89 5.30
N LYS A 363 -28.21 -18.68 6.36
CA LYS A 363 -27.52 -18.20 7.56
C LYS A 363 -25.99 -18.24 7.39
N LEU A 364 -25.55 -19.23 6.65
CA LEU A 364 -24.18 -19.48 6.40
C LEU A 364 -23.73 -18.90 5.08
N THR A 365 -24.56 -19.05 4.05
CA THR A 365 -24.24 -18.55 2.72
C THR A 365 -24.21 -17.03 2.71
N LYS A 366 -23.03 -16.44 2.95
CA LYS A 366 -22.90 -14.99 3.02
C LYS A 366 -21.94 -14.30 2.04
N ASP A 367 -21.40 -15.05 1.07
CA ASP A 367 -20.47 -14.48 0.09
C ASP A 367 -21.20 -14.45 -1.24
N SER A 368 -21.35 -13.24 -1.76
CA SER A 368 -22.08 -13.04 -2.98
C SER A 368 -21.19 -12.68 -4.12
N VAL A 369 -21.65 -13.02 -5.31
CA VAL A 369 -20.92 -12.71 -6.51
C VAL A 369 -21.66 -11.50 -6.99
N TRP A 370 -20.93 -10.56 -7.57
CA TRP A 370 -21.53 -9.36 -8.12
C TRP A 370 -22.10 -9.71 -9.50
N ASN A 371 -23.33 -9.24 -9.79
CA ASN A 371 -23.95 -9.46 -11.09
C ASN A 371 -22.96 -8.93 -12.14
N TYR A 372 -22.34 -7.79 -11.87
CA TYR A 372 -21.32 -7.18 -12.75
C TYR A 372 -20.38 -6.29 -11.91
N HIS A 373 -19.15 -6.09 -12.38
CA HIS A 373 -18.22 -5.25 -11.64
C HIS A 373 -17.27 -4.64 -12.64
N CYS A 374 -17.22 -3.32 -12.64
CA CYS A 374 -16.35 -2.59 -13.56
C CYS A 374 -15.03 -2.17 -12.90
N TRP A 375 -14.02 -2.03 -13.71
CA TRP A 375 -12.74 -1.55 -13.22
C TRP A 375 -12.12 -0.97 -14.46
N ASN A 376 -10.91 -0.46 -14.35
CA ASN A 376 -10.28 0.17 -15.47
C ASN A 376 -9.16 -0.62 -16.01
N GLU A 377 -8.72 -0.26 -17.21
CA GLU A 377 -7.57 -0.85 -17.86
C GLU A 377 -6.69 0.29 -18.32
N ALA A 378 -5.40 0.22 -18.02
CA ALA A 378 -4.45 1.26 -18.37
C ALA A 378 -3.37 0.63 -19.20
N TRP A 379 -3.05 1.27 -20.31
CA TRP A 379 -2.06 0.78 -21.26
C TRP A 379 -0.65 1.30 -20.97
N MET A 380 0.29 0.40 -20.80
CA MET A 380 1.65 0.82 -20.56
C MET A 380 2.50 -0.42 -20.56
N THR A 381 3.79 -0.21 -20.72
CA THR A 381 4.79 -1.24 -20.70
C THR A 381 5.05 -1.54 -19.21
N ARG A 382 5.69 -2.67 -18.93
CA ARG A 382 6.00 -3.06 -17.59
C ARG A 382 7.46 -3.49 -17.55
N PRO A 383 8.38 -2.51 -17.62
CA PRO A 383 9.82 -2.82 -17.62
C PRO A 383 10.30 -3.44 -16.31
N ASP A 384 9.51 -3.23 -15.26
CA ASP A 384 9.78 -3.74 -13.95
C ASP A 384 9.46 -5.25 -13.92
N LEU A 385 8.90 -5.76 -15.01
CA LEU A 385 8.54 -7.17 -15.08
C LEU A 385 9.19 -7.89 -16.24
N PRO A 386 9.18 -9.24 -16.17
CA PRO A 386 9.74 -10.07 -17.22
C PRO A 386 9.10 -9.57 -18.49
N VAL A 387 9.76 -9.71 -19.62
CA VAL A 387 9.16 -9.21 -20.82
C VAL A 387 7.91 -10.04 -21.18
N GLY A 388 6.95 -9.35 -21.81
CA GLY A 388 5.72 -9.97 -22.23
C GLY A 388 4.48 -9.49 -21.49
N PHE A 389 4.71 -8.70 -20.44
CA PHE A 389 3.67 -8.23 -19.57
C PHE A 389 3.14 -6.81 -19.72
N GLY A 390 3.54 -6.14 -20.80
CA GLY A 390 3.03 -4.82 -21.01
C GLY A 390 1.67 -4.93 -21.68
N GLY A 391 1.15 -3.79 -22.07
CA GLY A 391 -0.12 -3.78 -22.73
C GLY A 391 -1.06 -3.29 -21.65
N TRP A 392 -2.21 -3.94 -21.57
CA TRP A 392 -3.23 -3.58 -20.60
C TRP A 392 -2.94 -4.06 -19.19
N GLN A 393 -3.17 -3.16 -18.23
CA GLN A 393 -2.94 -3.44 -16.83
C GLN A 393 -4.23 -3.22 -16.11
N ALA A 394 -4.72 -4.21 -15.38
CA ALA A 394 -5.96 -4.04 -14.64
C ALA A 394 -5.81 -3.20 -13.37
N VAL A 395 -6.61 -2.17 -13.22
CA VAL A 395 -6.59 -1.29 -12.06
C VAL A 395 -8.06 -1.16 -11.51
N ASP A 396 -8.30 -1.64 -10.29
CA ASP A 396 -9.61 -1.59 -9.65
C ASP A 396 -9.61 -0.63 -8.50
N SER A 397 -10.24 0.50 -8.74
CA SER A 397 -10.41 1.59 -7.76
C SER A 397 -11.36 1.21 -6.58
N THR A 398 -12.16 0.17 -6.78
CA THR A 398 -13.08 -0.31 -5.76
C THR A 398 -12.26 -1.20 -4.89
N PRO A 399 -11.97 -0.75 -3.67
CA PRO A 399 -11.16 -1.53 -2.74
C PRO A 399 -11.75 -2.86 -2.33
N GLN A 400 -10.85 -3.72 -1.84
CA GLN A 400 -11.15 -5.04 -1.30
C GLN A 400 -9.89 -5.38 -0.55
N GLU A 401 -9.90 -6.35 0.37
CA GLU A 401 -8.68 -6.75 1.12
C GLU A 401 -7.61 -7.34 0.23
N ASN A 402 -6.47 -6.65 0.14
CA ASN A 402 -5.29 -7.08 -0.62
C ASN A 402 -4.17 -7.31 0.42
N SER A 403 -2.94 -7.45 -0.01
CA SER A 403 -1.90 -7.73 0.96
C SER A 403 -1.60 -6.60 1.91
N ASP A 404 -2.08 -5.41 1.59
CA ASP A 404 -1.81 -4.23 2.39
C ASP A 404 -2.94 -3.81 3.28
N GLY A 405 -4.16 -4.15 2.90
CA GLY A 405 -5.33 -3.72 3.66
C GLY A 405 -6.52 -3.44 2.76
N MET A 406 -7.46 -2.61 3.19
CA MET A 406 -8.62 -2.30 2.38
C MET A 406 -8.30 -1.18 1.37
N TYR A 407 -7.82 -1.56 0.16
CA TYR A 407 -7.40 -0.64 -0.92
C TYR A 407 -7.71 -1.07 -2.37
N ARG A 408 -7.52 -0.16 -3.31
CA ARG A 408 -7.71 -0.44 -4.73
C ARG A 408 -6.68 -1.49 -5.05
N CYS A 409 -6.85 -2.14 -6.19
CA CYS A 409 -5.90 -3.17 -6.60
C CYS A 409 -5.31 -2.82 -7.92
N GLY A 410 -4.04 -3.09 -8.12
CA GLY A 410 -3.50 -2.79 -9.41
C GLY A 410 -2.51 -1.66 -9.37
N PRO A 411 -1.80 -1.42 -10.50
CA PRO A 411 -1.96 -2.19 -11.76
C PRO A 411 -1.52 -3.66 -11.85
N ALA A 412 -2.37 -4.55 -12.35
CA ALA A 412 -1.94 -5.94 -12.48
C ALA A 412 -1.95 -6.21 -13.97
N SER A 413 -0.87 -6.77 -14.49
CA SER A 413 -0.82 -7.05 -15.92
C SER A 413 -1.87 -8.02 -16.33
N VAL A 414 -2.80 -7.62 -17.16
CA VAL A 414 -3.81 -8.55 -17.58
C VAL A 414 -3.17 -9.80 -18.17
N GLN A 415 -1.98 -9.66 -18.76
CA GLN A 415 -1.31 -10.80 -19.37
C GLN A 415 -0.74 -11.74 -18.33
N ALA A 416 -0.27 -11.18 -17.23
CA ALA A 416 0.27 -12.01 -16.16
C ALA A 416 -0.93 -12.73 -15.54
N ILE A 417 -2.06 -12.04 -15.39
CA ILE A 417 -3.28 -12.64 -14.81
C ILE A 417 -3.78 -13.78 -15.66
N LYS A 418 -3.67 -13.60 -16.97
CA LYS A 418 -4.11 -14.62 -17.90
C LYS A 418 -3.26 -15.86 -17.77
N HIS A 419 -2.00 -15.67 -17.42
CA HIS A 419 -1.06 -16.79 -17.28
C HIS A 419 -0.83 -17.33 -15.90
N GLY A 420 -1.42 -16.70 -14.89
CA GLY A 420 -1.24 -17.13 -13.52
C GLY A 420 0.04 -16.62 -12.88
N HIS A 421 0.74 -15.70 -13.51
CA HIS A 421 2.01 -15.19 -12.94
C HIS A 421 1.61 -14.08 -12.01
N VAL A 422 0.99 -14.46 -10.91
CA VAL A 422 0.45 -13.52 -9.96
C VAL A 422 1.39 -13.00 -8.87
N CYS A 423 2.65 -13.44 -8.88
CA CYS A 423 3.63 -12.94 -7.92
C CYS A 423 4.01 -11.50 -8.26
N PHE A 424 3.96 -11.17 -9.53
CA PHE A 424 4.29 -9.86 -10.06
C PHE A 424 3.27 -8.76 -9.76
N GLN A 425 3.73 -7.69 -9.13
CA GLN A 425 2.89 -6.58 -8.71
C GLN A 425 2.04 -5.97 -9.82
N PHE A 426 0.89 -5.35 -9.52
CA PHE A 426 0.40 -5.22 -8.15
C PHE A 426 -0.95 -5.92 -7.93
N ASP A 427 -1.09 -6.64 -6.81
CA ASP A 427 -2.31 -7.31 -6.36
C ASP A 427 -2.96 -8.29 -7.32
N ALA A 428 -2.16 -8.91 -8.16
CA ALA A 428 -2.65 -9.84 -9.17
C ALA A 428 -3.49 -11.03 -8.71
N PRO A 429 -3.21 -11.59 -7.50
CA PRO A 429 -3.99 -12.73 -6.98
C PRO A 429 -5.46 -12.38 -6.77
N PHE A 430 -5.72 -11.14 -6.44
CA PHE A 430 -7.05 -10.66 -6.19
C PHE A 430 -7.85 -10.44 -7.45
N VAL A 431 -7.19 -9.87 -8.44
CA VAL A 431 -7.82 -9.64 -9.72
C VAL A 431 -8.01 -11.00 -10.41
N PHE A 432 -7.04 -11.91 -10.28
CA PHE A 432 -7.13 -13.26 -10.84
C PHE A 432 -8.34 -13.99 -10.25
N ALA A 433 -8.53 -13.86 -8.94
CA ALA A 433 -9.66 -14.50 -8.28
C ALA A 433 -10.95 -13.82 -8.54
N GLU A 434 -10.89 -12.57 -8.96
CA GLU A 434 -12.09 -11.81 -9.25
C GLU A 434 -12.80 -12.41 -10.46
N VAL A 435 -12.01 -12.96 -11.38
CA VAL A 435 -12.53 -13.56 -12.59
C VAL A 435 -12.41 -15.07 -12.69
N ASN A 436 -11.55 -15.68 -11.87
CA ASN A 436 -11.31 -17.14 -11.90
C ASN A 436 -11.83 -18.05 -10.78
N SER A 437 -12.69 -17.56 -9.88
CA SER A 437 -13.27 -18.38 -8.80
C SER A 437 -14.32 -19.40 -9.24
N ASP A 438 -14.49 -20.43 -8.44
CA ASP A 438 -15.47 -21.47 -8.71
C ASP A 438 -16.53 -21.33 -7.58
N LEU A 439 -17.75 -21.85 -7.80
CA LEU A 439 -18.79 -21.85 -6.75
C LEU A 439 -18.72 -23.24 -6.13
N ILE A 440 -18.75 -23.36 -4.81
CA ILE A 440 -18.67 -24.69 -4.18
C ILE A 440 -19.93 -24.90 -3.43
N TYR A 441 -20.65 -25.96 -3.77
CA TYR A 441 -21.91 -26.25 -3.09
C TYR A 441 -21.60 -27.20 -1.99
N ILE A 442 -21.92 -26.77 -0.78
CA ILE A 442 -21.60 -27.52 0.40
C ILE A 442 -22.74 -27.77 1.32
N THR A 443 -22.93 -29.04 1.66
CA THR A 443 -23.96 -29.44 2.61
C THR A 443 -23.41 -29.29 4.04
N ALA A 444 -24.07 -28.46 4.82
CA ALA A 444 -23.69 -28.29 6.19
C ALA A 444 -24.72 -29.20 6.89
N LYS A 445 -24.26 -30.33 7.43
CA LYS A 445 -25.14 -31.27 8.11
C LYS A 445 -25.65 -30.79 9.47
N LYS A 446 -26.70 -31.45 9.95
CA LYS A 446 -27.31 -31.09 11.22
C LYS A 446 -26.37 -31.37 12.38
N ASP A 447 -25.40 -32.24 12.15
CA ASP A 447 -24.39 -32.59 13.17
C ASP A 447 -23.16 -31.68 13.26
N GLY A 448 -23.11 -30.64 12.42
CA GLY A 448 -21.99 -29.72 12.44
C GLY A 448 -20.91 -29.95 11.38
N THR A 449 -20.95 -31.10 10.71
CA THR A 449 -19.96 -31.38 9.66
C THR A 449 -20.30 -30.74 8.30
N HIS A 450 -19.32 -30.69 7.42
CA HIS A 450 -19.55 -30.09 6.12
C HIS A 450 -19.18 -31.10 5.03
N VAL A 451 -19.99 -31.12 3.98
CA VAL A 451 -19.76 -32.02 2.87
C VAL A 451 -19.93 -31.31 1.53
N VAL A 452 -18.85 -31.29 0.79
CA VAL A 452 -18.80 -30.64 -0.50
C VAL A 452 -19.62 -31.46 -1.50
N GLU A 453 -20.66 -30.87 -2.07
CA GLU A 453 -21.54 -31.55 -3.02
C GLU A 453 -21.17 -31.35 -4.47
N ASN A 454 -20.97 -30.09 -4.85
CA ASN A 454 -20.70 -29.80 -6.24
C ASN A 454 -19.77 -28.58 -6.37
N VAL A 455 -19.04 -28.52 -7.47
CA VAL A 455 -18.18 -27.38 -7.78
C VAL A 455 -18.51 -26.90 -9.21
N ASP A 456 -18.70 -25.59 -9.37
CA ASP A 456 -19.05 -24.97 -10.64
C ASP A 456 -17.90 -24.05 -11.07
N ALA A 457 -17.18 -24.44 -12.11
CA ALA A 457 -16.04 -23.67 -12.60
C ALA A 457 -16.38 -22.83 -13.79
N THR A 458 -17.63 -22.44 -13.93
CA THR A 458 -18.01 -21.65 -15.10
C THR A 458 -18.97 -20.44 -14.91
N HIS A 459 -19.13 -19.94 -13.68
CA HIS A 459 -20.04 -18.83 -13.40
C HIS A 459 -19.37 -17.46 -13.20
N ILE A 460 -18.23 -17.45 -12.49
CA ILE A 460 -17.49 -16.22 -12.25
C ILE A 460 -16.66 -15.86 -13.47
N GLY A 461 -16.77 -14.60 -13.88
CA GLY A 461 -16.04 -14.08 -15.03
C GLY A 461 -16.50 -14.77 -16.28
N LYS A 462 -17.82 -14.93 -16.37
CA LYS A 462 -18.43 -15.60 -17.50
C LYS A 462 -18.26 -14.76 -18.75
N LEU A 463 -18.34 -13.44 -18.59
CA LEU A 463 -18.22 -12.53 -19.71
C LEU A 463 -17.59 -11.29 -19.17
N ILE A 464 -16.51 -10.85 -19.82
CA ILE A 464 -15.79 -9.61 -19.48
C ILE A 464 -15.98 -8.69 -20.71
N VAL A 465 -16.39 -7.46 -20.47
CA VAL A 465 -16.74 -6.59 -21.57
C VAL A 465 -16.28 -5.10 -21.51
N THR A 466 -16.15 -4.44 -22.68
CA THR A 466 -15.76 -3.01 -22.76
C THR A 466 -16.22 -2.42 -24.08
N LYS A 467 -16.37 -1.11 -24.15
CA LYS A 467 -16.79 -0.46 -25.40
C LYS A 467 -15.87 -0.74 -26.58
N GLN A 468 -16.43 -0.98 -27.76
CA GLN A 468 -15.59 -1.25 -28.95
C GLN A 468 -15.03 0.06 -29.50
N ILE A 469 -13.98 -0.05 -30.28
CA ILE A 469 -13.32 1.10 -30.87
C ILE A 469 -14.15 2.00 -31.83
N GLY A 470 -14.74 1.40 -32.85
CA GLY A 470 -15.52 2.19 -33.78
C GLY A 470 -17.02 2.36 -33.50
N GLY A 471 -17.41 2.56 -32.24
CA GLY A 471 -18.83 2.72 -31.91
C GLY A 471 -19.25 2.48 -30.47
N ASP A 472 -20.56 2.49 -30.23
CA ASP A 472 -21.13 2.28 -28.89
C ASP A 472 -21.41 0.82 -28.57
N GLY A 473 -20.91 -0.05 -29.43
CA GLY A 473 -21.15 -1.46 -29.24
C GLY A 473 -20.29 -2.05 -28.13
N MET A 474 -20.51 -3.33 -27.88
CA MET A 474 -19.82 -4.06 -26.83
C MET A 474 -18.83 -5.04 -27.42
N MET A 475 -17.60 -5.01 -26.93
CA MET A 475 -16.55 -5.94 -27.36
C MET A 475 -16.36 -6.89 -26.20
N ASP A 476 -16.20 -8.16 -26.55
CA ASP A 476 -16.02 -9.25 -25.59
C ASP A 476 -14.51 -9.45 -25.42
N ILE A 477 -14.03 -9.27 -24.17
CA ILE A 477 -12.59 -9.43 -23.84
C ILE A 477 -12.30 -10.50 -22.81
N THR A 478 -13.21 -11.48 -22.68
CA THR A 478 -13.05 -12.57 -21.73
C THR A 478 -11.79 -13.35 -21.95
N ASP A 479 -11.44 -13.62 -23.20
CA ASP A 479 -10.25 -14.42 -23.49
C ASP A 479 -8.93 -13.72 -23.22
N THR A 480 -8.99 -12.44 -22.82
CA THR A 480 -7.79 -11.69 -22.53
C THR A 480 -7.36 -11.87 -21.10
N TYR A 481 -8.30 -12.12 -20.22
CA TYR A 481 -7.96 -12.35 -18.81
C TYR A 481 -7.77 -13.80 -18.53
N LYS A 482 -8.24 -14.66 -19.40
CA LYS A 482 -8.13 -16.06 -19.12
C LYS A 482 -8.37 -16.92 -20.32
N PHE A 483 -7.88 -18.15 -20.25
CA PHE A 483 -8.03 -19.11 -21.34
C PHE A 483 -9.32 -19.90 -21.31
N GLN A 484 -9.38 -20.90 -22.19
CA GLN A 484 -10.55 -21.75 -22.32
C GLN A 484 -10.61 -22.79 -21.24
N GLU A 485 -11.80 -22.93 -20.66
CA GLU A 485 -12.06 -23.88 -19.59
C GLU A 485 -11.79 -25.30 -20.07
N GLY A 486 -10.93 -26.02 -19.34
CA GLY A 486 -10.57 -27.38 -19.72
C GLY A 486 -9.17 -27.62 -20.31
N GLN A 487 -8.80 -26.84 -21.33
CA GLN A 487 -7.48 -26.97 -22.00
C GLN A 487 -6.37 -26.60 -21.04
N GLU A 488 -5.24 -27.24 -21.25
CA GLU A 488 -4.06 -27.07 -20.41
C GLU A 488 -3.53 -25.65 -20.17
N GLU A 489 -3.79 -24.74 -21.10
CA GLU A 489 -3.32 -23.38 -20.90
C GLU A 489 -4.01 -22.81 -19.65
N GLU A 490 -5.33 -22.97 -19.55
CA GLU A 490 -6.06 -22.49 -18.36
C GLU A 490 -5.61 -23.29 -17.18
N ARG A 491 -5.30 -24.55 -17.41
CA ARG A 491 -4.86 -25.47 -16.37
C ARG A 491 -3.48 -25.07 -15.89
N LEU A 492 -2.65 -24.53 -16.79
CA LEU A 492 -1.29 -24.09 -16.43
C LEU A 492 -1.39 -22.79 -15.63
N ALA A 493 -2.20 -21.86 -16.08
CA ALA A 493 -2.35 -20.61 -15.40
C ALA A 493 -2.85 -20.88 -14.00
N LEU A 494 -3.76 -21.85 -13.84
CA LEU A 494 -4.30 -22.20 -12.52
C LEU A 494 -3.24 -22.78 -11.59
N GLU A 495 -2.45 -23.74 -12.09
CA GLU A 495 -1.38 -24.40 -11.32
C GLU A 495 -0.23 -23.44 -10.85
N THR A 496 0.02 -22.38 -11.63
CA THR A 496 1.03 -21.36 -11.34
C THR A 496 0.46 -20.40 -10.28
N ALA A 497 -0.76 -19.91 -10.53
CA ALA A 497 -1.39 -19.02 -9.59
C ALA A 497 -1.40 -19.62 -8.19
N LEU A 498 -1.73 -20.89 -8.12
CA LEU A 498 -1.82 -21.60 -6.86
C LEU A 498 -0.50 -21.52 -6.12
N MET A 499 0.58 -21.30 -6.85
CA MET A 499 1.91 -21.25 -6.25
C MET A 499 2.32 -19.89 -5.76
N TYR A 500 1.69 -18.84 -6.30
CA TYR A 500 2.06 -17.48 -5.99
C TYR A 500 1.07 -16.57 -5.34
N GLY A 501 0.13 -17.12 -4.58
CA GLY A 501 -0.85 -16.25 -3.92
C GLY A 501 -2.32 -16.69 -3.96
N ALA A 502 -2.67 -17.51 -4.94
CA ALA A 502 -4.03 -18.02 -5.08
C ALA A 502 -4.28 -19.16 -4.10
N LYS A 503 -5.48 -19.21 -3.56
CA LYS A 503 -5.80 -20.22 -2.58
C LYS A 503 -7.04 -21.03 -2.87
N LYS A 504 -6.93 -22.33 -2.62
CA LYS A 504 -8.03 -23.28 -2.77
C LYS A 504 -8.05 -24.06 -1.42
N PRO A 505 -8.78 -23.54 -0.38
CA PRO A 505 -8.94 -24.09 0.98
C PRO A 505 -9.68 -25.41 1.20
N LEU A 506 -10.45 -25.85 0.23
CA LEU A 506 -11.14 -27.11 0.35
C LEU A 506 -10.80 -27.94 -0.86
N ASN A 507 -10.59 -29.24 -0.66
CA ASN A 507 -10.25 -30.07 -1.82
C ASN A 507 -11.39 -30.67 -2.59
N THR A 508 -11.20 -30.73 -3.90
CA THR A 508 -12.19 -31.27 -4.82
C THR A 508 -11.80 -32.62 -5.39
N SER A 516 -25.53 -38.39 -10.37
CA SER A 516 -26.46 -39.54 -10.52
C SER A 516 -27.00 -39.68 -11.95
N ASN A 517 -26.56 -38.80 -12.86
CA ASN A 517 -26.97 -38.74 -14.27
C ASN A 517 -28.19 -37.87 -14.53
N VAL A 518 -28.56 -37.11 -13.51
CA VAL A 518 -29.68 -36.19 -13.59
C VAL A 518 -29.10 -34.82 -13.85
N ASP A 519 -29.80 -34.08 -14.68
CA ASP A 519 -29.42 -32.73 -15.01
C ASP A 519 -30.59 -31.85 -14.66
N MET A 520 -30.27 -30.67 -14.18
CA MET A 520 -31.28 -29.73 -13.84
C MET A 520 -30.74 -28.46 -14.49
N ASP A 521 -31.62 -27.52 -14.75
CA ASP A 521 -31.24 -26.24 -15.34
C ASP A 521 -32.50 -25.40 -15.22
N PHE A 522 -32.38 -24.10 -15.42
CA PHE A 522 -33.55 -23.26 -15.35
C PHE A 522 -33.30 -21.91 -15.95
N GLU A 523 -34.35 -21.33 -16.49
CA GLU A 523 -34.28 -20.04 -17.13
C GLU A 523 -35.38 -19.17 -16.58
N VAL A 524 -35.02 -17.95 -16.25
CA VAL A 524 -35.96 -16.97 -15.75
C VAL A 524 -36.21 -16.12 -16.99
N GLU A 525 -37.17 -15.22 -16.97
CA GLU A 525 -37.36 -14.42 -18.14
C GLU A 525 -37.31 -12.95 -17.82
N ASN A 526 -36.53 -12.26 -18.63
CA ASN A 526 -36.30 -10.83 -18.49
C ASN A 526 -37.60 -10.06 -18.62
N ALA A 527 -37.88 -9.20 -17.66
CA ALA A 527 -39.11 -8.47 -17.75
C ALA A 527 -38.98 -7.01 -17.43
N VAL A 528 -39.95 -6.25 -17.92
CA VAL A 528 -40.09 -4.82 -17.75
C VAL A 528 -40.54 -4.52 -16.33
N LEU A 529 -40.00 -3.47 -15.73
CA LEU A 529 -40.38 -3.12 -14.38
C LEU A 529 -41.88 -3.01 -14.25
N GLY A 530 -42.46 -3.90 -13.44
CA GLY A 530 -43.89 -3.89 -13.18
C GLY A 530 -44.67 -5.01 -13.86
N LYS A 531 -43.96 -5.85 -14.61
CA LYS A 531 -44.56 -6.97 -15.34
C LYS A 531 -44.31 -8.34 -14.68
N ASP A 532 -45.17 -9.30 -14.99
CA ASP A 532 -45.04 -10.67 -14.48
C ASP A 532 -43.95 -11.31 -15.33
N PHE A 533 -43.44 -12.47 -14.91
CA PHE A 533 -42.47 -13.15 -15.73
C PHE A 533 -42.40 -14.61 -15.39
N LYS A 534 -42.25 -15.43 -16.43
CA LYS A 534 -42.14 -16.89 -16.34
C LYS A 534 -40.78 -17.29 -15.78
N LEU A 535 -40.60 -18.60 -15.60
CA LEU A 535 -39.36 -19.21 -15.09
C LEU A 535 -39.57 -20.69 -15.35
N SER A 536 -38.56 -21.40 -15.83
CA SER A 536 -38.77 -22.81 -16.07
C SER A 536 -37.58 -23.59 -15.61
N ILE A 537 -37.84 -24.76 -15.06
CA ILE A 537 -36.83 -25.65 -14.54
C ILE A 537 -36.94 -26.88 -15.37
N THR A 538 -35.81 -27.36 -15.86
CA THR A 538 -35.73 -28.54 -16.72
C THR A 538 -35.01 -29.59 -15.95
N PHE A 539 -35.35 -30.85 -16.19
CA PHE A 539 -34.73 -31.99 -15.50
C PHE A 539 -34.56 -32.96 -16.59
N ARG A 540 -33.47 -33.68 -16.57
CA ARG A 540 -33.20 -34.67 -17.61
C ARG A 540 -32.48 -35.79 -16.89
N ASN A 541 -33.04 -36.97 -16.99
CA ASN A 541 -32.49 -38.10 -16.32
C ASN A 541 -32.05 -39.07 -17.40
N ASN A 542 -30.77 -39.05 -17.73
CA ASN A 542 -30.24 -39.95 -18.75
C ASN A 542 -30.07 -41.39 -18.25
N SER A 543 -30.40 -41.63 -16.98
CA SER A 543 -30.24 -42.97 -16.40
C SER A 543 -31.40 -43.93 -16.56
N HIS A 544 -31.13 -45.18 -16.24
CA HIS A 544 -32.12 -46.24 -16.38
C HIS A 544 -32.82 -46.60 -15.08
N ASN A 545 -32.99 -45.62 -14.20
CA ASN A 545 -33.67 -45.84 -12.92
C ASN A 545 -34.53 -44.64 -12.59
N ARG A 546 -35.61 -44.93 -11.86
CA ARG A 546 -36.60 -43.93 -11.45
C ARG A 546 -36.21 -43.12 -10.22
N TYR A 547 -36.19 -41.80 -10.36
CA TYR A 547 -35.82 -40.90 -9.28
C TYR A 547 -36.93 -40.03 -8.76
N THR A 548 -36.90 -39.77 -7.47
CA THR A 548 -37.87 -38.93 -6.80
C THR A 548 -37.00 -37.82 -6.23
N ILE A 549 -37.30 -36.57 -6.52
CA ILE A 549 -36.47 -35.45 -6.08
C ILE A 549 -37.31 -34.43 -5.32
N THR A 550 -36.66 -33.48 -4.67
CA THR A 550 -37.35 -32.37 -4.04
C THR A 550 -36.51 -31.19 -4.43
N ALA A 551 -36.98 -30.43 -5.41
CA ALA A 551 -36.28 -29.26 -5.91
C ALA A 551 -36.83 -28.05 -5.17
N TYR A 552 -36.02 -27.03 -4.91
CA TYR A 552 -36.47 -25.84 -4.19
C TYR A 552 -36.06 -24.61 -4.96
N LEU A 553 -36.93 -23.61 -4.92
CA LEU A 553 -36.70 -22.35 -5.63
C LEU A 553 -36.67 -21.29 -4.58
N SER A 554 -35.75 -20.35 -4.73
CA SER A 554 -35.63 -19.26 -3.79
C SER A 554 -35.20 -18.11 -4.61
N ALA A 555 -36.06 -17.12 -4.69
CA ALA A 555 -35.77 -15.95 -5.45
C ALA A 555 -35.64 -14.84 -4.46
N ASN A 556 -34.51 -14.13 -4.51
CA ASN A 556 -34.27 -13.01 -3.61
C ASN A 556 -34.08 -11.71 -4.34
N ILE A 557 -34.41 -10.64 -3.64
CA ILE A 557 -34.25 -9.30 -4.14
C ILE A 557 -32.79 -9.04 -3.74
N THR A 558 -31.95 -8.60 -4.67
CA THR A 558 -30.54 -8.35 -4.39
C THR A 558 -30.12 -6.99 -4.87
N PHE A 559 -28.99 -6.53 -4.37
CA PHE A 559 -28.43 -5.27 -4.84
C PHE A 559 -27.57 -5.76 -6.04
N TYR A 560 -27.02 -4.87 -6.88
CA TYR A 560 -26.24 -5.40 -8.01
C TYR A 560 -25.04 -6.21 -7.63
N THR A 561 -24.57 -6.02 -6.41
CA THR A 561 -23.41 -6.70 -5.86
C THR A 561 -23.71 -8.14 -5.49
N GLY A 562 -24.97 -8.54 -5.62
CA GLY A 562 -25.35 -9.89 -5.25
C GLY A 562 -25.87 -9.96 -3.81
N VAL A 563 -25.63 -8.94 -3.00
CA VAL A 563 -26.08 -8.94 -1.62
C VAL A 563 -27.58 -9.08 -1.62
N PRO A 564 -28.10 -10.07 -0.90
CA PRO A 564 -29.56 -10.25 -0.87
C PRO A 564 -30.21 -9.44 0.25
N LYS A 565 -31.38 -8.90 -0.09
CA LYS A 565 -32.23 -8.09 0.78
C LYS A 565 -33.38 -8.96 1.35
N ALA A 566 -34.12 -9.66 0.48
CA ALA A 566 -35.25 -10.49 0.92
C ALA A 566 -35.71 -11.59 -0.04
N GLU A 567 -36.20 -12.69 0.52
CA GLU A 567 -36.75 -13.83 -0.26
C GLU A 567 -38.19 -13.43 -0.56
N PHE A 568 -38.44 -12.97 -1.78
CA PHE A 568 -39.78 -12.53 -2.18
C PHE A 568 -40.65 -13.68 -2.65
N LYS A 569 -40.00 -14.74 -3.10
CA LYS A 569 -40.67 -15.91 -3.58
C LYS A 569 -39.89 -17.11 -3.20
N LYS A 570 -40.58 -18.04 -2.56
CA LYS A 570 -40.04 -19.29 -2.10
C LYS A 570 -41.06 -20.34 -2.54
N GLU A 571 -40.58 -21.43 -3.15
CA GLU A 571 -41.46 -22.48 -3.60
C GLU A 571 -40.75 -23.79 -3.67
N THR A 572 -41.47 -24.83 -3.26
CA THR A 572 -40.92 -26.16 -3.25
C THR A 572 -41.54 -27.05 -4.37
N PHE A 573 -40.66 -27.75 -5.08
CA PHE A 573 -41.02 -28.65 -6.18
C PHE A 573 -40.75 -30.12 -5.83
N ASP A 574 -41.69 -30.99 -6.21
CA ASP A 574 -41.57 -32.42 -5.98
C ASP A 574 -41.64 -33.02 -7.34
N VAL A 575 -40.51 -33.57 -7.75
CA VAL A 575 -40.41 -34.13 -9.05
C VAL A 575 -40.18 -35.60 -8.87
N THR A 576 -40.52 -36.36 -9.90
CA THR A 576 -40.38 -37.80 -9.96
C THR A 576 -39.94 -38.12 -11.38
N LEU A 577 -38.63 -38.21 -11.59
CA LEU A 577 -38.07 -38.46 -12.91
C LEU A 577 -38.16 -39.90 -13.29
N GLU A 578 -38.30 -40.13 -14.58
CA GLU A 578 -38.37 -41.46 -15.12
C GLU A 578 -37.14 -41.65 -16.01
N PRO A 579 -36.76 -42.90 -16.29
CA PRO A 579 -35.60 -43.08 -17.14
C PRO A 579 -35.72 -42.47 -18.55
N LEU A 580 -34.62 -41.93 -19.02
CA LEU A 580 -34.55 -41.32 -20.34
C LEU A 580 -35.51 -40.16 -20.47
N SER A 581 -35.91 -39.65 -19.33
CA SER A 581 -36.84 -38.57 -19.34
C SER A 581 -36.24 -37.19 -19.39
N PHE A 582 -37.04 -36.25 -19.89
CA PHE A 582 -36.69 -34.85 -19.93
C PHE A 582 -37.97 -34.27 -19.40
N LYS A 583 -37.85 -33.43 -18.38
CA LYS A 583 -39.00 -32.88 -17.72
C LYS A 583 -38.75 -31.42 -17.51
N LYS A 584 -39.74 -30.63 -17.85
CA LYS A 584 -39.64 -29.21 -17.68
C LYS A 584 -40.83 -28.84 -16.79
N GLU A 585 -40.68 -27.90 -15.85
CA GLU A 585 -41.75 -27.48 -14.98
C GLU A 585 -41.71 -25.97 -15.05
N ALA A 586 -42.82 -25.31 -14.82
CA ALA A 586 -42.89 -23.86 -14.95
C ALA A 586 -43.54 -23.10 -13.80
N VAL A 587 -43.21 -21.83 -13.66
CA VAL A 587 -43.78 -21.01 -12.62
C VAL A 587 -43.91 -19.63 -13.17
N LEU A 588 -44.71 -18.80 -12.51
CA LEU A 588 -44.91 -17.45 -12.94
C LEU A 588 -44.74 -16.58 -11.74
N ILE A 589 -43.78 -15.68 -11.85
CA ILE A 589 -43.54 -14.74 -10.79
C ILE A 589 -44.46 -13.66 -11.21
N GLN A 590 -45.19 -13.17 -10.23
CA GLN A 590 -46.17 -12.15 -10.42
C GLN A 590 -45.53 -10.84 -9.97
N ALA A 591 -45.73 -9.80 -10.76
CA ALA A 591 -45.20 -8.47 -10.48
C ALA A 591 -45.40 -8.05 -9.01
N GLY A 592 -46.50 -8.48 -8.41
CA GLY A 592 -46.81 -8.12 -7.04
C GLY A 592 -45.99 -8.79 -5.98
N GLU A 593 -45.33 -9.89 -6.35
CA GLU A 593 -44.46 -10.62 -5.44
C GLU A 593 -43.11 -9.90 -5.20
N TYR A 594 -42.78 -8.91 -6.04
CA TYR A 594 -41.53 -8.14 -5.92
C TYR A 594 -41.70 -6.66 -5.90
N MET A 595 -42.75 -6.18 -6.54
CA MET A 595 -42.95 -4.75 -6.66
C MET A 595 -42.76 -3.80 -5.49
N GLY A 596 -43.14 -4.15 -4.28
CA GLY A 596 -42.90 -3.14 -3.25
C GLY A 596 -41.52 -3.24 -2.64
N GLN A 597 -40.79 -4.27 -3.05
CA GLN A 597 -39.48 -4.58 -2.48
C GLN A 597 -38.15 -4.33 -3.27
N LEU A 598 -38.21 -4.23 -4.59
CA LEU A 598 -37.05 -4.01 -5.44
C LEU A 598 -36.07 -2.94 -4.98
N LEU A 599 -34.80 -3.15 -5.29
CA LEU A 599 -33.75 -2.22 -4.95
C LEU A 599 -33.33 -1.59 -6.25
N GLU A 600 -32.72 -0.40 -6.16
CA GLU A 600 -32.24 0.30 -7.37
C GLU A 600 -31.53 -0.71 -8.28
N GLN A 601 -31.66 -0.57 -9.59
CA GLN A 601 -31.06 -1.50 -10.57
C GLN A 601 -31.99 -2.69 -10.81
N ALA A 602 -32.95 -2.84 -9.90
CA ALA A 602 -33.97 -3.89 -9.98
C ALA A 602 -33.46 -5.30 -10.24
N SER A 603 -32.56 -5.75 -9.39
CA SER A 603 -31.98 -7.08 -9.53
C SER A 603 -32.74 -8.10 -8.72
N LEU A 604 -32.77 -9.32 -9.25
CA LEU A 604 -33.45 -10.47 -8.66
C LEU A 604 -32.47 -11.62 -8.85
N HIS A 605 -32.42 -12.50 -7.86
CA HIS A 605 -31.54 -13.68 -7.89
C HIS A 605 -32.38 -14.95 -7.72
N PHE A 606 -31.94 -16.04 -8.36
CA PHE A 606 -32.66 -17.29 -8.27
C PHE A 606 -31.80 -18.48 -8.01
N PHE A 607 -32.24 -19.30 -7.08
CA PHE A 607 -31.59 -20.54 -6.69
C PHE A 607 -32.59 -21.65 -6.89
N VAL A 608 -32.15 -22.74 -7.51
CA VAL A 608 -32.97 -23.93 -7.69
C VAL A 608 -32.02 -25.06 -7.26
N THR A 609 -32.26 -25.60 -6.07
CA THR A 609 -31.42 -26.64 -5.54
C THR A 609 -32.30 -27.84 -5.47
N ALA A 610 -31.73 -29.00 -5.73
CA ALA A 610 -32.51 -30.21 -5.76
C ALA A 610 -31.77 -31.39 -5.22
N ARG A 611 -32.20 -31.93 -4.10
CA ARG A 611 -31.55 -33.14 -3.65
C ARG A 611 -32.40 -34.29 -4.13
N ILE A 612 -31.75 -35.28 -4.73
CA ILE A 612 -32.41 -36.49 -5.18
C ILE A 612 -32.74 -37.23 -3.85
N ASN A 613 -33.08 -38.51 -3.86
CA ASN A 613 -33.45 -39.18 -2.59
C ASN A 613 -32.77 -40.53 -2.49
N GLU A 614 -32.75 -41.20 -3.61
CA GLU A 614 -32.17 -42.52 -3.74
C GLU A 614 -30.64 -42.53 -3.75
N THR A 615 -30.03 -41.35 -3.95
CA THR A 615 -28.56 -41.22 -3.98
C THR A 615 -28.04 -40.05 -3.13
N ARG A 616 -28.97 -39.30 -2.55
CA ARG A 616 -28.69 -38.15 -1.69
C ARG A 616 -27.80 -37.06 -2.35
N ASP A 617 -27.67 -37.11 -3.67
CA ASP A 617 -26.88 -36.15 -4.44
C ASP A 617 -27.58 -34.82 -4.69
N VAL A 618 -26.82 -33.73 -4.82
CA VAL A 618 -27.44 -32.42 -5.02
C VAL A 618 -27.22 -31.89 -6.44
N LEU A 619 -28.22 -31.14 -6.93
CA LEU A 619 -28.17 -30.49 -8.25
C LEU A 619 -28.42 -29.05 -7.83
N ALA A 620 -27.60 -28.13 -8.26
CA ALA A 620 -27.81 -26.75 -7.88
C ALA A 620 -27.53 -25.85 -9.06
N LYS A 621 -28.21 -24.70 -9.12
CA LYS A 621 -28.06 -23.71 -10.19
C LYS A 621 -28.53 -22.35 -9.72
N GLN A 622 -27.95 -21.30 -10.30
CA GLN A 622 -28.38 -19.93 -9.98
C GLN A 622 -28.28 -19.08 -11.21
N LYS A 623 -29.17 -18.08 -11.30
CA LYS A 623 -29.21 -17.15 -12.42
C LYS A 623 -29.68 -15.86 -11.75
N SER A 624 -29.38 -14.73 -12.37
CA SER A 624 -29.77 -13.45 -11.83
C SER A 624 -30.54 -12.88 -12.94
N THR A 625 -31.26 -11.82 -12.64
CA THR A 625 -32.04 -11.18 -13.65
C THR A 625 -32.23 -9.76 -13.14
N VAL A 626 -32.42 -8.81 -14.06
CA VAL A 626 -32.70 -7.44 -13.66
C VAL A 626 -33.91 -7.11 -14.49
N LEU A 627 -34.80 -6.34 -13.89
CA LEU A 627 -35.97 -5.95 -14.62
C LEU A 627 -35.55 -4.75 -15.44
N THR A 628 -35.82 -4.82 -16.74
CA THR A 628 -35.51 -3.76 -17.70
C THR A 628 -36.17 -2.46 -17.21
N ILE A 629 -35.38 -1.45 -16.87
CA ILE A 629 -35.96 -0.20 -16.34
C ILE A 629 -36.22 0.92 -17.43
N PRO A 630 -37.14 1.88 -17.14
CA PRO A 630 -37.50 2.98 -18.06
C PRO A 630 -36.38 3.82 -18.63
N GLU A 631 -36.74 4.66 -19.59
CA GLU A 631 -35.77 5.54 -20.24
C GLU A 631 -36.25 6.99 -20.31
N ILE A 632 -35.29 7.91 -20.40
CA ILE A 632 -35.51 9.36 -20.54
C ILE A 632 -35.52 9.61 -22.05
N ILE A 633 -36.34 10.54 -22.54
CA ILE A 633 -36.43 10.80 -23.98
C ILE A 633 -35.76 12.10 -24.25
N ILE A 634 -34.72 12.09 -25.05
CA ILE A 634 -34.06 13.35 -25.35
C ILE A 634 -34.24 13.69 -26.85
N LYS A 635 -34.71 14.91 -27.11
CA LYS A 635 -34.90 15.32 -28.48
C LYS A 635 -34.38 16.72 -28.66
N VAL A 636 -34.03 17.01 -29.91
CA VAL A 636 -33.52 18.30 -30.29
C VAL A 636 -34.36 18.94 -31.39
N ARG A 637 -34.08 20.23 -31.60
CA ARG A 637 -34.71 21.09 -32.60
C ARG A 637 -33.86 22.36 -32.53
N GLY A 638 -34.07 23.26 -33.48
CA GLY A 638 -33.26 24.46 -33.48
C GLY A 638 -32.02 24.08 -34.28
N THR A 639 -31.08 25.00 -34.39
CA THR A 639 -29.89 24.75 -35.16
C THR A 639 -28.71 24.12 -34.38
N GLN A 640 -28.07 23.14 -35.02
CA GLN A 640 -26.95 22.41 -34.43
C GLN A 640 -25.62 22.74 -35.07
N VAL A 641 -25.08 23.87 -34.63
CA VAL A 641 -23.80 24.39 -35.12
C VAL A 641 -23.00 24.91 -33.90
N VAL A 642 -21.69 24.72 -33.90
CA VAL A 642 -20.87 25.22 -32.81
C VAL A 642 -21.10 26.74 -32.71
N GLY A 643 -21.28 27.25 -31.50
CA GLY A 643 -21.54 28.68 -31.32
C GLY A 643 -23.01 28.98 -31.61
N SER A 644 -23.80 27.92 -31.78
CA SER A 644 -25.20 28.10 -32.09
C SER A 644 -26.21 27.34 -31.23
N ASP A 645 -27.22 28.11 -30.79
CA ASP A 645 -28.34 27.69 -29.98
C ASP A 645 -29.17 26.60 -30.65
N MET A 646 -29.46 25.57 -29.86
CA MET A 646 -30.27 24.42 -30.26
C MET A 646 -31.02 24.19 -28.97
N THR A 647 -32.23 23.70 -29.08
CA THR A 647 -33.00 23.45 -27.89
C THR A 647 -33.02 21.94 -27.68
N VAL A 648 -32.84 21.53 -26.43
CA VAL A 648 -32.82 20.14 -26.06
C VAL A 648 -33.95 19.89 -25.08
N THR A 649 -34.71 18.85 -25.34
CA THR A 649 -35.81 18.51 -24.46
C THR A 649 -35.62 17.14 -23.81
N VAL A 650 -35.60 17.15 -22.49
CA VAL A 650 -35.45 15.98 -21.61
C VAL A 650 -36.89 15.51 -21.30
N GLU A 651 -37.27 14.30 -21.72
CA GLU A 651 -38.63 13.76 -21.53
C GLU A 651 -38.72 12.47 -20.69
N PHE A 652 -39.52 12.50 -19.63
CA PHE A 652 -39.69 11.33 -18.79
C PHE A 652 -41.16 10.95 -18.57
N THR A 653 -41.52 9.76 -19.06
CA THR A 653 -42.87 9.22 -18.91
C THR A 653 -42.72 8.08 -17.87
N ASN A 654 -43.15 8.36 -16.64
CA ASN A 654 -43.09 7.40 -15.52
C ASN A 654 -44.27 6.41 -15.65
N PRO A 655 -44.04 5.22 -16.22
CA PRO A 655 -45.12 4.23 -16.40
C PRO A 655 -45.62 3.52 -15.13
N LEU A 656 -45.21 4.02 -13.97
CA LEU A 656 -45.55 3.43 -12.68
C LEU A 656 -46.79 3.94 -11.96
N LYS A 657 -47.26 3.14 -10.99
CA LYS A 657 -48.47 3.45 -10.22
C LYS A 657 -48.25 4.19 -8.90
N GLU A 658 -47.08 4.83 -8.75
CA GLU A 658 -46.75 5.60 -7.54
C GLU A 658 -46.43 7.05 -7.94
N THR A 659 -46.78 8.02 -7.11
CA THR A 659 -46.44 9.40 -7.44
C THR A 659 -45.00 9.59 -6.97
N LEU A 660 -44.10 9.80 -7.95
CA LEU A 660 -42.65 9.95 -7.76
C LEU A 660 -42.20 11.28 -7.14
N ARG A 661 -41.62 11.20 -5.95
CA ARG A 661 -41.18 12.37 -5.22
C ARG A 661 -39.78 12.78 -5.61
N ASN A 662 -39.53 14.08 -5.48
CA ASN A 662 -38.25 14.69 -5.78
C ASN A 662 -37.52 14.00 -6.94
N VAL A 663 -38.11 14.09 -8.13
CA VAL A 663 -37.58 13.46 -9.33
C VAL A 663 -36.49 14.21 -10.06
N TRP A 664 -35.28 14.18 -9.53
CA TRP A 664 -34.15 14.85 -10.15
C TRP A 664 -33.80 14.31 -11.50
N VAL A 665 -33.63 15.20 -12.46
CA VAL A 665 -33.24 14.79 -13.81
C VAL A 665 -31.88 15.46 -14.09
N HIS A 666 -31.02 14.83 -14.89
CA HIS A 666 -29.68 15.38 -15.13
C HIS A 666 -29.31 15.31 -16.60
N LEU A 667 -28.75 16.38 -17.13
CA LEU A 667 -28.34 16.38 -18.52
C LEU A 667 -26.84 16.65 -18.60
N ASP A 668 -26.20 15.97 -19.52
CA ASP A 668 -24.79 16.09 -19.73
C ASP A 668 -24.66 15.99 -21.20
N GLY A 669 -23.43 16.09 -21.68
CA GLY A 669 -23.13 16.02 -23.10
C GLY A 669 -21.79 16.72 -23.29
N PRO A 670 -20.71 15.93 -23.30
CA PRO A 670 -19.41 16.56 -23.46
C PRO A 670 -19.24 17.42 -24.74
N GLY A 671 -19.00 18.72 -24.54
CA GLY A 671 -18.78 19.62 -25.66
C GLY A 671 -20.05 20.25 -26.17
N VAL A 672 -21.20 19.90 -25.59
CA VAL A 672 -22.52 20.44 -25.96
C VAL A 672 -23.08 21.22 -24.75
N THR A 673 -22.91 20.66 -23.56
CA THR A 673 -23.36 21.33 -22.36
C THR A 673 -22.58 20.86 -21.14
N ARG A 674 -22.61 21.67 -20.10
CA ARG A 674 -21.97 21.29 -18.86
C ARG A 674 -23.00 20.34 -18.23
N PRO A 675 -22.69 19.73 -17.07
CA PRO A 675 -23.74 18.87 -16.54
C PRO A 675 -24.71 19.74 -15.73
N MET A 676 -26.01 19.48 -15.92
CA MET A 676 -27.07 20.23 -15.22
C MET A 676 -28.14 19.32 -14.63
N LYS A 677 -28.81 19.78 -13.57
CA LYS A 677 -29.85 19.00 -12.90
C LYS A 677 -31.13 19.85 -12.59
N LYS A 678 -32.30 19.21 -12.73
CA LYS A 678 -33.62 19.81 -12.46
C LYS A 678 -34.52 18.77 -11.79
N MET A 679 -35.08 19.13 -10.64
CA MET A 679 -35.96 18.25 -9.88
C MET A 679 -37.43 18.62 -10.10
N PHE A 680 -38.26 17.61 -10.32
CA PHE A 680 -39.68 17.84 -10.49
C PHE A 680 -40.36 17.33 -9.19
N ARG A 681 -40.90 18.26 -8.41
CA ARG A 681 -41.58 18.01 -7.13
C ARG A 681 -42.16 16.61 -7.03
N GLU A 682 -42.94 16.20 -8.02
CA GLU A 682 -43.51 14.88 -8.03
C GLU A 682 -44.07 14.66 -9.41
N ILE A 683 -43.85 13.48 -9.94
CA ILE A 683 -44.40 13.12 -11.23
C ILE A 683 -45.43 12.12 -10.76
N ARG A 684 -46.69 12.33 -11.15
CA ARG A 684 -47.79 11.41 -10.78
C ARG A 684 -47.83 10.27 -11.83
N PRO A 685 -48.59 9.20 -11.57
CA PRO A 685 -48.69 8.05 -12.51
C PRO A 685 -48.93 8.37 -14.01
N ASN A 686 -48.10 7.79 -14.88
CA ASN A 686 -48.16 7.98 -16.35
C ASN A 686 -48.10 9.42 -16.89
N SER A 687 -47.46 10.29 -16.11
CA SER A 687 -47.29 11.67 -16.48
C SER A 687 -45.92 11.82 -17.15
N THR A 688 -45.86 12.65 -18.16
CA THR A 688 -44.62 12.92 -18.79
C THR A 688 -44.34 14.30 -18.25
N VAL A 689 -43.08 14.58 -18.02
CA VAL A 689 -42.69 15.89 -17.57
C VAL A 689 -41.66 16.29 -18.59
N GLN A 690 -41.56 17.58 -18.86
CA GLN A 690 -40.62 18.03 -19.87
C GLN A 690 -39.76 19.17 -19.44
N TRP A 691 -38.51 19.14 -19.92
CA TRP A 691 -37.52 20.15 -19.60
C TRP A 691 -36.68 20.37 -20.82
N GLU A 692 -36.77 21.56 -21.35
CA GLU A 692 -36.01 21.89 -22.52
C GLU A 692 -34.93 22.73 -21.96
N GLU A 693 -33.78 22.63 -22.60
CA GLU A 693 -32.64 23.41 -22.20
C GLU A 693 -32.01 23.90 -23.51
N VAL A 694 -31.78 25.22 -23.56
CA VAL A 694 -31.21 25.90 -24.71
C VAL A 694 -29.68 25.80 -24.66
N CYS A 695 -29.11 24.91 -25.47
CA CYS A 695 -27.66 24.69 -25.48
C CYS A 695 -26.96 25.42 -26.63
N ARG A 696 -25.66 25.69 -26.43
CA ARG A 696 -24.83 26.38 -27.41
C ARG A 696 -23.51 25.63 -27.53
N PRO A 697 -23.46 24.58 -28.38
CA PRO A 697 -22.23 23.80 -28.53
C PRO A 697 -20.90 24.56 -28.72
N TRP A 698 -19.82 23.89 -28.35
CA TRP A 698 -18.48 24.45 -28.44
C TRP A 698 -17.57 23.44 -29.10
N VAL A 699 -18.16 22.30 -29.44
CA VAL A 699 -17.43 21.23 -30.09
C VAL A 699 -18.28 20.72 -31.25
N SER A 700 -17.68 20.68 -32.41
CA SER A 700 -18.37 20.25 -33.62
C SER A 700 -18.20 18.78 -33.83
N GLY A 701 -19.02 18.23 -34.72
CA GLY A 701 -18.94 16.82 -35.04
C GLY A 701 -19.93 15.96 -34.29
N HIS A 702 -19.55 14.71 -34.10
CA HIS A 702 -20.34 13.70 -33.41
C HIS A 702 -20.33 13.85 -31.88
N ARG A 703 -21.39 14.45 -31.34
CA ARG A 703 -21.54 14.61 -29.91
C ARG A 703 -22.65 13.68 -29.40
N LYS A 704 -23.10 13.92 -28.17
CA LYS A 704 -24.13 13.11 -27.55
C LYS A 704 -24.70 13.85 -26.35
N LEU A 705 -26.02 13.80 -26.21
CA LEU A 705 -26.76 14.39 -25.10
C LEU A 705 -27.03 13.20 -24.13
N ILE A 706 -26.83 13.43 -22.83
CA ILE A 706 -26.92 12.39 -21.81
C ILE A 706 -27.78 12.82 -20.62
N ALA A 707 -28.65 11.92 -20.21
CA ALA A 707 -29.51 12.23 -19.09
C ALA A 707 -29.65 11.04 -18.13
N SER A 708 -30.08 11.38 -16.92
CA SER A 708 -30.31 10.41 -15.87
C SER A 708 -31.47 10.95 -15.00
N MET A 709 -32.02 10.08 -14.16
CA MET A 709 -33.11 10.45 -13.29
C MET A 709 -33.07 9.58 -12.06
N SER A 710 -33.12 10.26 -10.92
CA SER A 710 -33.14 9.62 -9.62
C SER A 710 -34.11 10.44 -8.82
N SER A 711 -35.24 9.81 -8.53
CA SER A 711 -36.29 10.43 -7.76
C SER A 711 -35.93 10.30 -6.28
N ASP A 712 -36.91 9.85 -5.50
CA ASP A 712 -36.76 9.59 -4.07
C ASP A 712 -36.89 8.05 -3.89
N SER A 713 -37.34 7.37 -4.94
CA SER A 713 -37.43 5.90 -4.91
C SER A 713 -36.84 5.29 -6.18
N LEU A 714 -37.51 5.54 -7.32
CA LEU A 714 -37.10 5.04 -8.60
C LEU A 714 -35.89 5.83 -9.12
N ARG A 715 -34.82 5.12 -9.45
CA ARG A 715 -33.61 5.72 -9.99
C ARG A 715 -32.88 4.70 -10.82
N HIS A 716 -31.78 5.12 -11.40
CA HIS A 716 -31.01 4.26 -12.28
C HIS A 716 -31.76 4.19 -13.59
N VAL A 717 -32.37 5.31 -13.91
CA VAL A 717 -33.10 5.49 -15.14
C VAL A 717 -32.26 6.42 -16.05
N TYR A 718 -31.90 5.95 -17.24
CA TYR A 718 -31.08 6.70 -18.18
C TYR A 718 -31.69 6.87 -19.57
N GLY A 719 -31.06 7.79 -20.34
CA GLY A 719 -31.45 8.12 -21.71
C GLY A 719 -30.46 9.02 -22.45
N GLU A 720 -30.27 8.79 -23.74
CA GLU A 720 -29.34 9.60 -24.49
C GLU A 720 -29.85 10.03 -25.88
N LEU A 721 -29.18 11.01 -26.49
CA LEU A 721 -29.52 11.48 -27.81
C LEU A 721 -28.25 11.82 -28.54
N ASP A 722 -28.07 11.30 -29.74
CA ASP A 722 -26.87 11.63 -30.52
C ASP A 722 -27.18 12.82 -31.41
N VAL A 723 -26.42 13.91 -31.27
CA VAL A 723 -26.66 15.06 -32.10
C VAL A 723 -25.41 15.30 -32.91
N GLN A 724 -25.57 15.85 -34.09
CA GLN A 724 -24.45 16.16 -34.94
C GLN A 724 -24.37 17.65 -34.82
N ILE A 725 -23.19 18.15 -34.53
CA ILE A 725 -22.99 19.57 -34.41
C ILE A 725 -22.15 19.95 -35.61
N GLN A 726 -22.48 21.07 -36.22
CA GLN A 726 -21.73 21.50 -37.38
C GLN A 726 -20.75 22.58 -36.97
N ARG A 727 -19.81 22.87 -37.88
CA ARG A 727 -18.74 23.87 -37.77
C ARG A 727 -17.37 23.24 -37.58
N PHE B 8 -29.81 0.05 4.08
CA PHE B 8 -29.22 -1.20 3.50
C PHE B 8 -27.71 -0.97 3.47
N GLY B 9 -26.94 -2.03 3.21
CA GLY B 9 -25.50 -1.98 3.08
C GLY B 9 -25.42 -3.01 1.98
N GLY B 10 -25.51 -2.55 0.74
CA GLY B 10 -25.45 -3.43 -0.42
C GLY B 10 -24.05 -3.78 -0.89
N ARG B 11 -23.05 -3.31 -0.14
CA ARG B 11 -21.63 -3.53 -0.43
C ARG B 11 -21.20 -4.97 -0.10
N ARG B 12 -21.56 -5.39 1.11
CA ARG B 12 -21.22 -6.74 1.59
C ARG B 12 -22.30 -7.23 2.51
N ALA B 13 -22.58 -8.53 2.41
CA ALA B 13 -23.63 -9.17 3.21
C ALA B 13 -23.33 -9.06 4.68
N VAL B 14 -22.06 -9.21 5.04
CA VAL B 14 -21.69 -9.07 6.43
C VAL B 14 -20.49 -8.14 6.58
N PRO B 15 -20.58 -7.19 7.52
CA PRO B 15 -19.50 -6.24 7.74
C PRO B 15 -18.13 -6.89 7.99
N PRO B 16 -17.07 -6.13 7.72
CA PRO B 16 -15.73 -6.65 7.94
C PRO B 16 -15.45 -6.99 9.42
N ASN B 17 -14.90 -8.18 9.61
CA ASN B 17 -14.53 -8.70 10.92
C ASN B 17 -13.09 -8.25 11.11
N ASN B 18 -12.92 -7.04 11.58
CA ASN B 18 -11.60 -6.53 11.64
C ASN B 18 -11.18 -6.00 12.94
N SER B 19 -11.86 -6.45 13.98
CA SER B 19 -11.53 -6.06 15.33
C SER B 19 -11.54 -7.33 16.17
N ASN B 20 -10.51 -7.52 16.99
CA ASN B 20 -10.43 -8.67 17.88
C ASN B 20 -11.24 -8.33 19.14
N ALA B 21 -11.21 -7.06 19.55
CA ALA B 21 -11.88 -6.57 20.72
C ALA B 21 -13.36 -6.60 20.61
N ALA B 22 -13.88 -6.56 19.40
CA ALA B 22 -15.32 -6.63 19.21
C ALA B 22 -15.79 -8.07 19.31
N GLU B 23 -17.01 -8.25 19.80
CA GLU B 23 -17.59 -9.58 19.98
C GLU B 23 -19.11 -9.68 19.81
N ASP B 24 -19.59 -10.77 19.22
CA ASP B 24 -21.02 -10.97 19.05
C ASP B 24 -21.47 -11.69 20.28
N ASP B 25 -22.72 -12.06 20.30
CA ASP B 25 -23.22 -12.82 21.41
C ASP B 25 -23.58 -14.15 20.79
N LEU B 26 -22.92 -15.21 21.18
CA LEU B 26 -23.28 -16.51 20.66
C LEU B 26 -24.43 -16.95 21.55
N PRO B 27 -25.54 -17.43 20.98
CA PRO B 27 -26.67 -17.87 21.79
C PRO B 27 -26.33 -19.12 22.61
N THR B 28 -26.86 -19.22 23.83
CA THR B 28 -26.63 -20.38 24.69
C THR B 28 -27.58 -21.54 24.30
N VAL B 29 -28.52 -21.26 23.40
CA VAL B 29 -29.47 -22.24 22.90
C VAL B 29 -29.89 -21.69 21.54
N GLU B 30 -29.67 -22.48 20.49
CA GLU B 30 -30.06 -22.08 19.15
C GLU B 30 -30.71 -23.32 18.53
N LEU B 31 -32.01 -23.48 18.78
CA LEU B 31 -32.80 -24.62 18.27
C LEU B 31 -33.60 -24.22 17.05
N GLN B 32 -34.25 -25.17 16.41
CA GLN B 32 -35.01 -24.83 15.25
C GLN B 32 -35.81 -26.03 14.81
N GLY B 33 -37.13 -25.86 14.72
CA GLY B 33 -37.98 -26.98 14.34
C GLY B 33 -39.04 -27.24 15.40
N VAL B 34 -39.08 -28.46 15.97
CA VAL B 34 -40.12 -28.82 16.94
C VAL B 34 -39.78 -29.28 18.37
N VAL B 35 -40.42 -30.39 18.76
CA VAL B 35 -40.28 -31.03 20.08
C VAL B 35 -41.17 -32.28 20.13
N GLN B 42 -35.24 -32.44 29.18
CA GLN B 42 -34.21 -31.74 28.36
C GLN B 42 -32.74 -31.76 28.84
N GLU B 43 -32.38 -32.68 29.74
CA GLU B 43 -31.01 -32.77 30.24
C GLU B 43 -30.05 -33.64 29.40
N PHE B 44 -29.29 -32.94 28.55
CA PHE B 44 -28.35 -33.50 27.59
C PHE B 44 -26.88 -33.49 27.91
N LEU B 45 -26.51 -32.75 28.93
CA LEU B 45 -25.13 -32.56 29.35
C LEU B 45 -25.02 -31.07 29.45
N ASN B 46 -24.62 -30.62 30.61
CA ASN B 46 -24.49 -29.22 30.90
C ASN B 46 -23.07 -29.12 31.43
N VAL B 47 -22.31 -28.12 31.00
CA VAL B 47 -20.96 -28.03 31.53
C VAL B 47 -21.05 -27.34 32.89
N THR B 48 -20.39 -27.92 33.88
CA THR B 48 -20.38 -27.37 35.22
C THR B 48 -19.25 -26.36 35.33
N SER B 49 -18.10 -26.69 34.77
CA SER B 49 -16.97 -25.77 34.76
C SER B 49 -15.85 -26.21 33.77
N VAL B 50 -14.92 -25.32 33.44
CA VAL B 50 -13.86 -25.60 32.49
C VAL B 50 -12.57 -25.26 33.18
N HIS B 51 -11.56 -26.09 32.95
CA HIS B 51 -10.28 -25.83 33.55
C HIS B 51 -9.26 -25.91 32.47
N LEU B 52 -8.67 -24.76 32.21
CA LEU B 52 -7.63 -24.60 31.21
C LEU B 52 -6.56 -24.77 32.24
N PHE B 53 -5.40 -25.25 31.93
CA PHE B 53 -4.52 -25.42 33.07
C PHE B 53 -3.52 -24.39 32.74
N LYS B 54 -3.91 -23.15 32.98
CA LYS B 54 -3.15 -21.98 32.58
C LYS B 54 -2.21 -21.32 33.55
N GLU B 55 -1.82 -21.97 34.65
CA GLU B 55 -0.89 -21.33 35.59
C GLU B 55 0.46 -21.29 34.96
N ARG B 56 1.23 -20.25 35.30
CA ARG B 56 2.52 -20.02 34.67
C ARG B 56 3.57 -21.03 34.95
N TRP B 57 3.38 -21.76 36.05
CA TRP B 57 4.28 -22.82 36.43
C TRP B 57 3.82 -24.16 35.86
N ASP B 58 2.60 -24.24 35.31
CA ASP B 58 2.10 -25.51 34.78
C ASP B 58 2.63 -25.83 33.38
N THR B 59 2.33 -27.01 32.83
CA THR B 59 2.83 -27.42 31.49
C THR B 59 2.25 -26.74 30.21
N ASN B 60 1.05 -26.17 30.29
CA ASN B 60 0.49 -25.52 29.11
C ASN B 60 1.40 -24.37 28.72
N LYS B 61 1.57 -23.40 29.60
CA LYS B 61 2.40 -22.25 29.34
C LYS B 61 3.89 -22.54 29.23
N VAL B 62 4.41 -23.37 30.09
CA VAL B 62 5.79 -23.70 30.04
C VAL B 62 6.14 -24.43 28.72
N ASP B 63 5.31 -25.36 28.27
CA ASP B 63 5.61 -26.06 27.03
C ASP B 63 5.34 -25.23 25.78
N HIS B 64 4.47 -24.23 25.90
CA HIS B 64 4.14 -23.34 24.81
C HIS B 64 5.01 -22.09 24.89
N HIS B 65 5.92 -22.04 25.85
CA HIS B 65 6.88 -20.94 26.04
C HIS B 65 6.16 -19.61 26.08
N THR B 66 5.08 -19.59 26.84
CA THR B 66 4.26 -18.43 26.99
C THR B 66 4.18 -18.05 28.46
N ASP B 67 5.00 -18.70 29.26
CA ASP B 67 5.00 -18.46 30.70
C ASP B 67 5.65 -17.20 31.12
N LYS B 68 6.38 -16.53 30.26
CA LYS B 68 6.98 -15.29 30.71
C LYS B 68 5.95 -14.13 30.71
N TYR B 69 4.89 -14.29 29.93
CA TYR B 69 3.89 -13.25 29.85
C TYR B 69 3.20 -12.97 31.16
N GLU B 70 3.30 -11.71 31.59
CA GLU B 70 2.69 -11.22 32.83
C GLU B 70 1.21 -11.12 32.54
N ASN B 71 0.56 -12.26 32.28
CA ASN B 71 -0.86 -12.28 31.90
C ASN B 71 -1.41 -13.55 32.47
N ASN B 72 -2.47 -13.41 33.25
CA ASN B 72 -3.14 -14.51 33.92
C ASN B 72 -4.13 -15.26 33.08
N LYS B 73 -4.18 -15.02 31.77
CA LYS B 73 -5.07 -15.76 30.88
C LYS B 73 -4.23 -16.84 30.20
N LEU B 74 -4.89 -17.84 29.60
CA LEU B 74 -4.15 -18.89 28.89
C LEU B 74 -3.56 -18.35 27.59
N ILE B 75 -2.28 -18.56 27.38
CA ILE B 75 -1.64 -18.11 26.16
C ILE B 75 -0.99 -19.38 25.63
N VAL B 76 -1.32 -19.71 24.39
CA VAL B 76 -0.84 -20.92 23.74
C VAL B 76 -0.29 -20.53 22.35
N ARG B 77 0.57 -21.35 21.74
CA ARG B 77 1.13 -21.05 20.43
C ARG B 77 0.46 -22.03 19.52
N ARG B 78 0.21 -21.63 18.27
CA ARG B 78 -0.47 -22.46 17.30
C ARG B 78 0.26 -23.70 16.80
N GLY B 79 -0.52 -24.70 16.42
CA GLY B 79 0.01 -25.94 15.91
C GLY B 79 0.51 -26.89 16.97
N GLN B 80 0.26 -26.62 18.24
CA GLN B 80 0.76 -27.45 19.31
C GLN B 80 -0.34 -27.71 20.33
N SER B 81 -0.46 -28.97 20.73
CA SER B 81 -1.50 -29.34 21.66
C SER B 81 -1.40 -28.74 23.06
N PHE B 82 -2.57 -28.51 23.68
CA PHE B 82 -2.65 -27.99 25.03
C PHE B 82 -3.81 -28.75 25.66
N TYR B 83 -3.84 -28.79 26.98
CA TYR B 83 -4.81 -29.51 27.80
C TYR B 83 -5.91 -28.71 28.50
N VAL B 84 -7.13 -29.22 28.43
CA VAL B 84 -8.27 -28.61 29.10
C VAL B 84 -9.13 -29.69 29.76
N GLN B 85 -9.82 -29.32 30.81
CA GLN B 85 -10.69 -30.26 31.46
C GLN B 85 -12.07 -29.68 31.56
N ILE B 86 -13.03 -30.43 31.05
CA ILE B 86 -14.42 -30.02 31.09
C ILE B 86 -15.19 -30.90 32.08
N ASP B 87 -15.66 -30.31 33.19
CA ASP B 87 -16.46 -31.01 34.22
C ASP B 87 -17.92 -30.95 33.78
N PHE B 88 -18.52 -32.07 33.39
CA PHE B 88 -19.93 -32.03 32.99
C PHE B 88 -20.89 -32.14 34.18
N SER B 89 -22.20 -32.14 33.89
CA SER B 89 -23.26 -32.22 34.91
C SER B 89 -23.45 -33.65 35.39
N ARG B 90 -23.04 -34.55 34.53
CA ARG B 90 -23.12 -35.96 34.74
C ARG B 90 -22.20 -36.52 33.66
N PRO B 91 -21.53 -37.62 33.96
CA PRO B 91 -20.59 -38.34 33.10
C PRO B 91 -20.82 -38.38 31.61
N TYR B 92 -19.79 -37.97 30.90
CA TYR B 92 -19.81 -37.99 29.45
C TYR B 92 -20.10 -39.45 29.14
N ASP B 93 -20.90 -39.68 28.11
CA ASP B 93 -21.32 -41.03 27.71
C ASP B 93 -21.20 -41.10 26.18
N PRO B 94 -20.03 -41.51 25.69
CA PRO B 94 -19.63 -41.64 24.28
C PRO B 94 -20.70 -42.22 23.39
N ARG B 95 -21.64 -42.85 24.06
CA ARG B 95 -22.73 -43.51 23.40
C ARG B 95 -23.87 -42.62 22.88
N ARG B 96 -24.07 -41.48 23.54
CA ARG B 96 -25.15 -40.58 23.16
C ARG B 96 -24.82 -39.11 23.04
N ASP B 97 -23.82 -38.69 23.83
CA ASP B 97 -23.37 -37.30 23.88
C ASP B 97 -22.42 -36.79 22.80
N LEU B 98 -22.87 -35.76 22.08
CA LEU B 98 -22.07 -35.12 21.08
C LEU B 98 -21.76 -33.73 21.66
N PHE B 99 -20.48 -33.35 21.67
CA PHE B 99 -20.08 -32.06 22.19
C PHE B 99 -18.72 -31.65 21.63
N ARG B 100 -18.40 -30.37 21.74
CA ARG B 100 -17.13 -29.91 21.29
C ARG B 100 -16.87 -28.49 21.66
N VAL B 101 -15.60 -28.17 21.77
CA VAL B 101 -15.12 -26.84 22.10
C VAL B 101 -15.20 -25.92 20.88
N GLU B 102 -15.38 -24.64 21.17
CA GLU B 102 -15.44 -23.65 20.11
C GLU B 102 -14.59 -22.47 20.44
N TYR B 103 -13.94 -21.91 19.41
CA TYR B 103 -13.10 -20.70 19.52
C TYR B 103 -13.63 -19.69 18.50
N VAL B 104 -14.00 -18.49 18.97
CA VAL B 104 -14.55 -17.43 18.13
C VAL B 104 -13.81 -16.09 18.33
N ILE B 105 -13.66 -15.29 17.27
CA ILE B 105 -12.92 -14.02 17.35
C ILE B 105 -13.61 -12.94 16.51
N GLY B 106 -13.73 -11.72 17.03
CA GLY B 106 -14.44 -10.70 16.29
C GLY B 106 -15.97 -10.65 16.41
N ARG B 107 -16.59 -9.63 15.88
CA ARG B 107 -18.02 -9.51 15.95
C ARG B 107 -18.75 -10.34 14.89
N TYR B 108 -18.07 -10.69 13.80
CA TYR B 108 -18.70 -11.45 12.73
C TYR B 108 -17.94 -12.71 12.33
N PRO B 109 -17.86 -13.72 13.23
CA PRO B 109 -17.17 -14.98 13.00
C PRO B 109 -17.85 -15.80 11.95
N GLN B 110 -17.06 -16.54 11.19
CA GLN B 110 -17.57 -17.41 10.17
C GLN B 110 -16.55 -18.55 10.07
N GLU B 111 -17.01 -19.78 9.88
CA GLU B 111 -16.13 -20.94 9.76
C GLU B 111 -15.21 -20.74 8.53
N ASN B 112 -15.84 -20.25 7.47
CA ASN B 112 -15.27 -19.87 6.18
C ASN B 112 -13.95 -19.11 6.26
N LYS B 113 -13.95 -18.13 7.17
CA LYS B 113 -12.87 -17.20 7.36
C LYS B 113 -11.98 -17.54 8.47
N GLY B 114 -12.23 -18.67 9.12
CA GLY B 114 -11.41 -19.03 10.24
C GLY B 114 -11.64 -18.28 11.54
N THR B 115 -12.78 -17.62 11.70
CA THR B 115 -13.02 -16.85 12.94
C THR B 115 -13.97 -17.51 13.94
N TYR B 116 -14.67 -18.55 13.50
CA TYR B 116 -15.52 -19.39 14.35
C TYR B 116 -14.85 -20.73 14.10
N ILE B 117 -14.40 -21.40 15.17
CA ILE B 117 -13.66 -22.65 15.06
C ILE B 117 -14.25 -23.75 15.93
N PRO B 118 -14.97 -24.68 15.34
CA PRO B 118 -15.58 -25.81 16.04
C PRO B 118 -14.50 -26.90 16.11
N VAL B 119 -14.02 -27.20 17.31
CA VAL B 119 -12.98 -28.20 17.47
C VAL B 119 -13.66 -29.56 17.69
N PRO B 120 -13.60 -30.46 16.69
CA PRO B 120 -14.23 -31.79 16.80
C PRO B 120 -13.55 -32.79 17.73
N ILE B 121 -14.32 -33.44 18.61
CA ILE B 121 -13.74 -34.47 19.49
C ILE B 121 -13.25 -35.53 18.51
N VAL B 122 -12.01 -35.96 18.67
CA VAL B 122 -11.42 -36.88 17.73
C VAL B 122 -10.67 -38.04 18.39
N SER B 123 -10.56 -39.16 17.66
CA SER B 123 -9.86 -40.34 18.16
C SER B 123 -8.38 -40.09 18.28
N GLU B 124 -7.78 -39.42 17.31
CA GLU B 124 -6.36 -39.13 17.42
C GLU B 124 -6.01 -37.76 16.84
N LEU B 125 -5.24 -36.95 17.57
CA LEU B 125 -4.87 -35.66 17.04
C LEU B 125 -4.32 -35.85 15.64
N GLN B 126 -4.65 -34.87 14.82
CA GLN B 126 -4.27 -34.84 13.45
C GLN B 126 -3.21 -33.76 13.23
N SER B 127 -2.42 -33.97 12.20
CA SER B 127 -1.33 -33.07 11.84
C SER B 127 -1.85 -31.77 11.20
N GLY B 128 -1.63 -30.63 11.88
CA GLY B 128 -2.06 -29.36 11.32
C GLY B 128 -3.54 -29.04 11.17
N LYS B 129 -4.37 -29.69 11.97
CA LYS B 129 -5.82 -29.50 11.95
C LYS B 129 -6.29 -29.32 13.38
N TRP B 130 -7.38 -28.59 13.54
CA TRP B 130 -7.95 -28.39 14.84
C TRP B 130 -8.68 -29.63 15.29
N GLY B 131 -8.44 -30.07 16.51
CA GLY B 131 -9.14 -31.22 17.01
C GLY B 131 -8.85 -31.33 18.48
N ALA B 132 -9.68 -32.06 19.21
CA ALA B 132 -9.45 -32.26 20.64
C ALA B 132 -9.63 -33.75 20.90
N LYS B 133 -8.65 -34.36 21.57
CA LYS B 133 -8.77 -35.76 21.86
C LYS B 133 -9.03 -35.96 23.34
N ILE B 134 -10.12 -36.65 23.66
CA ILE B 134 -10.49 -36.92 25.05
C ILE B 134 -9.41 -37.81 25.57
N VAL B 135 -8.54 -37.25 26.37
CA VAL B 135 -7.43 -38.02 26.90
C VAL B 135 -7.72 -38.57 28.31
N MET B 136 -8.88 -38.24 28.88
CA MET B 136 -9.26 -38.70 30.20
C MET B 136 -10.78 -38.60 30.47
N ARG B 137 -11.26 -39.42 31.40
CA ARG B 137 -12.65 -39.46 31.86
C ARG B 137 -12.62 -39.86 33.36
N GLU B 138 -13.11 -38.95 34.22
CA GLU B 138 -13.11 -39.15 35.67
C GLU B 138 -14.20 -38.40 36.41
N ASP B 139 -15.27 -39.09 36.78
CA ASP B 139 -16.36 -38.47 37.54
C ASP B 139 -16.88 -37.16 36.90
N ARG B 140 -17.75 -37.26 35.90
CA ARG B 140 -18.28 -36.04 35.28
C ARG B 140 -17.26 -35.33 34.37
N SER B 141 -16.04 -35.16 34.86
CA SER B 141 -14.93 -34.52 34.15
C SER B 141 -14.35 -35.35 33.02
N VAL B 142 -13.92 -34.66 31.96
CA VAL B 142 -13.26 -35.24 30.82
C VAL B 142 -12.07 -34.33 30.65
N ARG B 143 -10.98 -34.89 30.14
CA ARG B 143 -9.79 -34.11 29.91
C ARG B 143 -9.55 -34.17 28.45
N LEU B 144 -9.17 -33.03 27.88
CA LEU B 144 -8.93 -32.92 26.48
C LEU B 144 -7.55 -32.41 26.15
N SER B 145 -7.02 -32.95 25.05
CA SER B 145 -5.74 -32.51 24.52
C SER B 145 -6.16 -31.87 23.19
N ILE B 146 -6.17 -30.53 23.20
CA ILE B 146 -6.58 -29.74 22.05
C ILE B 146 -5.40 -29.29 21.22
N GLN B 147 -5.52 -29.43 19.91
CA GLN B 147 -4.49 -29.00 19.00
C GLN B 147 -5.08 -27.97 17.99
N SER B 148 -4.41 -26.84 17.83
CA SER B 148 -4.79 -25.78 16.87
C SER B 148 -4.07 -25.96 15.53
N SER B 149 -4.68 -25.53 14.43
CA SER B 149 -4.04 -25.58 13.12
C SER B 149 -2.83 -24.61 13.19
N PRO B 150 -1.70 -24.96 12.57
CA PRO B 150 -0.53 -24.09 12.60
C PRO B 150 -0.66 -22.86 11.69
N LYS B 151 -1.83 -22.70 11.08
CA LYS B 151 -2.06 -21.54 10.25
C LYS B 151 -3.19 -20.67 10.90
N CYS B 152 -3.50 -20.96 12.16
CA CYS B 152 -4.54 -20.27 12.89
C CYS B 152 -4.33 -18.76 12.98
N ILE B 153 -5.44 -18.01 13.01
CA ILE B 153 -5.42 -16.57 13.14
C ILE B 153 -4.80 -16.30 14.48
N VAL B 154 -3.95 -15.29 14.56
CA VAL B 154 -3.32 -14.97 15.84
C VAL B 154 -4.14 -13.88 16.53
N GLY B 155 -4.44 -14.10 17.81
CA GLY B 155 -5.21 -13.15 18.58
C GLY B 155 -5.72 -13.80 19.85
N LYS B 156 -6.66 -13.14 20.50
CA LYS B 156 -7.24 -13.65 21.74
C LYS B 156 -8.59 -14.11 21.37
N PHE B 157 -8.85 -15.40 21.57
CA PHE B 157 -10.14 -15.99 21.25
C PHE B 157 -11.07 -16.23 22.47
N ARG B 158 -12.36 -16.32 22.18
CA ARG B 158 -13.34 -16.62 23.19
C ARG B 158 -13.61 -18.10 23.08
N MET B 159 -13.74 -18.77 24.21
CA MET B 159 -13.98 -20.20 24.27
C MET B 159 -15.41 -20.52 24.74
N TYR B 160 -16.03 -21.51 24.10
CA TYR B 160 -17.35 -21.97 24.43
C TYR B 160 -17.32 -23.48 24.38
N VAL B 161 -18.35 -24.10 24.90
CA VAL B 161 -18.48 -25.53 24.82
C VAL B 161 -19.94 -25.70 24.45
N ALA B 162 -20.21 -26.44 23.39
CA ALA B 162 -21.57 -26.64 22.93
C ALA B 162 -21.94 -28.08 22.86
N VAL B 163 -23.20 -28.35 23.17
CA VAL B 163 -23.74 -29.69 23.19
C VAL B 163 -24.77 -29.76 22.09
N TRP B 164 -24.55 -30.68 21.15
CA TRP B 164 -25.46 -30.90 20.05
C TRP B 164 -26.62 -31.77 20.51
N THR B 165 -27.82 -31.29 20.25
CA THR B 165 -29.08 -31.98 20.50
C THR B 165 -29.57 -32.06 19.07
N PRO B 166 -30.46 -32.99 18.76
CA PRO B 166 -30.91 -33.05 17.36
C PRO B 166 -31.64 -31.78 16.82
N TYR B 167 -32.05 -30.88 17.73
CA TYR B 167 -32.72 -29.65 17.33
C TYR B 167 -31.91 -28.48 17.82
N GLY B 168 -30.88 -28.12 17.07
CA GLY B 168 -30.03 -27.02 17.47
C GLY B 168 -29.06 -27.44 18.57
N VAL B 169 -28.37 -26.45 19.14
CA VAL B 169 -27.36 -26.69 20.16
C VAL B 169 -27.53 -25.90 21.45
N LEU B 170 -26.87 -26.37 22.50
CA LEU B 170 -26.89 -25.72 23.78
C LEU B 170 -25.42 -25.35 24.01
N ARG B 171 -25.11 -24.21 24.63
CA ARG B 171 -23.73 -23.82 24.83
C ARG B 171 -23.47 -22.90 25.98
N THR B 172 -22.23 -22.89 26.41
CA THR B 172 -21.78 -22.09 27.55
C THR B 172 -21.97 -20.64 27.32
N SER B 173 -22.06 -19.89 28.40
CA SER B 173 -22.22 -18.48 28.22
C SER B 173 -20.84 -17.85 28.24
N ARG B 174 -20.79 -16.58 27.83
CA ARG B 174 -19.58 -15.80 27.77
C ARG B 174 -18.92 -15.87 29.12
N ASN B 175 -17.64 -16.24 29.08
CA ASN B 175 -16.82 -16.36 30.26
C ASN B 175 -15.45 -15.81 29.90
N PRO B 176 -15.16 -14.56 30.32
CA PRO B 176 -13.88 -13.90 30.06
C PRO B 176 -12.68 -14.64 30.57
N GLU B 177 -12.88 -15.45 31.59
CA GLU B 177 -11.79 -16.18 32.16
C GLU B 177 -11.25 -17.30 31.27
N THR B 178 -12.03 -17.82 30.33
CA THR B 178 -11.56 -18.87 29.42
C THR B 178 -10.96 -18.32 28.09
N ASP B 179 -10.96 -16.99 27.95
CA ASP B 179 -10.38 -16.33 26.75
C ASP B 179 -8.94 -16.81 26.61
N THR B 180 -8.63 -17.32 25.44
CA THR B 180 -7.35 -17.93 25.14
C THR B 180 -6.56 -17.19 24.04
N TYR B 181 -5.33 -16.76 24.32
CA TYR B 181 -4.58 -16.13 23.27
C TYR B 181 -3.89 -17.25 22.53
N ILE B 182 -3.83 -17.13 21.21
CA ILE B 182 -3.17 -18.12 20.37
C ILE B 182 -2.15 -17.35 19.55
N LEU B 183 -0.86 -17.63 19.72
CA LEU B 183 0.17 -16.91 19.02
C LEU B 183 0.95 -17.70 17.96
N PHE B 184 1.86 -17.04 17.25
CA PHE B 184 2.68 -17.69 16.24
C PHE B 184 3.57 -18.63 16.97
N ASN B 185 4.01 -19.67 16.28
CA ASN B 185 4.79 -20.68 16.96
C ASN B 185 6.11 -21.02 16.32
N PRO B 186 7.15 -20.29 16.67
CA PRO B 186 8.47 -20.52 16.15
C PRO B 186 8.99 -21.94 16.46
N TRP B 187 8.38 -22.64 17.40
CA TRP B 187 8.80 -23.99 17.82
C TRP B 187 8.07 -25.12 17.10
N CYS B 188 7.06 -24.80 16.29
CA CYS B 188 6.28 -25.79 15.52
C CYS B 188 6.78 -25.94 14.08
N GLU B 189 7.24 -27.13 13.71
CA GLU B 189 7.78 -27.35 12.38
C GLU B 189 6.87 -27.00 11.22
N ASP B 190 5.56 -26.97 11.44
CA ASP B 190 4.61 -26.66 10.38
C ASP B 190 4.08 -25.23 10.35
N ASP B 191 4.58 -24.39 11.25
CA ASP B 191 4.21 -23.00 11.33
C ASP B 191 5.16 -22.26 10.37
N ALA B 192 4.60 -21.37 9.56
CA ALA B 192 5.38 -20.55 8.64
C ALA B 192 6.52 -19.79 9.30
N VAL B 193 6.42 -19.60 10.60
CA VAL B 193 7.37 -18.85 11.39
C VAL B 193 8.46 -19.75 12.03
N TYR B 194 8.39 -21.06 11.81
CA TYR B 194 9.33 -22.07 12.36
C TYR B 194 10.79 -21.74 12.26
N LEU B 195 11.50 -21.82 13.38
CA LEU B 195 12.92 -21.54 13.49
C LEU B 195 13.52 -22.78 14.14
N ASP B 196 14.47 -23.37 13.44
CA ASP B 196 15.20 -24.60 13.75
C ASP B 196 15.71 -25.00 15.09
N ASN B 197 16.52 -24.12 15.63
CA ASN B 197 17.16 -24.43 16.88
C ASN B 197 16.73 -23.47 17.96
N GLU B 198 16.92 -23.95 19.18
CA GLU B 198 16.58 -23.25 20.40
C GLU B 198 17.40 -22.01 20.68
N LYS B 199 18.67 -22.02 20.33
CA LYS B 199 19.47 -20.83 20.59
C LYS B 199 18.85 -19.62 19.89
N GLU B 200 18.42 -19.78 18.64
CA GLU B 200 17.80 -18.71 17.87
C GLU B 200 16.43 -18.33 18.36
N ARG B 201 15.59 -19.32 18.67
CA ARG B 201 14.28 -18.99 19.17
C ARG B 201 14.43 -18.19 20.45
N GLU B 202 15.29 -18.67 21.33
CA GLU B 202 15.54 -17.99 22.57
C GLU B 202 15.86 -16.53 22.30
N GLU B 203 16.77 -16.29 21.36
CA GLU B 203 17.21 -14.95 21.06
C GLU B 203 16.17 -14.07 20.41
N TYR B 204 15.72 -14.50 19.25
CA TYR B 204 14.78 -13.77 18.43
C TYR B 204 13.33 -13.78 18.86
N VAL B 205 12.99 -14.62 19.84
CA VAL B 205 11.61 -14.68 20.30
C VAL B 205 11.42 -14.34 21.75
N LEU B 206 12.20 -15.01 22.59
CA LEU B 206 12.13 -14.92 24.05
C LEU B 206 12.94 -13.84 24.78
N ASN B 207 14.00 -13.33 24.17
CA ASN B 207 14.81 -12.32 24.82
C ASN B 207 14.06 -11.03 24.76
N ASP B 208 13.94 -10.37 25.89
CA ASP B 208 13.20 -9.15 25.89
C ASP B 208 14.03 -7.96 26.08
N ILE B 209 15.34 -8.11 25.92
CA ILE B 209 16.24 -6.95 26.00
C ILE B 209 17.12 -6.97 24.76
N GLY B 210 17.20 -5.85 24.05
CA GLY B 210 18.05 -5.82 22.87
C GLY B 210 19.23 -4.86 22.99
N VAL B 211 19.95 -4.68 21.91
CA VAL B 211 21.08 -3.79 21.89
C VAL B 211 20.95 -3.14 20.52
N ILE B 212 21.09 -1.82 20.50
CA ILE B 212 20.95 -1.11 19.27
C ILE B 212 22.29 -0.57 18.95
N PHE B 213 22.69 -0.68 17.69
CA PHE B 213 23.98 -0.19 17.26
C PHE B 213 23.88 1.10 16.52
N TYR B 214 24.71 2.06 16.91
CA TYR B 214 24.71 3.34 16.27
C TYR B 214 26.12 3.87 16.09
N GLY B 215 26.29 5.18 15.96
CA GLY B 215 27.64 5.70 15.77
C GLY B 215 28.04 5.79 14.32
N GLU B 216 29.21 5.28 13.99
CA GLU B 216 29.61 5.29 12.60
C GLU B 216 30.48 4.07 12.37
N VAL B 217 30.65 3.62 11.15
CA VAL B 217 31.38 2.37 10.92
C VAL B 217 32.78 2.25 11.58
N ASN B 218 33.49 3.35 11.77
CA ASN B 218 34.83 3.28 12.40
C ASN B 218 34.74 3.55 13.90
N ASP B 219 33.52 3.56 14.40
CA ASP B 219 33.25 3.84 15.81
C ASP B 219 31.79 3.45 16.18
N ILE B 220 31.58 2.13 16.26
CA ILE B 220 30.30 1.49 16.56
C ILE B 220 29.86 1.70 18.00
N LYS B 221 28.71 2.35 18.20
CA LYS B 221 28.21 2.55 19.54
C LYS B 221 27.08 1.54 19.76
N THR B 222 26.85 1.20 21.03
CA THR B 222 25.78 0.29 21.43
C THR B 222 25.07 0.90 22.63
N ARG B 223 23.83 0.50 22.80
CA ARG B 223 23.01 0.97 23.89
C ARG B 223 21.94 -0.11 24.00
N SER B 224 21.39 -0.30 25.20
CA SER B 224 20.37 -1.31 25.42
C SER B 224 18.98 -0.76 25.16
N TRP B 225 18.10 -1.63 24.72
CA TRP B 225 16.71 -1.29 24.48
C TRP B 225 15.82 -2.36 25.11
N SER B 226 14.80 -1.90 25.82
CA SER B 226 13.83 -2.80 26.44
C SER B 226 12.67 -3.17 25.50
N TYR B 227 12.62 -4.42 25.05
CA TYR B 227 11.54 -4.89 24.17
C TYR B 227 10.28 -5.04 25.00
N GLY B 228 10.45 -5.66 26.19
CA GLY B 228 9.41 -5.90 27.19
C GLY B 228 8.15 -6.48 26.64
N GLN B 229 8.27 -7.48 25.77
CA GLN B 229 7.10 -8.08 25.12
C GLN B 229 6.21 -8.85 26.03
N PHE B 230 6.76 -9.22 27.19
CA PHE B 230 6.03 -9.98 28.21
C PHE B 230 5.49 -9.15 29.35
N GLU B 231 5.78 -7.85 29.37
CA GLU B 231 5.32 -6.97 30.45
C GLU B 231 3.85 -6.82 30.39
N ASP B 232 3.24 -6.51 31.52
CA ASP B 232 1.82 -6.36 31.62
C ASP B 232 1.31 -5.31 30.62
N GLY B 233 0.32 -5.71 29.84
CA GLY B 233 -0.26 -4.80 28.87
C GLY B 233 0.18 -4.88 27.43
N ILE B 234 1.40 -5.32 27.17
CA ILE B 234 1.93 -5.36 25.83
C ILE B 234 1.25 -6.30 24.85
N LEU B 235 0.91 -7.50 25.25
CA LEU B 235 0.26 -8.40 24.30
C LEU B 235 -1.02 -7.78 23.80
N ASP B 236 -1.81 -7.27 24.73
CA ASP B 236 -3.08 -6.67 24.35
C ASP B 236 -2.91 -5.45 23.47
N THR B 237 -1.83 -4.69 23.69
CA THR B 237 -1.55 -3.51 22.88
C THR B 237 -1.20 -3.86 21.43
N CYS B 238 -0.54 -5.00 21.22
CA CYS B 238 -0.19 -5.45 19.89
C CYS B 238 -1.48 -5.80 19.17
N LEU B 239 -2.43 -6.40 19.89
CA LEU B 239 -3.76 -6.75 19.34
C LEU B 239 -4.50 -5.44 19.05
N TYR B 240 -4.35 -4.45 19.93
CA TYR B 240 -4.95 -3.13 19.76
C TYR B 240 -4.34 -2.40 18.50
N VAL B 241 -3.03 -2.49 18.28
CA VAL B 241 -2.44 -1.88 17.10
C VAL B 241 -3.13 -2.44 15.89
N MET B 242 -3.23 -3.75 15.78
CA MET B 242 -3.91 -4.33 14.63
C MET B 242 -5.33 -3.88 14.54
N ASP B 243 -6.00 -3.69 15.67
CA ASP B 243 -7.40 -3.25 15.62
C ASP B 243 -7.52 -1.82 15.12
N ARG B 244 -6.62 -0.97 15.56
CA ARG B 244 -6.58 0.41 15.11
C ARG B 244 -6.31 0.51 13.58
N ALA B 245 -5.61 -0.48 13.00
CA ALA B 245 -5.31 -0.58 11.53
C ALA B 245 -6.45 -1.28 10.81
N GLN B 246 -7.51 -1.64 11.57
CA GLN B 246 -8.69 -2.37 11.07
C GLN B 246 -8.25 -3.57 10.30
N MET B 247 -7.28 -4.30 10.86
CA MET B 247 -6.76 -5.47 10.18
C MET B 247 -7.70 -6.65 10.23
N ASP B 248 -8.10 -7.04 9.02
CA ASP B 248 -8.97 -8.17 8.79
C ASP B 248 -8.42 -9.28 9.65
N LEU B 249 -9.27 -9.81 10.48
CA LEU B 249 -8.90 -10.88 11.35
C LEU B 249 -8.43 -12.07 10.58
N SER B 250 -8.93 -12.32 9.39
CA SER B 250 -8.43 -13.50 8.73
C SER B 250 -7.08 -13.32 8.10
N GLY B 251 -6.46 -12.19 8.35
CA GLY B 251 -5.13 -11.96 7.84
C GLY B 251 -4.12 -11.95 8.95
N ARG B 252 -4.60 -12.03 10.18
CA ARG B 252 -3.72 -12.02 11.33
C ARG B 252 -3.03 -13.34 11.59
N GLY B 253 -3.38 -14.36 10.80
CA GLY B 253 -2.69 -15.64 10.87
C GLY B 253 -1.52 -15.64 9.87
N ASN B 254 -1.45 -14.66 8.94
CA ASN B 254 -0.36 -14.52 7.93
C ASN B 254 0.79 -13.62 8.48
N PRO B 255 1.97 -14.19 8.77
CA PRO B 255 3.01 -13.32 9.31
C PRO B 255 3.49 -12.33 8.36
N ILE B 256 3.34 -12.60 7.07
CA ILE B 256 3.79 -11.66 6.07
C ILE B 256 2.89 -10.46 6.15
N LYS B 257 1.59 -10.71 6.29
CA LYS B 257 0.63 -9.63 6.38
C LYS B 257 0.71 -8.86 7.69
N VAL B 258 0.94 -9.54 8.81
CA VAL B 258 1.09 -8.93 10.12
C VAL B 258 2.26 -7.96 10.07
N SER B 259 3.37 -8.40 9.48
CA SER B 259 4.56 -7.54 9.33
C SER B 259 4.26 -6.33 8.42
N ARG B 260 3.62 -6.58 7.30
CA ARG B 260 3.27 -5.55 6.35
C ARG B 260 2.37 -4.44 6.95
N VAL B 261 1.36 -4.88 7.69
CA VAL B 261 0.39 -3.99 8.33
C VAL B 261 0.92 -3.43 9.64
N GLY B 262 1.59 -4.26 10.43
CA GLY B 262 2.11 -3.74 11.68
C GLY B 262 3.13 -2.63 11.49
N SER B 263 4.06 -2.80 10.56
CA SER B 263 5.11 -1.77 10.35
C SER B 263 4.51 -0.49 9.84
N ALA B 264 3.50 -0.60 9.02
CA ALA B 264 2.85 0.55 8.48
C ALA B 264 2.17 1.32 9.64
N MET B 265 1.95 0.67 10.78
CA MET B 265 1.31 1.31 11.91
C MET B 265 2.26 2.00 12.86
N VAL B 266 3.53 1.69 12.73
CA VAL B 266 4.53 2.25 13.59
C VAL B 266 4.70 3.73 13.42
N ASN B 267 4.81 4.19 12.18
CA ASN B 267 4.98 5.62 11.94
C ASN B 267 3.64 6.26 11.77
N ALA B 268 3.45 7.32 12.53
CA ALA B 268 2.22 8.03 12.57
C ALA B 268 2.09 9.00 11.46
N LYS B 269 1.09 8.78 10.63
CA LYS B 269 0.77 9.67 9.53
C LYS B 269 -0.45 10.39 10.10
N ASP B 270 -0.26 11.67 10.38
CA ASP B 270 -1.33 12.48 10.93
C ASP B 270 -1.66 11.96 12.31
N ASP B 271 -2.90 11.53 12.52
CA ASP B 271 -3.28 11.04 13.83
C ASP B 271 -3.66 9.57 13.94
N GLU B 272 -2.98 8.75 13.14
CA GLU B 272 -3.11 7.29 13.08
C GLU B 272 -1.66 6.83 13.09
N GLY B 273 -1.32 5.92 13.99
CA GLY B 273 0.05 5.44 14.07
C GLY B 273 0.60 5.49 15.48
N VAL B 274 1.59 4.67 15.79
CA VAL B 274 2.12 4.66 17.14
C VAL B 274 3.05 5.85 17.48
N LEU B 275 3.95 6.18 16.57
CA LEU B 275 4.90 7.26 16.77
C LEU B 275 4.99 8.34 15.67
N VAL B 276 5.13 9.57 16.13
CA VAL B 276 5.27 10.72 15.27
C VAL B 276 6.77 10.79 15.10
N GLY B 277 7.24 10.67 13.89
CA GLY B 277 8.66 10.77 13.70
C GLY B 277 9.09 12.23 13.63
N SER B 278 10.25 12.54 14.17
CA SER B 278 10.69 13.90 14.07
C SER B 278 12.15 13.90 14.16
N TRP B 279 12.78 14.73 13.33
CA TRP B 279 14.21 14.85 13.34
C TRP B 279 14.65 16.31 13.44
N ASP B 280 13.99 17.12 14.29
CA ASP B 280 14.37 18.53 14.44
C ASP B 280 15.26 19.04 15.59
N ASN B 281 15.90 18.17 16.36
CA ASN B 281 16.80 18.54 17.45
C ASN B 281 16.22 19.37 18.60
N ILE B 282 14.93 19.68 18.55
CA ILE B 282 14.26 20.50 19.59
C ILE B 282 13.16 19.77 20.41
N TYR B 283 12.26 19.09 19.69
CA TYR B 283 11.15 18.27 20.25
C TYR B 283 10.23 18.96 21.24
N ALA B 284 9.74 20.12 20.83
CA ALA B 284 8.89 20.99 21.65
C ALA B 284 7.77 20.42 22.52
N TYR B 285 6.93 19.53 21.98
CA TYR B 285 5.86 18.98 22.82
C TYR B 285 5.78 17.47 22.97
N GLY B 286 6.96 16.86 23.05
CA GLY B 286 7.02 15.44 23.20
C GLY B 286 8.28 15.10 23.91
N VAL B 287 8.66 13.85 23.74
CA VAL B 287 9.83 13.30 24.38
C VAL B 287 10.85 13.13 23.28
N PRO B 288 12.10 13.55 23.48
CA PRO B 288 13.08 13.37 22.41
C PRO B 288 13.31 11.87 22.11
N PRO B 289 13.36 11.47 20.82
CA PRO B 289 13.58 10.08 20.43
C PRO B 289 14.74 9.45 21.15
N SER B 290 15.67 10.29 21.60
CA SER B 290 16.87 9.84 22.28
C SER B 290 16.67 9.49 23.73
N ALA B 291 15.57 9.97 24.28
CA ALA B 291 15.21 9.77 25.67
C ALA B 291 14.68 8.41 25.95
N TRP B 292 13.87 7.87 25.04
CA TRP B 292 13.27 6.55 25.23
C TRP B 292 14.28 5.46 25.54
N THR B 293 13.91 4.59 26.47
CA THR B 293 14.75 3.46 26.88
C THR B 293 14.18 2.13 26.34
N GLY B 294 12.93 2.12 25.90
CA GLY B 294 12.32 0.91 25.42
C GLY B 294 10.93 1.16 24.86
N SER B 295 10.24 0.10 24.42
CA SER B 295 8.94 0.18 23.82
C SER B 295 7.81 0.23 24.77
N VAL B 296 8.06 -0.21 25.98
CA VAL B 296 7.00 -0.32 26.94
C VAL B 296 6.22 0.94 27.16
N ASP B 297 6.86 1.96 27.68
CA ASP B 297 6.11 3.16 27.94
C ASP B 297 5.50 3.76 26.70
N ILE B 298 6.10 3.53 25.54
CA ILE B 298 5.57 4.07 24.28
C ILE B 298 4.31 3.35 23.85
N LEU B 299 4.29 2.01 23.92
CA LEU B 299 3.10 1.25 23.51
C LEU B 299 1.96 1.45 24.48
N LEU B 300 2.27 1.56 25.76
CA LEU B 300 1.23 1.79 26.76
C LEU B 300 0.62 3.21 26.66
N GLU B 301 1.43 4.22 26.28
CA GLU B 301 0.96 5.62 26.05
C GLU B 301 0.05 5.62 24.82
N TYR B 302 0.53 5.04 23.73
CA TYR B 302 -0.28 4.95 22.56
C TYR B 302 -1.64 4.32 22.96
N ARG B 303 -1.67 3.27 23.76
CA ARG B 303 -2.93 2.62 24.17
C ARG B 303 -3.84 3.45 25.08
N SER B 304 -3.26 4.13 26.06
CA SER B 304 -4.04 4.96 26.96
C SER B 304 -4.66 6.11 26.21
N SER B 305 -3.78 6.96 25.67
CA SER B 305 -4.14 8.15 24.94
C SER B 305 -4.85 7.89 23.66
N GLU B 306 -4.55 6.75 23.06
CA GLU B 306 -5.16 6.33 21.80
C GLU B 306 -4.75 7.22 20.66
N ASN B 307 -3.63 7.91 20.82
CA ASN B 307 -3.09 8.86 19.84
C ASN B 307 -1.61 8.59 19.71
N PRO B 308 -0.99 9.14 18.67
CA PRO B 308 0.45 8.96 18.44
C PRO B 308 1.31 9.43 19.61
N VAL B 309 2.46 8.79 19.76
CA VAL B 309 3.41 9.15 20.80
C VAL B 309 4.50 9.95 20.06
N ARG B 310 4.89 11.08 20.68
CA ARG B 310 5.88 11.97 20.16
C ARG B 310 7.12 11.81 21.02
N TYR B 311 8.29 11.49 20.46
CA TYR B 311 8.50 11.25 19.03
C TYR B 311 9.47 10.08 18.83
N GLY B 312 9.68 9.68 17.58
CA GLY B 312 10.62 8.61 17.32
C GLY B 312 11.51 8.96 16.14
N GLN B 313 12.55 8.15 15.96
CA GLN B 313 13.51 8.26 14.86
C GLN B 313 13.70 6.79 14.46
N CYS B 314 14.60 6.44 13.54
CA CYS B 314 14.60 5.05 13.06
C CYS B 314 14.69 3.86 14.01
N TRP B 315 15.61 3.96 14.97
CA TRP B 315 15.84 2.94 15.95
C TRP B 315 14.71 2.82 16.92
N VAL B 316 13.94 3.89 17.09
CA VAL B 316 12.83 3.87 17.99
C VAL B 316 11.71 3.13 17.28
N PHE B 317 11.47 3.42 16.00
CA PHE B 317 10.44 2.70 15.24
C PHE B 317 10.79 1.22 15.28
N ALA B 318 12.07 0.90 15.07
CA ALA B 318 12.58 -0.47 15.06
C ALA B 318 12.43 -1.15 16.40
N GLY B 319 12.59 -0.40 17.47
CA GLY B 319 12.49 -0.98 18.78
C GLY B 319 11.08 -1.37 19.05
N VAL B 320 10.17 -0.45 18.84
CA VAL B 320 8.76 -0.74 19.01
C VAL B 320 8.24 -1.87 18.09
N PHE B 321 8.69 -1.93 16.85
CA PHE B 321 8.27 -2.96 15.91
C PHE B 321 8.82 -4.35 16.29
N ASN B 322 10.02 -4.36 16.83
CA ASN B 322 10.63 -5.60 17.25
C ASN B 322 9.81 -6.18 18.42
N THR B 323 9.34 -5.33 19.35
CA THR B 323 8.51 -5.76 20.47
C THR B 323 7.25 -6.40 19.93
N PHE B 324 6.64 -5.69 18.98
CA PHE B 324 5.40 -6.10 18.32
C PHE B 324 5.57 -7.47 17.75
N LEU B 325 6.64 -7.66 16.98
CA LEU B 325 6.95 -8.94 16.37
C LEU B 325 7.22 -10.05 17.36
N ARG B 326 8.17 -9.86 18.25
CA ARG B 326 8.43 -10.89 19.23
C ARG B 326 7.24 -11.20 20.13
N CYS B 327 6.37 -10.20 20.40
CA CYS B 327 5.20 -10.38 21.27
C CYS B 327 4.16 -11.30 20.64
N LEU B 328 3.98 -11.21 19.32
CA LEU B 328 3.02 -12.05 18.63
C LEU B 328 3.58 -13.44 18.36
N GLY B 329 4.90 -13.55 18.33
CA GLY B 329 5.53 -14.83 18.16
C GLY B 329 6.33 -14.93 16.92
N ILE B 330 6.57 -13.81 16.27
CA ILE B 330 7.33 -13.81 15.04
C ILE B 330 8.77 -13.49 15.39
N PRO B 331 9.72 -14.40 15.07
CA PRO B 331 11.10 -14.09 15.40
C PRO B 331 11.51 -12.80 14.74
N ALA B 332 12.24 -11.96 15.44
CA ALA B 332 12.65 -10.69 14.87
C ALA B 332 13.93 -10.19 15.51
N ARG B 333 14.61 -9.30 14.79
CA ARG B 333 15.86 -8.64 15.23
C ARG B 333 16.02 -7.28 14.58
N ILE B 334 16.83 -6.42 15.17
CA ILE B 334 17.03 -5.08 14.64
C ILE B 334 18.36 -5.14 13.98
N VAL B 335 18.49 -4.55 12.79
CA VAL B 335 19.76 -4.52 12.07
C VAL B 335 20.20 -3.05 11.87
N THR B 336 21.51 -2.77 11.91
CA THR B 336 21.99 -1.42 11.68
C THR B 336 22.85 -1.39 10.41
N ASN B 337 22.52 -0.54 9.42
CA ASN B 337 23.28 -0.42 8.17
C ASN B 337 24.07 0.84 8.31
N TYR B 338 25.39 0.75 8.16
CA TYR B 338 26.23 1.90 8.25
C TYR B 338 26.40 2.51 6.90
N PHE B 339 26.18 3.81 6.83
CA PHE B 339 26.19 4.61 5.61
C PHE B 339 25.04 4.09 4.82
N SER B 340 23.86 4.55 5.20
CA SER B 340 22.63 4.09 4.58
C SER B 340 22.09 5.07 3.52
N ALA B 341 21.79 4.58 2.31
CA ALA B 341 21.19 5.46 1.28
C ALA B 341 19.64 5.39 1.34
N HIS B 342 19.07 6.18 2.24
CA HIS B 342 17.64 6.18 2.46
C HIS B 342 17.05 7.22 1.52
N ASP B 343 15.78 7.11 1.17
CA ASP B 343 15.15 8.06 0.23
C ASP B 343 15.82 7.99 -1.16
N ASN B 344 16.17 6.78 -1.55
CA ASN B 344 16.84 6.49 -2.79
C ASN B 344 16.01 6.44 -4.07
N ASP B 345 14.70 6.14 -3.98
CA ASP B 345 13.81 6.08 -5.15
C ASP B 345 14.25 4.96 -6.09
N ALA B 346 14.87 3.95 -5.51
CA ALA B 346 15.42 2.82 -6.24
C ALA B 346 16.69 3.21 -7.03
N ASN B 347 17.14 4.46 -6.92
CA ASN B 347 18.39 4.88 -7.60
C ASN B 347 19.58 4.37 -6.84
N LEU B 348 20.53 3.83 -7.58
CA LEU B 348 21.76 3.28 -7.02
C LEU B 348 22.86 4.31 -7.13
N GLN B 349 22.49 5.57 -7.20
CA GLN B 349 23.46 6.62 -7.32
C GLN B 349 23.19 7.83 -6.45
N MET B 350 24.14 8.11 -5.58
CA MET B 350 24.06 9.22 -4.66
C MET B 350 25.09 10.28 -5.15
N ASP B 351 24.58 11.49 -5.35
CA ASP B 351 25.37 12.57 -5.87
C ASP B 351 26.05 13.55 -4.96
N ILE B 352 27.25 13.89 -5.36
CA ILE B 352 28.03 14.88 -4.70
C ILE B 352 28.47 15.77 -5.85
N PHE B 353 28.06 17.02 -5.83
CA PHE B 353 28.45 17.99 -6.89
C PHE B 353 29.67 18.83 -6.46
N LEU B 354 30.69 18.86 -7.32
CA LEU B 354 31.93 19.58 -7.09
C LEU B 354 32.01 20.79 -8.01
N GLU B 355 32.72 21.82 -7.59
CA GLU B 355 32.94 23.03 -8.37
C GLU B 355 34.15 22.74 -9.26
N GLU B 356 34.42 23.59 -10.25
CA GLU B 356 35.56 23.40 -11.17
C GLU B 356 36.93 23.29 -10.51
N ASP B 357 37.12 23.99 -9.40
CA ASP B 357 38.39 23.93 -8.70
C ASP B 357 38.55 22.70 -7.81
N GLY B 358 37.50 21.90 -7.67
CA GLY B 358 37.55 20.70 -6.86
C GLY B 358 36.74 20.74 -5.56
N ASN B 359 36.39 21.94 -5.12
CA ASN B 359 35.61 22.08 -3.91
C ASN B 359 34.25 21.42 -3.99
N VAL B 360 33.67 21.12 -2.85
CA VAL B 360 32.36 20.51 -2.88
C VAL B 360 31.39 21.64 -3.03
N ASN B 361 30.39 21.42 -3.86
CA ASN B 361 29.33 22.40 -4.06
C ASN B 361 28.16 22.01 -3.15
N SER B 362 28.02 22.74 -2.05
CA SER B 362 27.00 22.46 -1.07
C SER B 362 25.63 22.95 -1.41
N LYS B 363 25.46 23.77 -2.43
CA LYS B 363 24.10 24.15 -2.77
C LYS B 363 23.48 23.03 -3.62
N LEU B 364 24.29 22.41 -4.46
CA LEU B 364 23.81 21.32 -5.30
C LEU B 364 23.80 19.97 -4.59
N THR B 365 24.66 19.77 -3.61
CA THR B 365 24.69 18.49 -2.90
C THR B 365 23.67 18.43 -1.78
N LYS B 366 22.47 17.96 -2.09
CA LYS B 366 21.43 17.89 -1.08
C LYS B 366 21.09 16.50 -0.62
N ASP B 367 21.63 15.50 -1.28
CA ASP B 367 21.39 14.12 -0.87
C ASP B 367 22.42 13.85 0.20
N SER B 368 22.00 13.14 1.23
CA SER B 368 22.90 12.83 2.33
C SER B 368 22.85 11.36 2.59
N VAL B 369 23.97 10.80 3.02
CA VAL B 369 24.07 9.38 3.40
C VAL B 369 23.97 9.37 4.94
N TRP B 370 23.16 8.45 5.49
CA TRP B 370 22.98 8.33 6.94
C TRP B 370 24.18 7.62 7.52
N ASN B 371 24.70 8.13 8.64
CA ASN B 371 25.84 7.50 9.29
C ASN B 371 25.44 6.08 9.53
N TYR B 372 24.21 5.89 9.98
CA TYR B 372 23.65 4.56 10.19
C TYR B 372 22.14 4.70 10.07
N HIS B 373 21.51 3.56 9.85
CA HIS B 373 20.06 3.49 9.76
C HIS B 373 19.59 2.10 10.23
N CYS B 374 18.59 2.06 11.11
CA CYS B 374 18.06 0.83 11.65
C CYS B 374 16.75 0.38 11.06
N TRP B 375 16.59 -0.93 10.90
CA TRP B 375 15.34 -1.53 10.44
C TRP B 375 15.20 -2.87 11.11
N ASN B 376 14.15 -3.61 10.83
CA ASN B 376 13.96 -4.88 11.47
C ASN B 376 14.00 -6.01 10.47
N GLU B 377 14.17 -7.23 11.00
CA GLU B 377 14.14 -8.44 10.22
C GLU B 377 13.17 -9.30 10.96
N ALA B 378 12.27 -9.93 10.23
CA ALA B 378 11.25 -10.80 10.76
C ALA B 378 11.47 -12.11 10.00
N TRP B 379 11.41 -13.25 10.70
CA TRP B 379 11.67 -14.57 10.12
C TRP B 379 10.39 -15.30 9.75
N MET B 380 10.25 -15.75 8.51
CA MET B 380 9.07 -16.51 8.07
C MET B 380 9.31 -17.13 6.70
N THR B 381 8.49 -18.11 6.33
CA THR B 381 8.62 -18.71 5.01
C THR B 381 7.97 -17.71 4.10
N ARG B 382 8.26 -17.80 2.80
CA ARG B 382 7.69 -16.95 1.77
C ARG B 382 7.14 -17.84 0.66
N PRO B 383 5.93 -18.40 0.87
CA PRO B 383 5.17 -19.30 0.01
C PRO B 383 4.71 -18.63 -1.24
N ASP B 384 4.63 -17.30 -1.19
CA ASP B 384 4.20 -16.46 -2.31
C ASP B 384 5.33 -16.24 -3.31
N LEU B 385 6.56 -16.55 -2.90
CA LEU B 385 7.71 -16.34 -3.72
C LEU B 385 8.29 -17.67 -4.08
N PRO B 386 9.14 -17.70 -5.10
CA PRO B 386 9.76 -18.99 -5.46
C PRO B 386 10.58 -19.46 -4.27
N VAL B 387 10.94 -20.74 -4.28
CA VAL B 387 11.71 -21.33 -3.19
C VAL B 387 13.06 -20.62 -2.96
N GLY B 388 13.44 -20.53 -1.70
CA GLY B 388 14.71 -19.94 -1.35
C GLY B 388 14.68 -18.54 -0.81
N PHE B 389 13.52 -17.92 -0.79
CA PHE B 389 13.49 -16.56 -0.33
C PHE B 389 12.88 -16.41 1.02
N GLY B 390 12.83 -17.50 1.75
CA GLY B 390 12.30 -17.45 3.09
C GLY B 390 13.42 -17.03 4.03
N GLY B 391 13.17 -17.09 5.34
CA GLY B 391 14.17 -16.70 6.31
C GLY B 391 13.89 -15.28 6.72
N TRP B 392 14.94 -14.49 6.96
CA TRP B 392 14.83 -13.09 7.36
C TRP B 392 14.24 -12.28 6.26
N GLN B 393 13.30 -11.44 6.63
CA GLN B 393 12.62 -10.56 5.69
C GLN B 393 12.90 -9.16 6.17
N ALA B 394 13.38 -8.26 5.34
CA ALA B 394 13.68 -6.92 5.81
C ALA B 394 12.44 -6.07 5.80
N VAL B 395 12.17 -5.39 6.90
CA VAL B 395 11.00 -4.53 6.97
C VAL B 395 11.48 -3.26 7.60
N ASP B 396 11.30 -2.14 6.96
CA ASP B 396 11.73 -0.87 7.53
C ASP B 396 10.51 0.03 7.73
N SER B 397 10.17 0.32 8.98
CA SER B 397 9.05 1.16 9.29
C SER B 397 9.33 2.65 9.19
N THR B 398 10.57 3.00 8.89
CA THR B 398 10.93 4.41 8.68
C THR B 398 10.54 4.67 7.21
N PRO B 399 9.57 5.56 6.95
CA PRO B 399 9.20 5.78 5.55
C PRO B 399 10.15 6.42 4.57
N GLN B 400 9.91 6.06 3.31
CA GLN B 400 10.62 6.63 2.20
C GLN B 400 9.71 6.43 1.01
N GLU B 401 9.96 7.14 -0.09
CA GLU B 401 9.13 7.00 -1.28
C GLU B 401 9.31 5.68 -1.93
N ASN B 402 8.25 4.86 -1.90
CA ASN B 402 8.24 3.54 -2.53
C ASN B 402 7.28 3.53 -3.72
N SER B 403 6.88 2.37 -4.24
CA SER B 403 6.00 2.33 -5.41
C SER B 403 4.67 2.93 -5.13
N ASP B 404 4.30 2.97 -3.85
CA ASP B 404 2.98 3.45 -3.49
C ASP B 404 2.88 4.88 -3.01
N GLY B 405 3.91 5.30 -2.29
CA GLY B 405 3.95 6.64 -1.74
C GLY B 405 5.01 6.71 -0.67
N MET B 406 4.82 7.61 0.28
CA MET B 406 5.79 7.73 1.35
C MET B 406 5.37 6.71 2.43
N TYR B 407 5.98 5.52 2.46
CA TYR B 407 5.58 4.48 3.40
C TYR B 407 6.76 3.64 3.73
N ARG B 408 6.56 2.75 4.69
CA ARG B 408 7.56 1.79 5.13
C ARG B 408 7.78 0.83 3.99
N CYS B 409 8.83 0.05 4.11
CA CYS B 409 9.12 -0.88 3.07
C CYS B 409 9.33 -2.29 3.61
N GLY B 410 8.79 -3.30 2.92
CA GLY B 410 8.99 -4.65 3.34
C GLY B 410 7.69 -5.29 3.68
N PRO B 411 7.71 -6.56 4.06
CA PRO B 411 8.92 -7.39 4.17
C PRO B 411 9.54 -7.76 2.85
N ALA B 412 10.87 -7.67 2.73
CA ALA B 412 11.51 -8.05 1.48
C ALA B 412 12.50 -9.13 1.77
N SER B 413 12.33 -10.23 1.07
CA SER B 413 13.20 -11.34 1.27
C SER B 413 14.60 -10.84 1.22
N VAL B 414 15.36 -11.07 2.28
CA VAL B 414 16.75 -10.64 2.31
C VAL B 414 17.57 -11.46 1.28
N GLN B 415 17.13 -12.68 0.95
CA GLN B 415 17.82 -13.50 -0.07
C GLN B 415 17.57 -12.92 -1.45
N ALA B 416 16.42 -12.28 -1.65
CA ALA B 416 16.10 -11.67 -2.95
C ALA B 416 16.94 -10.42 -3.18
N ILE B 417 17.17 -9.66 -2.12
CA ILE B 417 17.97 -8.44 -2.18
C ILE B 417 19.39 -8.85 -2.55
N LYS B 418 19.95 -9.84 -1.85
CA LYS B 418 21.32 -10.31 -2.14
C LYS B 418 21.50 -10.75 -3.59
N HIS B 419 20.51 -11.39 -4.18
CA HIS B 419 20.64 -11.82 -5.55
C HIS B 419 20.04 -10.85 -6.51
N GLY B 420 19.64 -9.67 -6.03
CA GLY B 420 19.06 -8.70 -6.93
C GLY B 420 17.73 -9.08 -7.56
N HIS B 421 17.01 -10.06 -6.99
CA HIS B 421 15.67 -10.51 -7.51
C HIS B 421 14.61 -9.60 -6.94
N VAL B 422 14.73 -8.32 -7.27
CA VAL B 422 13.87 -7.29 -6.72
C VAL B 422 12.44 -7.11 -7.26
N CYS B 423 12.02 -7.95 -8.21
CA CYS B 423 10.65 -7.87 -8.72
C CYS B 423 9.67 -8.41 -7.71
N PHE B 424 10.19 -9.23 -6.80
CA PHE B 424 9.40 -9.86 -5.74
C PHE B 424 9.07 -8.96 -4.58
N GLN B 425 7.80 -8.92 -4.22
CA GLN B 425 7.31 -8.05 -3.16
C GLN B 425 8.00 -8.32 -1.81
N PHE B 426 8.11 -7.34 -0.90
CA PHE B 426 7.63 -5.96 -1.04
C PHE B 426 8.75 -4.95 -0.93
N ASP B 427 8.72 -3.95 -1.80
CA ASP B 427 9.69 -2.84 -1.86
C ASP B 427 11.13 -3.24 -1.88
N ALA B 428 11.43 -4.37 -2.49
CA ALA B 428 12.78 -4.87 -2.57
C ALA B 428 13.76 -3.94 -3.29
N PRO B 429 13.30 -3.18 -4.31
CA PRO B 429 14.25 -2.30 -4.96
C PRO B 429 14.72 -1.22 -4.04
N PHE B 430 13.89 -0.81 -3.09
CA PHE B 430 14.26 0.27 -2.21
C PHE B 430 15.24 -0.20 -1.16
N VAL B 431 15.07 -1.39 -0.62
CA VAL B 431 15.99 -1.92 0.37
C VAL B 431 17.35 -2.28 -0.33
N PHE B 432 17.29 -2.80 -1.57
CA PHE B 432 18.49 -3.13 -2.35
C PHE B 432 19.35 -1.86 -2.52
N ALA B 433 18.72 -0.73 -2.81
CA ALA B 433 19.46 0.51 -2.99
C ALA B 433 19.95 1.10 -1.70
N GLU B 434 19.30 0.79 -0.59
CA GLU B 434 19.78 1.28 0.70
C GLU B 434 21.19 0.81 0.94
N VAL B 435 21.42 -0.43 0.55
CA VAL B 435 22.72 -1.04 0.73
C VAL B 435 23.65 -1.05 -0.48
N ASN B 436 23.15 -0.80 -1.68
CA ASN B 436 24.00 -0.87 -2.84
C ASN B 436 24.25 0.43 -3.62
N SER B 437 23.83 1.59 -3.13
CA SER B 437 24.11 2.79 -3.90
C SER B 437 25.59 3.08 -4.01
N ASP B 438 25.91 3.84 -5.06
CA ASP B 438 27.26 4.31 -5.39
C ASP B 438 27.26 5.85 -5.18
N LEU B 439 28.36 6.41 -4.68
CA LEU B 439 28.50 7.87 -4.54
C LEU B 439 29.06 8.35 -5.89
N ILE B 440 28.46 9.35 -6.50
CA ILE B 440 28.97 9.81 -7.79
C ILE B 440 29.43 11.24 -7.62
N TYR B 441 30.71 11.46 -7.83
CA TYR B 441 31.24 12.79 -7.71
C TYR B 441 31.09 13.46 -9.06
N ILE B 442 30.45 14.61 -9.08
CA ILE B 442 30.20 15.24 -10.35
C ILE B 442 30.55 16.67 -10.27
N THR B 443 31.18 17.20 -11.32
CA THR B 443 31.53 18.60 -11.35
C THR B 443 30.43 19.40 -12.04
N ALA B 444 30.00 20.48 -11.41
CA ALA B 444 28.98 21.36 -12.00
C ALA B 444 29.75 22.61 -12.45
N LYS B 445 29.84 22.78 -13.76
CA LYS B 445 30.58 23.88 -14.35
C LYS B 445 29.77 25.18 -14.44
N LYS B 446 30.48 26.32 -14.60
CA LYS B 446 29.84 27.65 -14.71
C LYS B 446 29.03 27.78 -15.96
N ASP B 447 29.29 26.93 -16.94
CA ASP B 447 28.51 26.99 -18.15
C ASP B 447 27.22 26.16 -18.02
N GLY B 448 26.99 25.63 -16.82
CA GLY B 448 25.80 24.84 -16.57
C GLY B 448 25.88 23.33 -16.81
N THR B 449 26.74 22.84 -17.69
CA THR B 449 26.80 21.39 -17.94
C THR B 449 27.50 20.63 -16.82
N HIS B 450 27.37 19.31 -16.81
CA HIS B 450 27.93 18.45 -15.77
C HIS B 450 28.88 17.37 -16.24
N VAL B 451 29.95 17.14 -15.49
CA VAL B 451 30.93 16.10 -15.83
C VAL B 451 31.14 15.13 -14.66
N VAL B 452 31.03 13.82 -14.94
CA VAL B 452 31.21 12.76 -13.94
C VAL B 452 32.69 12.40 -13.70
N GLU B 453 33.18 12.71 -12.51
CA GLU B 453 34.57 12.48 -12.13
C GLU B 453 34.84 11.08 -11.68
N ASN B 454 34.21 10.67 -10.60
CA ASN B 454 34.39 9.32 -10.11
C ASN B 454 33.23 8.75 -9.31
N VAL B 455 33.16 7.41 -9.34
CA VAL B 455 32.15 6.65 -8.63
C VAL B 455 32.82 5.83 -7.50
N ASP B 456 32.42 6.09 -6.26
CA ASP B 456 32.94 5.36 -5.09
C ASP B 456 31.86 4.29 -4.82
N ALA B 457 32.14 3.03 -5.13
CA ALA B 457 31.16 1.97 -4.94
C ALA B 457 31.29 1.27 -3.59
N THR B 458 32.21 1.77 -2.74
CA THR B 458 32.52 1.16 -1.42
C THR B 458 32.08 1.87 -0.11
N HIS B 459 31.25 2.89 -0.20
CA HIS B 459 30.85 3.62 0.96
C HIS B 459 29.58 3.14 1.62
N ILE B 460 28.48 3.15 0.85
CA ILE B 460 27.11 2.76 1.26
C ILE B 460 26.93 1.27 1.57
N GLY B 461 26.31 0.97 2.72
CA GLY B 461 26.12 -0.42 3.15
C GLY B 461 27.44 -1.16 3.39
N LYS B 462 28.41 -0.45 3.96
CA LYS B 462 29.74 -1.02 4.18
C LYS B 462 29.75 -1.96 5.33
N LEU B 463 28.79 -1.82 6.23
CA LEU B 463 28.73 -2.67 7.39
C LEU B 463 27.31 -2.70 7.83
N ILE B 464 26.77 -3.92 7.86
CA ILE B 464 25.40 -4.16 8.33
C ILE B 464 25.55 -5.06 9.53
N VAL B 465 25.05 -4.64 10.68
CA VAL B 465 25.23 -5.34 11.94
C VAL B 465 23.99 -5.66 12.83
N THR B 466 24.08 -6.66 13.69
CA THR B 466 22.96 -7.00 14.57
C THR B 466 23.56 -7.64 15.82
N LYS B 467 22.85 -7.58 16.95
CA LYS B 467 23.32 -8.16 18.22
C LYS B 467 23.52 -9.69 18.12
N GLN B 468 24.52 -10.23 18.84
CA GLN B 468 24.80 -11.69 18.81
C GLN B 468 23.84 -12.52 19.65
N ILE B 469 23.75 -13.81 19.33
CA ILE B 469 22.93 -14.75 20.03
C ILE B 469 23.52 -14.94 21.43
N GLY B 470 24.84 -14.89 21.52
CA GLY B 470 25.46 -14.99 22.84
C GLY B 470 24.99 -13.89 23.82
N GLY B 471 25.62 -12.74 23.73
CA GLY B 471 25.31 -11.61 24.58
C GLY B 471 25.18 -10.32 23.81
N ASP B 472 25.84 -9.26 24.29
CA ASP B 472 25.74 -7.91 23.70
C ASP B 472 26.70 -7.54 22.55
N GLY B 473 27.41 -8.52 22.00
CA GLY B 473 28.38 -8.26 20.93
C GLY B 473 27.77 -8.12 19.57
N MET B 474 28.53 -7.64 18.59
CA MET B 474 27.96 -7.47 17.26
C MET B 474 28.19 -8.54 16.22
N MET B 475 27.12 -8.83 15.51
CA MET B 475 27.16 -9.81 14.46
C MET B 475 27.14 -9.09 13.10
N ASP B 476 28.23 -9.26 12.35
CA ASP B 476 28.37 -8.69 11.03
C ASP B 476 27.60 -9.66 10.16
N ILE B 477 26.58 -9.10 9.53
CA ILE B 477 25.69 -9.81 8.64
C ILE B 477 25.63 -9.14 7.27
N THR B 478 26.66 -8.36 6.90
CA THR B 478 26.70 -7.65 5.60
C THR B 478 26.61 -8.65 4.46
N ASP B 479 27.16 -9.84 4.66
CA ASP B 479 27.18 -10.92 3.66
C ASP B 479 25.82 -11.55 3.37
N THR B 480 24.88 -11.36 4.28
CA THR B 480 23.54 -11.88 4.08
C THR B 480 22.80 -10.96 3.09
N TYR B 481 23.19 -9.67 3.03
CA TYR B 481 22.59 -8.68 2.12
C TYR B 481 23.34 -8.55 0.78
N LYS B 482 24.65 -8.83 0.77
CA LYS B 482 25.42 -8.75 -0.45
C LYS B 482 26.62 -9.63 -0.49
N PHE B 483 26.98 -10.01 -1.71
CA PHE B 483 28.14 -10.83 -1.96
C PHE B 483 29.35 -9.93 -1.85
N GLN B 484 30.51 -10.58 -1.82
CA GLN B 484 31.80 -9.89 -1.73
C GLN B 484 31.93 -8.85 -2.89
N GLU B 485 32.53 -7.70 -2.64
CA GLU B 485 32.69 -6.70 -3.71
C GLU B 485 33.75 -7.09 -4.69
N GLY B 486 33.40 -7.02 -5.97
CA GLY B 486 34.37 -7.37 -6.96
C GLY B 486 34.06 -8.63 -7.73
N GLN B 487 33.74 -9.73 -7.05
CA GLN B 487 33.46 -10.98 -7.77
C GLN B 487 32.07 -11.16 -8.43
N GLU B 488 31.96 -12.13 -9.35
CA GLU B 488 30.74 -12.47 -10.15
C GLU B 488 29.31 -12.40 -9.58
N GLU B 489 29.09 -13.10 -8.46
CA GLU B 489 27.78 -13.14 -7.84
C GLU B 489 27.20 -11.71 -7.65
N GLU B 490 28.03 -10.74 -7.26
CA GLU B 490 27.63 -9.35 -7.05
C GLU B 490 27.29 -8.58 -8.31
N ARG B 491 28.03 -8.83 -9.38
CA ARG B 491 27.81 -8.14 -10.68
C ARG B 491 26.50 -8.65 -11.26
N LEU B 492 26.28 -9.95 -11.09
CA LEU B 492 25.05 -10.58 -11.55
C LEU B 492 23.85 -9.99 -10.77
N ALA B 493 23.91 -10.05 -9.44
CA ALA B 493 22.88 -9.51 -8.58
C ALA B 493 22.53 -8.10 -8.97
N LEU B 494 23.54 -7.32 -9.31
CA LEU B 494 23.34 -5.94 -9.73
C LEU B 494 22.74 -5.93 -11.12
N GLU B 495 23.11 -6.91 -11.93
CA GLU B 495 22.60 -7.00 -13.29
C GLU B 495 21.13 -7.31 -13.24
N THR B 496 20.79 -8.36 -12.51
CA THR B 496 19.39 -8.78 -12.33
C THR B 496 18.53 -7.64 -11.77
N ALA B 497 19.01 -6.94 -10.74
CA ALA B 497 18.25 -5.86 -10.11
C ALA B 497 17.89 -4.74 -11.09
N LEU B 498 18.87 -4.36 -11.88
CA LEU B 498 18.74 -3.31 -12.87
C LEU B 498 17.58 -3.59 -13.83
N MET B 499 17.20 -4.85 -14.00
CA MET B 499 16.12 -5.14 -14.92
C MET B 499 14.78 -5.37 -14.29
N TYR B 500 14.73 -5.19 -12.98
CA TYR B 500 13.51 -5.39 -12.24
C TYR B 500 13.23 -4.29 -11.24
N GLY B 501 13.58 -3.05 -11.55
CA GLY B 501 13.30 -1.98 -10.62
C GLY B 501 14.42 -1.12 -10.03
N ALA B 502 15.66 -1.57 -10.18
CA ALA B 502 16.86 -0.86 -9.71
C ALA B 502 17.29 0.10 -10.81
N LYS B 503 17.70 1.31 -10.45
CA LYS B 503 18.07 2.29 -11.46
C LYS B 503 19.38 3.04 -11.23
N LYS B 504 20.18 3.16 -12.29
CA LYS B 504 21.46 3.91 -12.28
C LYS B 504 21.23 4.93 -13.40
N PRO B 505 20.72 6.14 -13.06
CA PRO B 505 20.44 7.23 -14.02
C PRO B 505 21.56 7.81 -14.88
N LEU B 506 22.80 7.56 -14.50
CA LEU B 506 23.98 8.03 -15.21
C LEU B 506 24.90 6.86 -15.48
N ASN B 507 25.69 6.97 -16.54
CA ASN B 507 26.66 5.93 -16.99
C ASN B 507 28.13 6.22 -16.52
N THR B 508 28.83 5.19 -16.05
CA THR B 508 30.21 5.29 -15.57
C THR B 508 31.18 4.53 -16.47
N SER B 516 44.95 9.23 -13.46
CA SER B 516 46.34 9.74 -13.32
C SER B 516 47.17 8.92 -12.33
N ASN B 517 46.56 7.88 -11.76
CA ASN B 517 47.20 6.97 -10.80
C ASN B 517 47.58 7.52 -9.43
N VAL B 518 46.74 8.38 -8.88
CA VAL B 518 46.93 8.92 -7.55
C VAL B 518 45.71 8.44 -6.76
N ASP B 519 46.00 7.87 -5.60
CA ASP B 519 45.00 7.35 -4.68
C ASP B 519 44.98 8.32 -3.51
N MET B 520 43.91 8.31 -2.76
CA MET B 520 43.89 9.19 -1.64
C MET B 520 42.83 8.70 -0.70
N ASP B 521 43.12 8.71 0.58
CA ASP B 521 42.16 8.31 1.62
C ASP B 521 42.60 9.09 2.86
N PHE B 522 41.77 9.13 3.91
CA PHE B 522 42.14 9.82 5.15
C PHE B 522 41.45 9.19 6.37
N GLU B 523 42.06 9.39 7.54
CA GLU B 523 41.56 8.86 8.79
C GLU B 523 41.26 9.98 9.72
N VAL B 524 40.26 9.77 10.57
CA VAL B 524 39.88 10.78 11.52
C VAL B 524 39.85 10.11 12.88
N GLU B 525 40.59 10.66 13.82
CA GLU B 525 40.68 10.19 15.19
C GLU B 525 39.34 10.39 15.88
N ASN B 526 38.88 9.39 16.62
CA ASN B 526 37.62 9.50 17.33
C ASN B 526 37.94 10.22 18.61
N ALA B 527 37.16 11.21 18.94
CA ALA B 527 37.46 11.98 20.10
C ALA B 527 36.33 11.89 21.06
N VAL B 528 36.60 12.34 22.29
CA VAL B 528 35.61 12.43 23.37
C VAL B 528 35.04 13.86 23.23
N LEU B 529 33.73 14.04 23.42
CA LEU B 529 33.11 15.36 23.28
C LEU B 529 33.91 16.35 24.15
N GLY B 530 34.45 17.39 23.51
CA GLY B 530 35.19 18.38 24.26
C GLY B 530 36.68 18.35 24.01
N LYS B 531 37.16 17.35 23.27
CA LYS B 531 38.59 17.25 23.05
C LYS B 531 38.97 17.51 21.62
N ASP B 532 40.24 17.84 21.45
CA ASP B 532 40.85 18.11 20.17
C ASP B 532 40.97 16.75 19.48
N PHE B 533 41.11 16.75 18.16
CA PHE B 533 41.30 15.50 17.48
C PHE B 533 41.99 15.80 16.22
N LYS B 534 42.56 14.76 15.63
CA LYS B 534 43.22 14.94 14.38
C LYS B 534 42.64 14.13 13.25
N LEU B 535 42.96 14.59 12.06
CA LEU B 535 42.52 14.02 10.81
C LEU B 535 43.83 13.92 10.01
N SER B 536 44.06 12.77 9.37
CA SER B 536 45.28 12.62 8.57
C SER B 536 45.02 12.13 7.15
N ILE B 537 45.42 12.94 6.17
CA ILE B 537 45.22 12.63 4.77
C ILE B 537 46.50 12.09 4.13
N THR B 538 46.37 10.98 3.38
CA THR B 538 47.49 10.38 2.65
C THR B 538 47.21 10.23 1.12
N PHE B 539 48.17 10.64 0.30
CA PHE B 539 48.07 10.56 -1.14
C PHE B 539 49.10 9.57 -1.65
N ARG B 540 48.73 8.64 -2.52
CA ARG B 540 49.72 7.69 -3.04
C ARG B 540 49.82 7.88 -4.55
N ASN B 541 51.01 8.28 -4.99
CA ASN B 541 51.25 8.46 -6.39
C ASN B 541 51.86 7.15 -6.86
N ASN B 542 51.06 6.36 -7.58
CA ASN B 542 51.46 5.04 -8.12
C ASN B 542 52.05 5.14 -9.54
N SER B 543 52.21 6.36 -10.06
CA SER B 543 52.76 6.53 -11.40
C SER B 543 54.19 7.00 -11.31
N HIS B 544 54.77 7.26 -12.48
CA HIS B 544 56.16 7.71 -12.60
C HIS B 544 56.20 9.24 -12.86
N ASN B 545 55.00 9.81 -12.90
CA ASN B 545 54.80 11.23 -13.13
C ASN B 545 54.77 11.95 -11.80
N ARG B 546 55.22 13.20 -11.82
CA ARG B 546 55.20 14.04 -10.63
C ARG B 546 53.99 14.92 -10.87
N TYR B 547 53.16 15.02 -9.84
CA TYR B 547 51.94 15.77 -9.92
C TYR B 547 51.88 16.89 -8.91
N THR B 548 50.94 17.79 -9.11
CA THR B 548 50.69 18.88 -8.20
C THR B 548 49.15 18.86 -7.95
N ILE B 549 48.78 18.83 -6.67
CA ILE B 549 47.39 18.78 -6.26
C ILE B 549 47.02 19.93 -5.35
N THR B 550 45.75 20.22 -5.35
CA THR B 550 45.21 21.20 -4.45
C THR B 550 44.04 20.46 -3.82
N ALA B 551 44.19 20.16 -2.54
CA ALA B 551 43.21 19.42 -1.79
C ALA B 551 42.34 20.38 -0.98
N TYR B 552 41.11 19.98 -0.67
CA TYR B 552 40.18 20.81 0.09
C TYR B 552 39.59 19.99 1.21
N LEU B 553 39.38 20.60 2.35
CA LEU B 553 38.78 19.89 3.46
C LEU B 553 37.62 20.74 3.99
N SER B 554 36.45 20.11 4.07
CA SER B 554 35.26 20.74 4.54
C SER B 554 34.74 19.81 5.59
N ALA B 555 34.55 20.34 6.79
CA ALA B 555 34.09 19.59 7.95
C ALA B 555 32.72 20.22 8.32
N ASN B 556 31.66 19.40 8.35
CA ASN B 556 30.30 19.84 8.60
C ASN B 556 29.81 19.25 9.89
N ILE B 557 28.90 19.95 10.58
CA ILE B 557 28.25 19.48 11.82
C ILE B 557 27.02 18.86 11.22
N THR B 558 26.67 17.65 11.60
CA THR B 558 25.50 17.08 10.95
C THR B 558 24.57 16.32 11.88
N PHE B 559 23.44 15.91 11.29
CA PHE B 559 22.49 15.08 11.95
C PHE B 559 22.92 13.63 11.68
N TYR B 560 22.45 12.63 12.43
CA TYR B 560 22.90 11.24 12.17
C TYR B 560 22.58 10.78 10.79
N THR B 561 21.55 11.43 10.24
CA THR B 561 21.03 11.21 8.89
C THR B 561 21.92 11.79 7.78
N GLY B 562 23.00 12.46 8.17
CA GLY B 562 23.91 13.03 7.20
C GLY B 562 23.56 14.43 6.79
N VAL B 563 22.43 14.96 7.21
CA VAL B 563 22.02 16.30 6.84
C VAL B 563 22.92 17.28 7.59
N PRO B 564 23.70 18.10 6.84
CA PRO B 564 24.61 19.06 7.47
C PRO B 564 23.95 20.33 7.92
N LYS B 565 24.40 20.88 9.05
CA LYS B 565 23.88 22.15 9.54
C LYS B 565 24.84 23.29 9.29
N ALA B 566 26.14 23.10 9.49
CA ALA B 566 27.12 24.17 9.25
C ALA B 566 28.52 23.66 8.96
N GLU B 567 29.30 24.39 8.16
CA GLU B 567 30.69 23.97 7.90
C GLU B 567 31.43 24.60 9.04
N PHE B 568 32.10 23.79 9.86
CA PHE B 568 32.83 24.30 11.04
C PHE B 568 34.33 24.49 10.83
N LYS B 569 34.85 23.91 9.74
CA LYS B 569 36.26 24.01 9.38
C LYS B 569 36.42 23.72 7.88
N LYS B 570 37.21 24.56 7.21
CA LYS B 570 37.46 24.44 5.80
C LYS B 570 38.94 24.75 5.73
N GLU B 571 39.67 23.97 4.93
CA GLU B 571 41.11 24.11 4.73
C GLU B 571 41.42 23.67 3.32
N THR B 572 42.30 24.39 2.65
CA THR B 572 42.72 24.03 1.30
C THR B 572 44.24 24.05 1.35
N PHE B 573 44.85 23.04 0.74
CA PHE B 573 46.28 22.96 0.76
C PHE B 573 46.86 22.44 -0.54
N ASP B 574 48.10 22.81 -0.83
CA ASP B 574 48.78 22.40 -2.03
C ASP B 574 49.80 21.33 -1.75
N VAL B 575 49.82 20.30 -2.60
CA VAL B 575 50.75 19.17 -2.44
C VAL B 575 51.51 18.91 -3.71
N THR B 576 52.74 18.47 -3.56
CA THR B 576 53.52 18.11 -4.71
C THR B 576 53.90 16.64 -4.51
N LEU B 577 53.23 15.79 -5.30
CA LEU B 577 53.41 14.33 -5.26
C LEU B 577 54.58 13.90 -6.13
N GLU B 578 55.57 13.30 -5.51
CA GLU B 578 56.71 12.80 -6.26
C GLU B 578 56.23 11.48 -6.90
N PRO B 579 56.90 11.03 -7.96
CA PRO B 579 56.49 9.78 -8.62
C PRO B 579 56.68 8.58 -7.70
N LEU B 580 55.71 7.67 -7.66
CA LEU B 580 55.78 6.47 -6.80
C LEU B 580 56.10 6.81 -5.33
N SER B 581 55.12 7.31 -4.60
CA SER B 581 55.34 7.70 -3.21
C SER B 581 54.06 7.97 -2.44
N PHE B 582 54.22 8.05 -1.12
CA PHE B 582 53.14 8.35 -0.16
C PHE B 582 53.45 9.81 0.28
N LYS B 583 52.42 10.55 0.73
CA LYS B 583 52.58 11.93 1.26
C LYS B 583 51.41 12.12 2.24
N LYS B 584 51.69 12.50 3.48
CA LYS B 584 50.64 12.72 4.44
C LYS B 584 50.51 14.16 4.80
N GLU B 585 49.33 14.54 5.25
CA GLU B 585 49.04 15.89 5.66
C GLU B 585 48.15 15.67 6.86
N ALA B 586 48.61 16.11 8.03
CA ALA B 586 47.86 15.93 9.27
C ALA B 586 47.19 17.25 9.58
N VAL B 587 45.98 17.20 10.16
CA VAL B 587 45.21 18.40 10.49
C VAL B 587 44.74 18.31 11.94
N LEU B 588 44.84 19.41 12.69
CA LEU B 588 44.41 19.41 14.07
C LEU B 588 43.09 20.15 14.14
N ILE B 589 42.10 19.50 14.73
CA ILE B 589 40.80 20.10 14.91
C ILE B 589 40.68 20.31 16.39
N GLN B 590 40.60 21.56 16.80
CA GLN B 590 40.52 21.85 18.18
C GLN B 590 39.09 21.90 18.57
N ALA B 591 38.86 21.46 19.78
CA ALA B 591 37.52 21.42 20.35
C ALA B 591 36.80 22.70 20.08
N GLY B 592 37.45 23.82 20.34
CA GLY B 592 36.86 25.12 20.16
C GLY B 592 36.24 25.30 18.81
N GLU B 593 36.72 24.57 17.81
CA GLU B 593 36.21 24.66 16.43
C GLU B 593 34.80 24.05 16.22
N TYR B 594 34.34 23.16 17.11
CA TYR B 594 33.01 22.54 16.96
C TYR B 594 32.12 22.55 18.18
N MET B 595 32.67 22.91 19.33
CA MET B 595 31.90 22.83 20.55
C MET B 595 30.54 23.48 20.66
N GLY B 596 30.43 24.78 20.55
CA GLY B 596 29.08 25.31 20.69
C GLY B 596 28.03 24.98 19.61
N GLN B 597 28.32 24.05 18.71
CA GLN B 597 27.40 23.80 17.63
C GLN B 597 26.98 22.39 17.24
N LEU B 598 27.10 21.45 18.13
CA LEU B 598 26.72 20.10 17.80
C LEU B 598 25.23 19.84 17.92
N LEU B 599 24.78 18.87 17.14
CA LEU B 599 23.39 18.43 17.15
C LEU B 599 23.41 17.18 18.00
N GLU B 600 22.27 16.76 18.50
CA GLU B 600 22.25 15.55 19.30
C GLU B 600 22.93 14.42 18.49
N GLN B 601 23.71 13.57 19.16
CA GLN B 601 24.48 12.47 18.61
C GLN B 601 25.88 12.91 18.17
N ALA B 602 26.10 14.22 18.22
CA ALA B 602 27.41 14.79 17.92
C ALA B 602 28.17 14.22 16.74
N SER B 603 27.55 14.25 15.56
CA SER B 603 28.16 13.73 14.33
C SER B 603 28.93 14.83 13.64
N LEU B 604 29.98 14.46 12.95
CA LEU B 604 30.79 15.37 12.20
C LEU B 604 31.02 14.68 10.88
N HIS B 605 31.06 15.46 9.81
CA HIS B 605 31.30 14.93 8.49
C HIS B 605 32.46 15.68 7.84
N PHE B 606 33.35 14.95 7.19
CA PHE B 606 34.53 15.49 6.53
C PHE B 606 34.54 15.08 5.07
N PHE B 607 34.77 16.03 4.17
CA PHE B 607 34.90 15.73 2.74
C PHE B 607 36.32 16.10 2.51
N VAL B 608 37.03 15.34 1.68
CA VAL B 608 38.40 15.68 1.32
C VAL B 608 38.45 15.45 -0.18
N THR B 609 38.47 16.55 -0.94
CA THR B 609 38.53 16.49 -2.39
C THR B 609 39.79 17.22 -2.81
N ALA B 610 40.37 16.77 -3.90
CA ALA B 610 41.59 17.37 -4.34
C ALA B 610 41.49 17.34 -5.83
N ARG B 611 42.35 18.10 -6.46
CA ARG B 611 42.32 18.14 -7.88
C ARG B 611 43.77 18.15 -8.32
N ILE B 612 44.08 17.19 -9.19
CA ILE B 612 45.45 17.07 -9.73
C ILE B 612 45.56 18.02 -10.94
N ASN B 613 46.39 19.04 -10.82
CA ASN B 613 46.53 20.06 -11.88
C ASN B 613 46.82 19.61 -13.31
N GLU B 614 47.80 18.71 -13.46
CA GLU B 614 48.27 18.20 -14.76
C GLU B 614 47.28 17.44 -15.62
N THR B 615 46.39 16.72 -14.96
CA THR B 615 45.45 15.86 -15.65
C THR B 615 43.98 16.25 -15.47
N ARG B 616 43.71 17.18 -14.55
CA ARG B 616 42.35 17.64 -14.16
C ARG B 616 41.57 16.55 -13.37
N ASP B 617 42.27 15.47 -13.05
CA ASP B 617 41.72 14.34 -12.31
C ASP B 617 41.26 14.77 -10.95
N VAL B 618 40.19 14.13 -10.49
CA VAL B 618 39.59 14.42 -9.21
C VAL B 618 39.70 13.25 -8.25
N LEU B 619 40.06 13.58 -7.01
CA LEU B 619 40.23 12.64 -5.93
C LEU B 619 39.19 13.10 -4.92
N ALA B 620 38.40 12.19 -4.39
CA ALA B 620 37.40 12.61 -3.44
C ALA B 620 37.20 11.51 -2.45
N LYS B 621 36.94 11.87 -1.20
CA LYS B 621 36.69 10.90 -0.13
C LYS B 621 35.91 11.54 1.00
N GLN B 622 35.06 10.76 1.67
CA GLN B 622 34.29 11.23 2.82
C GLN B 622 34.36 10.33 4.07
N LYS B 623 34.24 10.95 5.25
CA LYS B 623 34.27 10.24 6.53
C LYS B 623 33.38 10.96 7.56
N SER B 624 32.85 10.22 8.53
CA SER B 624 31.98 10.77 9.58
C SER B 624 32.57 10.37 10.90
N THR B 625 32.32 11.14 11.94
CA THR B 625 32.86 10.78 13.23
C THR B 625 31.77 11.21 14.16
N VAL B 626 31.70 10.59 15.32
CA VAL B 626 30.71 10.99 16.31
C VAL B 626 31.59 11.22 17.51
N LEU B 627 31.28 12.25 18.28
CA LEU B 627 32.02 12.48 19.48
C LEU B 627 31.41 11.58 20.53
N THR B 628 32.28 10.96 21.32
CA THR B 628 31.89 10.06 22.40
C THR B 628 31.35 10.82 23.62
N ILE B 629 30.07 10.60 23.92
CA ILE B 629 29.35 11.24 25.03
C ILE B 629 29.44 10.29 26.29
N PRO B 630 30.02 10.77 27.41
CA PRO B 630 30.10 9.85 28.56
C PRO B 630 28.77 9.32 29.12
N GLU B 631 28.88 8.10 29.66
CA GLU B 631 27.81 7.30 30.23
C GLU B 631 27.11 7.82 31.51
N ILE B 632 25.99 7.18 31.85
CA ILE B 632 25.24 7.44 33.08
C ILE B 632 25.75 6.27 33.96
N ILE B 633 25.73 6.45 35.28
CA ILE B 633 26.17 5.37 36.18
C ILE B 633 25.01 4.82 36.95
N ILE B 634 24.88 3.50 36.88
CA ILE B 634 23.82 2.79 37.57
C ILE B 634 24.46 1.85 38.56
N LYS B 635 23.94 1.87 39.80
CA LYS B 635 24.40 1.00 40.92
C LYS B 635 23.14 0.44 41.64
N VAL B 636 23.26 -0.76 42.21
CA VAL B 636 22.15 -1.42 42.93
C VAL B 636 22.69 -1.97 44.25
N ARG B 637 21.81 -2.10 45.25
CA ARG B 637 22.19 -2.65 46.54
C ARG B 637 20.99 -3.32 47.14
N GLY B 638 21.27 -4.17 48.10
CA GLY B 638 20.19 -4.85 48.77
C GLY B 638 20.03 -6.25 48.24
N THR B 639 18.81 -6.72 48.38
CA THR B 639 18.50 -8.06 47.94
C THR B 639 18.03 -8.11 46.50
N GLN B 640 18.82 -8.75 45.66
CA GLN B 640 18.44 -8.86 44.27
C GLN B 640 17.76 -10.21 44.26
N VAL B 641 16.49 -10.20 44.62
CA VAL B 641 15.71 -11.44 44.70
C VAL B 641 14.28 -11.12 44.27
N VAL B 642 13.62 -12.05 43.58
CA VAL B 642 12.23 -11.85 43.13
C VAL B 642 11.30 -11.54 44.30
N GLY B 643 10.64 -10.38 44.26
CA GLY B 643 9.73 -10.01 45.33
C GLY B 643 10.38 -9.24 46.50
N SER B 644 11.70 -9.05 46.45
CA SER B 644 12.44 -8.32 47.50
C SER B 644 13.13 -7.04 46.95
N ASP B 645 13.09 -6.01 47.80
CA ASP B 645 13.65 -4.70 47.53
C ASP B 645 15.17 -4.62 47.43
N MET B 646 15.58 -3.88 46.41
CA MET B 646 16.97 -3.58 46.17
C MET B 646 16.86 -2.11 45.78
N THR B 647 17.81 -1.26 46.19
CA THR B 647 17.71 0.15 45.79
C THR B 647 18.63 0.39 44.60
N VAL B 648 18.07 1.03 43.58
CA VAL B 648 18.84 1.33 42.39
C VAL B 648 19.29 2.77 42.47
N THR B 649 20.53 2.99 42.06
CA THR B 649 21.14 4.31 42.09
C THR B 649 21.67 4.70 40.73
N VAL B 650 21.07 5.72 40.14
CA VAL B 650 21.53 6.22 38.87
C VAL B 650 22.11 7.62 39.14
N GLU B 651 23.31 7.86 38.66
CA GLU B 651 23.85 9.17 38.86
C GLU B 651 24.49 9.62 37.56
N PHE B 652 24.31 10.88 37.21
CA PHE B 652 24.88 11.44 35.98
C PHE B 652 25.74 12.65 36.31
N THR B 653 26.99 12.65 35.84
CA THR B 653 27.91 13.76 36.06
C THR B 653 28.08 14.58 34.78
N ASN B 654 27.56 15.81 34.82
CA ASN B 654 27.60 16.77 33.68
C ASN B 654 29.01 16.94 33.15
N PRO B 655 29.29 16.38 31.95
CA PRO B 655 30.63 16.49 31.36
C PRO B 655 31.00 17.89 30.85
N LEU B 656 30.00 18.60 30.33
CA LEU B 656 30.13 19.91 29.74
C LEU B 656 30.60 21.06 30.64
N LYS B 657 31.07 22.14 30.01
CA LYS B 657 31.52 23.36 30.71
C LYS B 657 30.35 24.38 30.69
N GLU B 658 29.18 23.88 30.30
CA GLU B 658 27.97 24.67 30.27
C GLU B 658 27.03 23.99 31.29
N THR B 659 26.00 24.71 31.72
CA THR B 659 24.99 24.23 32.68
C THR B 659 23.80 23.63 31.90
N LEU B 660 23.24 22.49 32.37
CA LEU B 660 22.12 21.77 31.71
C LEU B 660 20.78 22.06 32.36
N ARG B 661 19.78 22.37 31.54
CA ARG B 661 18.44 22.69 31.98
C ARG B 661 17.44 21.63 31.62
N ASN B 662 16.61 21.29 32.58
CA ASN B 662 15.55 20.30 32.39
C ASN B 662 16.09 18.93 31.97
N VAL B 663 17.08 18.49 32.74
CA VAL B 663 17.75 17.24 32.55
C VAL B 663 16.81 16.15 32.98
N TRP B 664 16.43 15.30 32.05
CA TRP B 664 15.54 14.19 32.36
C TRP B 664 16.31 12.90 32.37
N VAL B 665 16.15 12.13 33.43
CA VAL B 665 16.84 10.86 33.53
C VAL B 665 15.78 9.79 33.51
N HIS B 666 15.99 8.78 32.69
CA HIS B 666 15.03 7.71 32.60
C HIS B 666 15.71 6.46 33.08
N LEU B 667 14.91 5.56 33.63
CA LEU B 667 15.35 4.29 34.18
C LEU B 667 14.45 3.16 33.66
N ASP B 668 15.03 2.01 33.36
CA ASP B 668 14.24 0.92 32.83
C ASP B 668 14.99 -0.38 33.09
N GLY B 669 14.29 -1.49 32.85
CA GLY B 669 14.85 -2.82 33.06
C GLY B 669 13.64 -3.74 33.10
N PRO B 670 13.31 -4.39 31.98
CA PRO B 670 12.14 -5.26 32.01
C PRO B 670 12.23 -6.34 33.08
N GLY B 671 11.16 -6.48 33.85
CA GLY B 671 11.11 -7.48 34.91
C GLY B 671 11.66 -7.02 36.24
N VAL B 672 12.42 -5.93 36.22
CA VAL B 672 13.04 -5.30 37.39
C VAL B 672 12.23 -4.01 37.69
N THR B 673 11.94 -3.20 36.67
CA THR B 673 11.16 -1.99 36.88
C THR B 673 10.40 -1.57 35.64
N ARG B 674 9.33 -0.84 35.90
CA ARG B 674 8.47 -0.27 34.87
C ARG B 674 9.24 0.95 34.47
N PRO B 675 9.10 1.45 33.21
CA PRO B 675 9.86 2.66 32.86
C PRO B 675 9.48 3.90 33.66
N MET B 676 10.46 4.65 34.12
CA MET B 676 10.17 5.85 34.87
C MET B 676 11.24 6.90 34.69
N LYS B 677 10.95 8.14 35.08
CA LYS B 677 11.90 9.23 34.91
C LYS B 677 11.73 10.31 35.96
N LYS B 678 12.80 11.06 36.21
CA LYS B 678 12.77 12.18 37.15
C LYS B 678 13.50 13.34 36.50
N MET B 679 13.03 14.54 36.78
CA MET B 679 13.67 15.72 36.22
C MET B 679 14.45 16.61 37.17
N PHE B 680 15.56 17.11 36.64
CA PHE B 680 16.46 18.04 37.29
C PHE B 680 16.45 19.33 36.50
N ARG B 681 15.81 20.34 37.07
CA ARG B 681 15.69 21.65 36.46
C ARG B 681 17.01 22.19 35.99
N GLU B 682 18.11 21.80 36.66
CA GLU B 682 19.46 22.23 36.27
C GLU B 682 20.66 21.58 36.95
N ILE B 683 21.65 21.24 36.12
CA ILE B 683 22.87 20.61 36.59
C ILE B 683 24.05 21.50 36.19
N ARG B 684 24.50 22.33 37.13
CA ARG B 684 25.65 23.21 36.92
C ARG B 684 26.84 22.37 36.43
N PRO B 685 27.88 23.01 35.87
CA PRO B 685 29.06 22.28 35.36
C PRO B 685 29.70 21.42 36.42
N ASN B 686 30.34 20.35 35.98
CA ASN B 686 31.03 19.37 36.84
C ASN B 686 30.22 18.87 38.04
N SER B 687 28.91 19.15 38.05
CA SER B 687 27.98 18.72 39.12
C SER B 687 27.54 17.25 38.88
N THR B 688 26.87 16.66 39.86
CA THR B 688 26.41 15.27 39.74
C THR B 688 25.11 15.08 40.46
N VAL B 689 24.16 14.50 39.75
CA VAL B 689 22.88 14.21 40.35
C VAL B 689 22.80 12.71 40.53
N GLN B 690 21.93 12.32 41.45
CA GLN B 690 21.71 10.95 41.79
C GLN B 690 20.22 10.78 42.02
N TRP B 691 19.69 9.67 41.53
CA TRP B 691 18.28 9.30 41.70
C TRP B 691 18.38 7.88 42.22
N GLU B 692 17.50 7.54 43.16
CA GLU B 692 17.49 6.20 43.75
C GLU B 692 16.07 5.77 43.82
N GLU B 693 15.82 4.57 43.32
CA GLU B 693 14.49 4.04 43.33
C GLU B 693 14.60 2.65 43.87
N VAL B 694 13.57 2.26 44.62
CA VAL B 694 13.45 0.93 45.21
C VAL B 694 12.63 0.07 44.25
N CYS B 695 13.31 -0.95 43.74
CA CYS B 695 12.78 -1.87 42.76
C CYS B 695 12.51 -3.24 43.34
N ARG B 696 11.32 -3.75 43.08
CA ARG B 696 10.98 -5.07 43.54
C ARG B 696 10.83 -5.90 42.28
N PRO B 697 11.93 -6.56 41.86
CA PRO B 697 11.97 -7.40 40.66
C PRO B 697 10.92 -8.49 40.65
N TRP B 698 10.30 -8.73 39.50
CA TRP B 698 9.33 -9.79 39.42
C TRP B 698 9.77 -10.86 38.45
N VAL B 699 10.96 -10.70 37.85
CA VAL B 699 11.53 -11.68 36.89
C VAL B 699 12.94 -12.05 37.39
N SER B 700 13.31 -13.32 37.38
CA SER B 700 14.62 -13.75 37.89
C SER B 700 15.60 -14.11 36.80
N GLY B 701 16.87 -14.27 37.18
CA GLY B 701 17.91 -14.62 36.22
C GLY B 701 18.60 -13.32 35.85
N HIS B 702 19.34 -13.32 34.75
CA HIS B 702 20.05 -12.16 34.25
C HIS B 702 19.07 -11.10 33.69
N ARG B 703 19.08 -9.93 34.33
CA ARG B 703 18.24 -8.78 34.00
C ARG B 703 19.15 -7.60 33.69
N LYS B 704 18.59 -6.46 33.36
CA LYS B 704 19.42 -5.31 33.03
C LYS B 704 18.70 -4.03 33.41
N LEU B 705 19.47 -3.06 33.88
CA LEU B 705 18.98 -1.75 34.26
C LEU B 705 19.50 -0.87 33.15
N ILE B 706 18.64 0.02 32.68
CA ILE B 706 18.95 0.85 31.55
C ILE B 706 18.53 2.24 31.89
N ALA B 707 19.30 3.22 31.45
CA ALA B 707 18.97 4.61 31.74
C ALA B 707 19.38 5.51 30.60
N SER B 708 18.83 6.71 30.56
CA SER B 708 19.18 7.67 29.55
C SER B 708 18.99 9.04 30.19
N MET B 709 19.49 10.05 29.53
CA MET B 709 19.35 11.38 30.05
C MET B 709 19.18 12.26 28.86
N SER B 710 18.24 13.18 28.95
CA SER B 710 18.06 14.07 27.86
C SER B 710 17.72 15.39 28.47
N SER B 711 18.43 16.44 28.07
CA SER B 711 18.17 17.75 28.62
C SER B 711 17.82 18.66 27.50
N ASP B 712 17.65 19.93 27.85
CA ASP B 712 17.33 20.94 26.87
C ASP B 712 18.46 21.07 25.85
N SER B 713 19.62 20.49 26.11
CA SER B 713 20.68 20.55 25.14
C SER B 713 21.33 19.17 24.99
N LEU B 714 22.32 18.85 25.83
CA LEU B 714 23.00 17.56 25.81
C LEU B 714 21.95 16.49 25.92
N ARG B 715 22.13 15.44 25.16
CA ARG B 715 21.14 14.40 25.15
C ARG B 715 21.84 13.29 24.42
N HIS B 716 21.15 12.17 24.22
CA HIS B 716 21.69 10.99 23.57
C HIS B 716 22.73 10.38 24.48
N VAL B 717 22.40 10.43 25.76
CA VAL B 717 23.21 9.90 26.85
C VAL B 717 22.52 8.68 27.46
N TYR B 718 23.26 7.58 27.56
CA TYR B 718 22.73 6.33 28.09
C TYR B 718 23.66 5.65 29.08
N GLY B 719 23.08 4.64 29.75
CA GLY B 719 23.75 3.80 30.74
C GLY B 719 22.99 2.51 31.01
N GLU B 720 23.65 1.56 31.66
CA GLU B 720 23.03 0.29 32.00
C GLU B 720 23.80 -0.44 33.12
N LEU B 721 23.19 -1.47 33.68
CA LEU B 721 23.84 -2.27 34.71
C LEU B 721 23.19 -3.63 34.63
N ASP B 722 24.02 -4.67 34.49
CA ASP B 722 23.56 -6.06 34.46
C ASP B 722 23.27 -6.53 35.93
N VAL B 723 22.20 -7.27 36.15
CA VAL B 723 21.94 -7.71 37.50
C VAL B 723 21.47 -9.11 37.42
N GLN B 724 21.79 -9.90 38.43
CA GLN B 724 21.36 -11.28 38.55
C GLN B 724 20.29 -11.19 39.62
N ILE B 725 19.07 -11.57 39.31
CA ILE B 725 18.02 -11.53 40.32
C ILE B 725 17.80 -12.97 40.87
N GLN B 726 17.98 -13.15 42.19
CA GLN B 726 17.81 -14.45 42.82
C GLN B 726 16.34 -14.79 42.94
N ARG B 727 16.05 -16.04 43.24
CA ARG B 727 14.68 -16.54 43.39
C ARG B 727 14.14 -16.55 44.84
CA CA C . -13.65 -20.52 -14.04
CA CA D . 28.80 -1.51 -3.14
#